data_9HKV
#
_entry.id   9HKV
#
_cell.length_a   1.00
_cell.length_b   1.00
_cell.length_c   1.00
_cell.angle_alpha   90.00
_cell.angle_beta   90.00
_cell.angle_gamma   90.00
#
_symmetry.space_group_name_H-M   'P 1'
#
loop_
_entity.id
_entity.type
_entity.pdbx_description
1 polymer Adenosylhomocysteinase
2 non-polymer NICOTINAMIDE-ADENINE-DINUCLEOTIDE
#
_entity_poly.entity_id   1
_entity_poly.type   'polypeptide(L)'
_entity_poly.pdbx_seq_one_letter_code
;SNAMSAVMTPAGFTDYKVADITLAAWGRRELIIAESEMPALMGLRRKYAGQQPLKGAKILGCIHMTIQTGVLIETLVALG
AEVRWSSCNIFSTQDQAAAAIAAAGIPVFAWKGETEEEYEWCIEQTILKDGQPWDANMVLDDGGDLTEILHKKYPQMLER
IHGITEETTTGVHRLLDMLKNGTLKVPAINVNDSVTKSKNDNKYGCRHSLNDAIKRGTDHLLSGKQALVIGYGDVGKGSS
QSLRQEGMIVKVAEVDPICAMQACMDGFEVVSPYKNGINDGTEASIDAALLGKIDLIVTTTGNVNVCDANMLKALKKRAV
VCNIGHFDNEIDTAFMRKNWAWEEVKPQVHKIHRTGKDGFDAHNDDYLILLAEGRLVNLGNATGHPSRIMDGSFANQVLA
QIHLFEQKYADLPAAEKAKRLSVEVLPKKLDEEVALEMVKGFGGVVTQLTPKQAEYIGVSVEGPFKPDTYRY
;
_entity_poly.pdbx_strand_id   A,B,C,D
#
loop_
_chem_comp.id
_chem_comp.type
_chem_comp.name
_chem_comp.formula
NAD non-polymer NICOTINAMIDE-ADENINE-DINUCLEOTIDE 'C21 H27 N7 O14 P2'
#
# COMPACT_ATOMS: atom_id res chain seq x y z
N ASP A 15 33.69 -35.95 -26.84
CA ASP A 15 32.52 -35.14 -27.15
C ASP A 15 32.45 -33.91 -26.25
N TYR A 16 33.48 -33.06 -26.34
CA TYR A 16 33.57 -31.84 -25.54
C TYR A 16 33.56 -30.62 -26.45
N LYS A 17 32.73 -30.66 -27.50
CA LYS A 17 32.67 -29.58 -28.48
C LYS A 17 31.76 -28.49 -27.90
N VAL A 18 32.35 -27.65 -27.07
CA VAL A 18 31.66 -26.56 -26.40
C VAL A 18 32.30 -25.25 -26.80
N ALA A 19 31.59 -24.15 -26.52
CA ALA A 19 32.09 -22.82 -26.88
C ALA A 19 33.41 -22.52 -26.17
N ASP A 20 33.50 -22.86 -24.89
CA ASP A 20 34.75 -22.76 -24.15
C ASP A 20 34.70 -23.75 -23.01
N ILE A 21 35.80 -24.50 -22.81
CA ILE A 21 35.78 -25.67 -21.93
C ILE A 21 36.19 -25.33 -20.50
N THR A 22 36.68 -24.11 -20.23
CA THR A 22 37.38 -23.80 -18.99
C THR A 22 36.56 -22.97 -18.01
N LEU A 23 35.24 -22.96 -18.12
CA LEU A 23 34.42 -22.03 -17.34
C LEU A 23 33.37 -22.73 -16.48
N ALA A 24 33.57 -24.00 -16.14
CA ALA A 24 32.52 -24.78 -15.47
C ALA A 24 32.28 -24.30 -14.04
N ALA A 25 33.35 -24.03 -13.30
CA ALA A 25 33.21 -23.82 -11.85
C ALA A 25 32.36 -22.60 -11.54
N TRP A 26 32.55 -21.50 -12.27
CA TRP A 26 31.78 -20.30 -12.02
C TRP A 26 30.29 -20.57 -12.22
N GLY A 27 29.95 -21.25 -13.32
CA GLY A 27 28.55 -21.57 -13.57
C GLY A 27 27.96 -22.45 -12.50
N ARG A 28 28.70 -23.47 -12.07
CA ARG A 28 28.23 -24.35 -11.00
C ARG A 28 27.95 -23.56 -9.72
N ARG A 29 28.88 -22.69 -9.35
CA ARG A 29 28.71 -21.91 -8.13
C ARG A 29 27.49 -21.00 -8.22
N GLU A 30 27.24 -20.41 -9.39
CA GLU A 30 26.04 -19.60 -9.52
C GLU A 30 24.77 -20.45 -9.52
N LEU A 31 24.84 -21.69 -10.04
CA LEU A 31 23.69 -22.58 -9.91
C LEU A 31 23.38 -22.91 -8.47
N ILE A 32 24.39 -22.85 -7.59
CA ILE A 32 24.16 -23.16 -6.18
C ILE A 32 23.11 -22.21 -5.57
N ILE A 33 23.26 -20.91 -5.81
CA ILE A 33 22.30 -19.94 -5.26
C ILE A 33 20.91 -20.17 -5.84
N ALA A 34 20.83 -20.42 -7.14
CA ALA A 34 19.54 -20.73 -7.75
C ALA A 34 18.90 -21.93 -7.07
N GLU A 35 19.68 -22.99 -6.86
CA GLU A 35 19.18 -24.14 -6.11
C GLU A 35 18.62 -23.71 -4.76
N SER A 36 19.36 -22.87 -4.04
CA SER A 36 18.85 -22.33 -2.78
C SER A 36 17.56 -21.54 -2.97
N GLU A 37 17.31 -21.02 -4.17
CA GLU A 37 16.13 -20.21 -4.43
C GLU A 37 15.07 -20.89 -5.28
N MET A 38 15.24 -22.17 -5.63
CA MET A 38 14.21 -22.92 -6.35
C MET A 38 13.82 -24.15 -5.53
N PRO A 39 12.72 -24.10 -4.77
CA PRO A 39 12.42 -25.21 -3.85
C PRO A 39 12.03 -26.49 -4.55
N ALA A 40 11.21 -26.42 -5.60
CA ALA A 40 10.58 -27.61 -6.15
C ALA A 40 11.59 -28.57 -6.77
N LEU A 41 12.66 -28.05 -7.38
CA LEU A 41 13.57 -28.91 -8.14
C LEU A 41 14.28 -29.92 -7.24
N MET A 42 14.55 -29.56 -5.99
CA MET A 42 15.06 -30.54 -5.03
C MET A 42 13.98 -31.11 -4.13
N GLY A 43 12.84 -30.44 -3.99
CA GLY A 43 11.73 -31.06 -3.29
C GLY A 43 11.30 -32.36 -3.95
N LEU A 44 11.14 -32.33 -5.27
CA LEU A 44 10.88 -33.54 -6.03
C LEU A 44 12.06 -34.50 -5.96
N ARG A 45 13.27 -33.98 -6.07
CA ARG A 45 14.47 -34.82 -6.09
C ARG A 45 14.62 -35.59 -4.78
N ARG A 46 14.07 -35.07 -3.69
CA ARG A 46 14.09 -35.73 -2.40
C ARG A 46 12.85 -36.60 -2.18
N LYS A 47 11.70 -36.16 -2.68
CA LYS A 47 10.45 -36.90 -2.49
C LYS A 47 10.46 -38.21 -3.28
N TYR A 48 10.85 -38.16 -4.55
CA TYR A 48 10.77 -39.31 -5.43
C TYR A 48 12.06 -40.11 -5.50
N ALA A 49 13.05 -39.77 -4.67
CA ALA A 49 14.30 -40.50 -4.66
C ALA A 49 14.09 -41.94 -4.20
N GLY A 50 14.96 -42.83 -4.68
CA GLY A 50 14.89 -44.23 -4.32
C GLY A 50 14.10 -45.10 -5.29
N GLN A 51 12.82 -44.76 -5.52
CA GLN A 51 11.99 -45.58 -6.37
C GLN A 51 12.29 -45.40 -7.85
N GLN A 52 12.95 -44.31 -8.23
CA GLN A 52 13.43 -44.06 -9.60
C GLN A 52 12.30 -44.19 -10.62
N PRO A 53 11.36 -43.25 -10.68
CA PRO A 53 10.25 -43.36 -11.63
C PRO A 53 10.65 -43.16 -13.08
N LEU A 54 11.81 -42.56 -13.37
CA LEU A 54 12.18 -42.17 -14.72
C LEU A 54 13.39 -42.93 -15.24
N LYS A 55 13.58 -44.17 -14.78
CA LYS A 55 14.71 -44.97 -15.24
C LYS A 55 14.44 -45.53 -16.63
N GLY A 56 15.45 -45.44 -17.51
CA GLY A 56 15.36 -46.00 -18.84
C GLY A 56 14.86 -45.07 -19.90
N ALA A 57 14.38 -43.88 -19.55
CA ALA A 57 13.86 -42.95 -20.54
C ALA A 57 15.01 -42.29 -21.30
N LYS A 58 14.76 -42.00 -22.58
CA LYS A 58 15.69 -41.29 -23.43
C LYS A 58 15.16 -39.88 -23.67
N ILE A 59 15.97 -38.88 -23.34
CA ILE A 59 15.57 -37.49 -23.41
C ILE A 59 16.55 -36.74 -24.31
N LEU A 60 16.02 -36.02 -25.29
CA LEU A 60 16.80 -35.03 -26.03
C LEU A 60 16.01 -33.73 -26.03
N GLY A 61 16.69 -32.63 -25.70
CA GLY A 61 16.04 -31.34 -25.63
C GLY A 61 17.02 -30.25 -25.99
N CYS A 62 16.49 -29.06 -26.20
CA CYS A 62 17.29 -27.94 -26.67
C CYS A 62 16.98 -26.61 -26.01
N ILE A 63 16.18 -26.58 -24.94
CA ILE A 63 15.88 -25.32 -24.28
C ILE A 63 17.17 -24.64 -23.85
N HIS A 64 17.24 -23.34 -24.09
CA HIS A 64 18.42 -22.51 -23.89
C HIS A 64 19.16 -22.84 -22.59
N MET A 65 20.44 -23.17 -22.72
CA MET A 65 21.29 -23.46 -21.57
C MET A 65 21.69 -22.16 -20.88
N THR A 66 21.03 -21.88 -19.76
CA THR A 66 21.38 -20.73 -18.93
C THR A 66 21.48 -21.14 -17.47
N ILE A 67 21.55 -20.15 -16.58
CA ILE A 67 21.86 -20.41 -15.18
C ILE A 67 20.75 -21.15 -14.46
N GLN A 68 19.59 -21.35 -15.10
CA GLN A 68 18.46 -21.98 -14.44
C GLN A 68 18.00 -23.27 -15.11
N THR A 69 18.24 -23.46 -16.40
CA THR A 69 17.88 -24.71 -17.07
C THR A 69 18.82 -25.85 -16.72
N GLY A 70 20.02 -25.54 -16.23
CA GLY A 70 20.91 -26.59 -15.78
C GLY A 70 20.36 -27.36 -14.60
N VAL A 71 19.61 -26.68 -13.73
CA VAL A 71 18.98 -27.36 -12.61
C VAL A 71 17.95 -28.36 -13.12
N LEU A 72 17.16 -27.98 -14.12
CA LEU A 72 16.22 -28.91 -14.74
C LEU A 72 16.95 -30.11 -15.34
N ILE A 73 18.02 -29.86 -16.10
CA ILE A 73 18.73 -30.96 -16.74
C ILE A 73 19.30 -31.91 -15.68
N GLU A 74 19.90 -31.34 -14.62
CA GLU A 74 20.45 -32.15 -13.55
C GLU A 74 19.35 -32.93 -12.83
N THR A 75 18.16 -32.35 -12.69
CA THR A 75 17.08 -33.07 -12.02
C THR A 75 16.60 -34.27 -12.86
N LEU A 76 16.43 -34.07 -14.17
CA LEU A 76 16.06 -35.21 -15.02
C LEU A 76 17.12 -36.29 -15.00
N VAL A 77 18.41 -35.93 -15.02
CA VAL A 77 19.40 -37.00 -14.98
C VAL A 77 19.46 -37.61 -13.58
N ALA A 78 19.08 -36.85 -12.55
CA ALA A 78 19.08 -37.37 -11.19
C ALA A 78 17.96 -38.36 -10.95
N LEU A 79 16.82 -38.17 -11.61
CA LEU A 79 15.73 -39.13 -11.41
C LEU A 79 16.01 -40.48 -12.09
N GLY A 80 17.18 -40.71 -12.68
CA GLY A 80 17.61 -42.02 -13.14
C GLY A 80 17.78 -42.15 -14.64
N ALA A 81 17.40 -41.15 -15.42
CA ALA A 81 17.48 -41.26 -16.86
C ALA A 81 18.86 -40.88 -17.37
N GLU A 82 19.11 -41.19 -18.65
CA GLU A 82 20.33 -40.82 -19.35
C GLU A 82 19.99 -39.98 -20.57
N VAL A 83 20.78 -38.93 -20.80
CA VAL A 83 20.42 -37.86 -21.73
C VAL A 83 21.65 -37.50 -22.57
N ARG A 84 21.40 -36.98 -23.76
CA ARG A 84 22.36 -36.15 -24.48
C ARG A 84 21.66 -34.85 -24.86
N TRP A 85 22.38 -33.75 -24.79
CA TRP A 85 21.77 -32.43 -24.83
C TRP A 85 22.37 -31.55 -25.94
N SER A 86 21.58 -30.55 -26.32
CA SER A 86 22.01 -29.50 -27.24
C SER A 86 21.21 -28.25 -26.91
N SER A 87 21.39 -27.20 -27.71
CA SER A 87 20.73 -25.93 -27.47
C SER A 87 19.92 -25.53 -28.68
N CYS A 88 18.73 -24.97 -28.44
CA CYS A 88 17.92 -24.41 -29.50
C CYS A 88 18.66 -23.25 -30.14
N ASN A 89 18.86 -22.19 -29.37
CA ASN A 89 19.54 -20.99 -29.85
C ASN A 89 21.00 -21.02 -29.42
N ILE A 90 21.89 -20.73 -30.36
CA ILE A 90 23.33 -20.75 -30.08
C ILE A 90 23.73 -19.53 -29.25
N PHE A 91 23.12 -18.38 -29.50
CA PHE A 91 23.49 -17.18 -28.74
C PHE A 91 22.98 -17.22 -27.32
N SER A 92 21.98 -18.04 -27.03
CA SER A 92 21.46 -18.19 -25.68
C SER A 92 22.34 -19.08 -24.80
N THR A 93 23.38 -19.68 -25.37
CA THR A 93 24.31 -20.51 -24.59
C THR A 93 25.05 -19.67 -23.56
N GLN A 94 25.08 -20.17 -22.32
CA GLN A 94 25.89 -19.57 -21.27
C GLN A 94 27.27 -20.20 -21.31
N ASP A 95 28.29 -19.36 -21.44
CA ASP A 95 29.64 -19.87 -21.61
C ASP A 95 30.19 -20.54 -20.35
N GLN A 96 29.67 -20.19 -19.18
CA GLN A 96 30.21 -20.75 -17.95
C GLN A 96 29.63 -22.13 -17.65
N ALA A 97 28.31 -22.21 -17.47
CA ALA A 97 27.69 -23.46 -17.04
C ALA A 97 27.76 -24.55 -18.11
N ALA A 98 28.01 -24.18 -19.37
CA ALA A 98 28.10 -25.18 -20.43
C ALA A 98 29.23 -26.16 -20.18
N ALA A 99 30.38 -25.67 -19.69
CA ALA A 99 31.50 -26.55 -19.41
C ALA A 99 31.22 -27.50 -18.26
N ALA A 100 30.27 -27.18 -17.37
CA ALA A 100 29.92 -28.09 -16.28
C ALA A 100 29.36 -29.39 -16.82
N ILE A 101 28.49 -29.31 -17.83
CA ILE A 101 28.04 -30.51 -18.52
C ILE A 101 29.19 -31.21 -19.21
N ALA A 102 30.08 -30.43 -19.85
CA ALA A 102 31.23 -31.02 -20.51
C ALA A 102 32.17 -31.70 -19.53
N ALA A 103 32.18 -31.25 -18.28
CA ALA A 103 33.06 -31.85 -17.28
C ALA A 103 32.63 -33.24 -16.85
N ALA A 104 31.41 -33.65 -17.18
CA ALA A 104 30.87 -34.96 -16.80
C ALA A 104 30.59 -35.79 -18.05
N GLY A 105 30.07 -36.99 -17.85
CA GLY A 105 29.71 -37.87 -18.95
C GLY A 105 28.48 -37.44 -19.71
N ILE A 106 27.70 -36.53 -19.15
CA ILE A 106 26.54 -35.94 -19.83
C ILE A 106 27.04 -35.08 -20.99
N PRO A 107 26.59 -35.33 -22.22
CA PRO A 107 27.06 -34.55 -23.37
C PRO A 107 26.22 -33.30 -23.61
N VAL A 108 26.78 -32.40 -24.42
CA VAL A 108 26.15 -31.13 -24.74
C VAL A 108 26.68 -30.62 -26.08
N PHE A 109 25.89 -29.78 -26.73
CA PHE A 109 26.25 -29.14 -28.00
C PHE A 109 25.93 -27.64 -27.94
N ALA A 110 26.35 -26.99 -26.86
CA ALA A 110 26.05 -25.58 -26.64
C ALA A 110 27.14 -24.74 -27.30
N TRP A 111 26.87 -24.28 -28.51
CA TRP A 111 27.80 -23.48 -29.30
C TRP A 111 27.30 -22.04 -29.40
N LYS A 112 28.16 -21.17 -29.91
CA LYS A 112 27.83 -19.75 -30.10
C LYS A 112 28.32 -19.27 -31.48
N GLY A 113 27.96 -20.01 -32.53
CA GLY A 113 28.52 -19.78 -33.86
C GLY A 113 28.09 -18.48 -34.52
N GLU A 114 27.15 -17.74 -33.94
CA GLU A 114 26.69 -16.44 -34.43
C GLU A 114 26.01 -16.51 -35.79
N THR A 115 25.74 -17.72 -36.31
CA THR A 115 25.19 -17.87 -37.65
C THR A 115 23.91 -18.70 -37.60
N GLU A 116 22.95 -18.35 -38.47
CA GLU A 116 21.74 -19.14 -38.61
C GLU A 116 21.97 -20.40 -39.44
N GLU A 117 23.04 -20.44 -40.24
CA GLU A 117 23.37 -21.66 -40.97
C GLU A 117 23.70 -22.79 -40.01
N GLU A 118 24.42 -22.49 -38.94
CA GLU A 118 24.73 -23.49 -37.93
C GLU A 118 23.58 -23.66 -36.93
N TYR A 119 22.61 -22.74 -36.93
CA TYR A 119 21.41 -22.91 -36.12
C TYR A 119 20.68 -24.20 -36.51
N GLU A 120 20.51 -24.43 -37.81
CA GLU A 120 19.83 -25.63 -38.27
C GLU A 120 20.69 -26.88 -38.13
N TRP A 121 22.02 -26.73 -38.08
CA TRP A 121 22.88 -27.88 -37.85
C TRP A 121 22.83 -28.31 -36.39
N CYS A 122 22.85 -27.36 -35.47
CA CYS A 122 22.76 -27.70 -34.05
C CYS A 122 21.41 -28.30 -33.70
N ILE A 123 20.33 -27.76 -34.26
CA ILE A 123 19.00 -28.32 -34.04
C ILE A 123 18.92 -29.74 -34.59
N GLU A 124 19.51 -29.97 -35.77
CA GLU A 124 19.51 -31.30 -36.38
C GLU A 124 20.30 -32.30 -35.54
N GLN A 125 21.40 -31.85 -34.92
CA GLN A 125 22.29 -32.77 -34.21
C GLN A 125 21.64 -33.41 -32.99
N THR A 126 20.54 -32.84 -32.50
CA THR A 126 19.85 -33.44 -31.36
C THR A 126 19.25 -34.78 -31.72
N ILE A 127 18.68 -34.89 -32.93
CA ILE A 127 17.87 -36.06 -33.28
C ILE A 127 18.73 -37.30 -33.42
N LEU A 128 19.89 -37.17 -34.05
CA LEU A 128 20.71 -38.34 -34.36
C LEU A 128 21.54 -38.78 -33.15
N LYS A 129 21.81 -40.08 -33.09
CA LYS A 129 22.71 -40.61 -32.07
C LYS A 129 24.10 -40.01 -32.27
N ASP A 130 24.78 -40.44 -33.33
CA ASP A 130 25.90 -39.77 -33.96
C ASP A 130 25.79 -39.73 -35.47
N GLY A 131 25.30 -40.80 -36.09
CA GLY A 131 25.18 -40.89 -37.53
C GLY A 131 23.86 -41.50 -37.96
N GLN A 132 23.13 -42.08 -37.01
CA GLN A 132 21.77 -42.53 -37.23
C GLN A 132 20.90 -41.97 -36.13
N PRO A 133 19.63 -41.66 -36.43
CA PRO A 133 18.80 -40.94 -35.47
C PRO A 133 18.50 -41.76 -34.21
N TRP A 134 18.31 -41.03 -33.12
CA TRP A 134 18.25 -41.62 -31.78
C TRP A 134 16.85 -42.14 -31.47
N ASP A 135 16.81 -43.23 -30.69
CA ASP A 135 15.55 -43.82 -30.23
C ASP A 135 14.97 -43.03 -29.06
N ALA A 136 14.64 -41.77 -29.35
CA ALA A 136 14.20 -40.84 -28.32
C ALA A 136 12.83 -41.25 -27.79
N ASN A 137 12.74 -41.48 -26.48
CA ASN A 137 11.44 -41.72 -25.87
C ASN A 137 10.60 -40.45 -25.83
N MET A 138 11.24 -39.30 -25.64
CA MET A 138 10.54 -38.02 -25.65
C MET A 138 11.45 -36.94 -26.22
N VAL A 139 10.85 -35.79 -26.49
CA VAL A 139 11.59 -34.57 -26.82
C VAL A 139 10.89 -33.39 -26.17
N LEU A 140 11.67 -32.51 -25.57
CA LEU A 140 11.18 -31.26 -24.99
C LEU A 140 11.76 -30.10 -25.78
N ASP A 141 10.90 -29.12 -26.11
CA ASP A 141 11.26 -28.09 -27.06
C ASP A 141 10.74 -26.74 -26.57
N ASP A 142 11.41 -25.68 -27.02
CA ASP A 142 11.01 -24.31 -26.71
C ASP A 142 11.04 -23.45 -27.98
N GLY A 143 11.59 -23.96 -29.08
CA GLY A 143 11.57 -23.22 -30.32
C GLY A 143 10.54 -23.73 -31.31
N GLY A 144 10.12 -24.98 -31.14
CA GLY A 144 9.21 -25.61 -32.07
C GLY A 144 9.85 -26.18 -33.31
N ASP A 145 11.15 -26.01 -33.49
CA ASP A 145 11.84 -26.57 -34.65
C ASP A 145 12.04 -28.08 -34.53
N LEU A 146 12.27 -28.57 -33.31
CA LEU A 146 12.45 -30.01 -33.13
C LEU A 146 11.17 -30.77 -33.44
N THR A 147 10.04 -30.34 -32.88
CA THR A 147 8.79 -31.06 -33.04
C THR A 147 8.28 -31.04 -34.48
N GLU A 148 8.99 -30.41 -35.40
CA GLU A 148 8.67 -30.45 -36.82
C GLU A 148 9.68 -31.22 -37.64
N ILE A 149 10.96 -31.21 -37.24
CA ILE A 149 11.99 -31.92 -38.00
C ILE A 149 11.83 -33.43 -37.86
N LEU A 150 11.13 -33.91 -36.83
CA LEU A 150 10.81 -35.33 -36.75
C LEU A 150 9.97 -35.77 -37.94
N HIS A 151 9.17 -34.88 -38.50
CA HIS A 151 8.26 -35.22 -39.59
C HIS A 151 8.70 -34.69 -40.95
N LYS A 152 9.45 -33.59 -41.00
CA LYS A 152 9.89 -33.09 -42.30
C LYS A 152 11.02 -33.93 -42.89
N LYS A 153 11.96 -34.38 -42.08
CA LYS A 153 13.18 -34.97 -42.61
C LYS A 153 13.45 -36.39 -42.16
N TYR A 154 13.18 -36.75 -40.90
CA TYR A 154 13.53 -38.06 -40.37
C TYR A 154 12.29 -38.73 -39.76
N PRO A 155 11.37 -39.22 -40.60
CA PRO A 155 10.20 -39.94 -40.05
C PRO A 155 10.39 -41.45 -39.96
N GLN A 156 11.34 -41.89 -39.12
CA GLN A 156 11.46 -43.33 -38.85
C GLN A 156 11.69 -43.69 -37.41
N MET A 157 11.97 -42.74 -36.52
CA MET A 157 12.24 -43.05 -35.12
C MET A 157 10.98 -43.22 -34.32
N LEU A 158 9.84 -42.76 -34.85
CA LEU A 158 8.60 -42.64 -34.09
C LEU A 158 8.09 -43.99 -33.58
N GLU A 159 8.71 -45.09 -33.99
CA GLU A 159 8.38 -46.40 -33.41
C GLU A 159 8.87 -46.53 -31.97
N ARG A 160 9.70 -45.60 -31.49
CA ARG A 160 10.24 -45.67 -30.14
C ARG A 160 9.91 -44.44 -29.30
N ILE A 161 9.05 -43.55 -29.77
CA ILE A 161 8.72 -42.34 -29.04
C ILE A 161 7.52 -42.60 -28.14
N HIS A 162 7.39 -41.78 -27.09
CA HIS A 162 6.31 -41.94 -26.13
C HIS A 162 5.50 -40.65 -25.98
N GLY A 163 6.15 -39.51 -26.16
CA GLY A 163 5.47 -38.24 -26.01
C GLY A 163 6.42 -37.09 -26.31
N ILE A 164 5.86 -35.89 -26.35
CA ILE A 164 6.63 -34.67 -26.54
C ILE A 164 6.18 -33.63 -25.53
N THR A 165 7.07 -32.67 -25.27
CA THR A 165 6.82 -31.60 -24.33
C THR A 165 7.19 -30.27 -24.97
N GLU A 166 6.37 -29.24 -24.74
CA GLU A 166 6.61 -27.93 -25.32
C GLU A 166 6.30 -26.85 -24.30
N GLU A 167 7.19 -25.86 -24.22
CA GLU A 167 7.04 -24.74 -23.31
C GLU A 167 6.60 -23.45 -23.99
N THR A 168 6.89 -23.30 -25.28
CA THR A 168 6.64 -22.06 -25.98
C THR A 168 5.22 -22.00 -26.55
N THR A 169 4.77 -20.78 -26.80
CA THR A 169 3.60 -20.54 -27.63
C THR A 169 4.03 -20.46 -29.09
N THR A 170 3.05 -20.35 -29.98
CA THR A 170 3.22 -20.35 -31.43
C THR A 170 3.78 -21.66 -31.95
N GLY A 171 4.06 -22.63 -31.07
CA GLY A 171 4.40 -23.98 -31.48
C GLY A 171 3.28 -24.92 -31.08
N VAL A 172 2.55 -24.55 -30.03
CA VAL A 172 1.34 -25.29 -29.68
C VAL A 172 0.27 -25.11 -30.75
N HIS A 173 0.23 -23.93 -31.36
CA HIS A 173 -0.64 -23.73 -32.52
C HIS A 173 -0.25 -24.67 -33.65
N ARG A 174 1.06 -24.81 -33.89
CA ARG A 174 1.53 -25.75 -34.91
C ARG A 174 1.15 -27.17 -34.56
N LEU A 175 1.27 -27.54 -33.28
CA LEU A 175 0.92 -28.90 -32.86
C LEU A 175 -0.56 -29.17 -33.06
N LEU A 176 -1.41 -28.21 -32.74
CA LEU A 176 -2.86 -28.38 -32.96
C LEU A 176 -3.17 -28.52 -34.44
N ASP A 177 -2.60 -27.65 -35.27
CA ASP A 177 -2.82 -27.74 -36.71
C ASP A 177 -2.30 -29.05 -37.26
N MET A 178 -1.20 -29.55 -36.71
CA MET A 178 -0.65 -30.83 -37.15
C MET A 178 -1.51 -32.00 -36.70
N LEU A 179 -2.14 -31.90 -35.52
CA LEU A 179 -3.08 -32.91 -35.08
C LEU A 179 -4.25 -33.01 -36.03
N LYS A 180 -4.78 -31.86 -36.47
CA LYS A 180 -5.78 -31.93 -37.53
C LYS A 180 -5.18 -32.36 -38.87
N ASN A 181 -3.88 -32.14 -39.07
CA ASN A 181 -3.25 -32.58 -40.31
C ASN A 181 -3.08 -34.09 -40.36
N GLY A 182 -2.97 -34.73 -39.20
CA GLY A 182 -2.89 -36.18 -39.12
C GLY A 182 -1.53 -36.78 -39.34
N THR A 183 -0.49 -35.97 -39.57
CA THR A 183 0.84 -36.49 -39.81
C THR A 183 1.62 -36.76 -38.54
N LEU A 184 1.07 -36.48 -37.36
CA LEU A 184 1.78 -36.81 -36.14
C LEU A 184 1.54 -38.26 -35.76
N LYS A 185 2.39 -38.76 -34.87
CA LYS A 185 2.29 -40.10 -34.35
C LYS A 185 2.45 -40.11 -32.83
N VAL A 186 2.58 -38.94 -32.22
CA VAL A 186 3.00 -38.83 -30.82
C VAL A 186 2.01 -37.97 -30.04
N PRO A 187 1.68 -38.33 -28.81
CA PRO A 187 0.87 -37.43 -27.97
C PRO A 187 1.67 -36.23 -27.50
N ALA A 188 0.95 -35.16 -27.16
CA ALA A 188 1.57 -33.89 -26.79
C ALA A 188 1.04 -33.41 -25.45
N ILE A 189 1.92 -32.80 -24.66
CA ILE A 189 1.59 -32.25 -23.36
C ILE A 189 1.72 -30.74 -23.44
N ASN A 190 0.67 -30.03 -23.03
CA ASN A 190 0.65 -28.56 -23.06
C ASN A 190 0.96 -28.07 -21.66
N VAL A 191 2.27 -27.96 -21.36
CA VAL A 191 2.72 -27.49 -20.05
C VAL A 191 2.48 -26.00 -19.86
N ASN A 192 2.21 -25.26 -20.94
CA ASN A 192 2.04 -23.81 -20.84
C ASN A 192 0.86 -23.44 -19.96
N ASP A 193 -0.25 -24.18 -20.05
CA ASP A 193 -1.50 -23.80 -19.42
C ASP A 193 -1.55 -24.10 -17.93
N SER A 194 -0.42 -24.41 -17.29
CA SER A 194 -0.41 -24.63 -15.85
C SER A 194 -0.53 -23.31 -15.10
N VAL A 195 -1.22 -23.34 -13.96
CA VAL A 195 -1.37 -22.14 -13.13
C VAL A 195 -0.01 -21.72 -12.58
N THR A 196 0.77 -22.67 -12.06
CA THR A 196 2.11 -22.35 -11.60
C THR A 196 2.97 -21.81 -12.74
N LYS A 197 2.66 -22.21 -13.97
CA LYS A 197 3.33 -21.64 -15.14
C LYS A 197 2.81 -20.23 -15.45
N SER A 198 1.50 -20.03 -15.33
CA SER A 198 0.91 -18.77 -15.74
C SER A 198 1.18 -17.64 -14.75
N LYS A 199 1.03 -17.90 -13.45
CA LYS A 199 1.13 -16.83 -12.46
C LYS A 199 2.57 -16.33 -12.34
N ASN A 200 3.54 -17.23 -12.44
CA ASN A 200 4.93 -16.86 -12.22
C ASN A 200 5.46 -16.01 -13.37
N ASP A 201 5.42 -16.55 -14.59
CA ASP A 201 6.05 -15.88 -15.73
C ASP A 201 5.35 -14.57 -16.07
N ASN A 202 4.01 -14.59 -16.10
CA ASN A 202 3.27 -13.44 -16.60
C ASN A 202 3.17 -12.33 -15.57
N LYS A 203 2.59 -12.63 -14.41
CA LYS A 203 2.26 -11.60 -13.42
C LYS A 203 3.45 -11.30 -12.50
N TYR A 204 3.98 -12.31 -11.83
CA TYR A 204 5.00 -12.09 -10.82
C TYR A 204 6.32 -11.65 -11.45
N GLY A 205 6.68 -12.21 -12.60
CA GLY A 205 8.02 -11.98 -13.14
C GLY A 205 8.25 -10.53 -13.53
N CYS A 206 7.27 -9.92 -14.21
CA CYS A 206 7.44 -8.55 -14.68
C CYS A 206 7.44 -7.56 -13.52
N ARG A 207 6.72 -7.86 -12.44
CA ARG A 207 6.57 -6.92 -11.34
C ARG A 207 7.91 -6.64 -10.65
N HIS A 208 8.72 -7.67 -10.43
CA HIS A 208 9.97 -7.51 -9.69
C HIS A 208 11.03 -6.78 -10.50
N SER A 209 10.97 -6.83 -11.83
CA SER A 209 12.09 -6.42 -12.68
C SER A 209 11.86 -5.15 -13.47
N LEU A 210 10.64 -4.60 -13.50
CA LEU A 210 10.39 -3.48 -14.40
C LEU A 210 10.98 -2.18 -13.86
N ASN A 211 10.51 -1.73 -12.70
CA ASN A 211 11.04 -0.49 -12.14
C ASN A 211 12.52 -0.64 -11.78
N ASP A 212 12.94 -1.84 -11.43
CA ASP A 212 14.36 -2.12 -11.27
C ASP A 212 15.13 -1.74 -12.53
N ALA A 213 14.68 -2.24 -13.68
CA ALA A 213 15.37 -1.96 -14.93
C ALA A 213 15.28 -0.47 -15.28
N ILE A 214 14.13 0.15 -15.04
CA ILE A 214 13.98 1.58 -15.33
C ILE A 214 15.01 2.39 -14.55
N LYS A 215 15.12 2.13 -13.25
CA LYS A 215 16.05 2.89 -12.43
C LYS A 215 17.50 2.55 -12.73
N ARG A 216 17.78 1.29 -13.10
CA ARG A 216 19.14 0.95 -13.54
C ARG A 216 19.50 1.71 -14.80
N GLY A 217 18.56 1.83 -15.73
CA GLY A 217 18.81 2.51 -16.99
C GLY A 217 18.92 4.02 -16.90
N THR A 218 18.10 4.67 -16.07
CA THR A 218 18.04 6.13 -16.09
C THR A 218 18.28 6.82 -14.76
N ASP A 219 18.17 6.13 -13.64
CA ASP A 219 18.38 6.73 -12.31
C ASP A 219 17.50 7.97 -12.11
N HIS A 220 16.26 7.89 -12.56
CA HIS A 220 15.33 9.00 -12.47
C HIS A 220 14.41 8.85 -11.27
N LEU A 221 14.14 9.96 -10.60
CA LEU A 221 13.20 9.94 -9.49
C LEU A 221 11.78 9.76 -10.02
N LEU A 222 11.08 8.75 -9.51
CA LEU A 222 9.80 8.36 -10.06
C LEU A 222 8.60 8.90 -9.29
N SER A 223 8.77 9.27 -8.03
CA SER A 223 7.67 9.79 -7.25
C SER A 223 7.26 11.17 -7.76
N GLY A 224 5.96 11.36 -7.96
CA GLY A 224 5.44 12.60 -8.46
C GLY A 224 5.28 12.68 -9.97
N LYS A 225 5.82 11.72 -10.71
CA LYS A 225 5.69 11.71 -12.16
C LYS A 225 4.32 11.23 -12.59
N GLN A 226 4.02 11.40 -13.88
CA GLN A 226 2.79 10.90 -14.47
C GLN A 226 3.14 10.04 -15.69
N ALA A 227 2.70 8.79 -15.67
CA ALA A 227 3.03 7.84 -16.73
C ALA A 227 1.77 7.20 -17.28
N LEU A 228 1.86 6.74 -18.52
CA LEU A 228 0.76 6.10 -19.21
C LEU A 228 1.18 4.67 -19.60
N VAL A 229 0.33 3.71 -19.29
CA VAL A 229 0.61 2.29 -19.55
C VAL A 229 -0.40 1.80 -20.56
N ILE A 230 0.09 1.21 -21.65
CA ILE A 230 -0.77 0.68 -22.70
C ILE A 230 -1.07 -0.79 -22.39
N GLY A 231 -2.34 -1.10 -22.20
CA GLY A 231 -2.73 -2.48 -21.91
C GLY A 231 -2.73 -2.77 -20.42
N TYR A 232 -3.66 -3.64 -20.03
CA TYR A 232 -3.76 -4.07 -18.63
C TYR A 232 -3.95 -5.58 -18.60
N GLY A 233 -3.11 -6.31 -19.33
CA GLY A 233 -3.11 -7.75 -19.30
C GLY A 233 -2.45 -8.27 -18.04
N ASP A 234 -1.84 -9.46 -18.14
CA ASP A 234 -1.04 -9.96 -17.04
C ASP A 234 0.20 -9.10 -16.85
N VAL A 235 0.89 -8.79 -17.94
CA VAL A 235 2.06 -7.92 -17.86
C VAL A 235 1.65 -6.51 -17.45
N GLY A 236 0.50 -6.04 -17.92
CA GLY A 236 0.01 -4.75 -17.49
C GLY A 236 -0.26 -4.69 -16.00
N LYS A 237 -0.86 -5.76 -15.45
CA LYS A 237 -1.06 -5.82 -14.01
C LYS A 237 0.26 -5.86 -13.27
N GLY A 238 1.24 -6.61 -13.78
CA GLY A 238 2.53 -6.66 -13.12
C GLY A 238 3.29 -5.34 -13.17
N SER A 239 3.03 -4.53 -14.19
CA SER A 239 3.74 -3.26 -14.35
C SER A 239 3.06 -2.10 -13.64
N SER A 240 1.73 -2.05 -13.63
CA SER A 240 1.03 -0.92 -13.03
C SER A 240 1.32 -0.83 -11.53
N GLN A 241 1.26 -1.95 -10.82
CA GLN A 241 1.55 -1.94 -9.40
C GLN A 241 3.02 -1.62 -9.14
N SER A 242 3.92 -2.17 -9.94
CA SER A 242 5.34 -1.90 -9.76
C SER A 242 5.66 -0.42 -9.97
N LEU A 243 4.87 0.27 -10.80
CA LEU A 243 5.04 1.71 -10.95
C LEU A 243 4.39 2.47 -9.80
N ARG A 244 3.16 2.11 -9.44
CA ARG A 244 2.41 2.90 -8.46
C ARG A 244 3.01 2.77 -7.05
N GLN A 245 3.62 1.62 -6.73
CA GLN A 245 4.17 1.45 -5.40
C GLN A 245 5.31 2.42 -5.11
N GLU A 246 5.93 2.98 -6.14
CA GLU A 246 7.03 3.91 -5.98
C GLU A 246 6.56 5.34 -5.79
N GLY A 247 5.26 5.59 -5.75
CA GLY A 247 4.74 6.94 -5.62
C GLY A 247 4.43 7.64 -6.93
N MET A 248 4.15 6.89 -7.99
CA MET A 248 3.89 7.45 -9.30
C MET A 248 2.40 7.48 -9.58
N ILE A 249 1.96 8.50 -10.29
CA ILE A 249 0.58 8.59 -10.76
C ILE A 249 0.49 7.87 -12.10
N VAL A 250 -0.32 6.83 -12.17
CA VAL A 250 -0.33 5.91 -13.30
C VAL A 250 -1.66 6.04 -14.05
N LYS A 251 -1.58 6.05 -15.38
CA LYS A 251 -2.74 6.03 -16.26
C LYS A 251 -2.69 4.78 -17.13
N VAL A 252 -3.85 4.23 -17.44
CA VAL A 252 -3.97 2.95 -18.12
C VAL A 252 -4.91 3.09 -19.31
N ALA A 253 -4.53 2.48 -20.44
CA ALA A 253 -5.35 2.45 -21.65
C ALA A 253 -5.55 1.01 -22.08
N GLU A 254 -6.69 0.74 -22.71
CA GLU A 254 -7.06 -0.63 -23.04
C GLU A 254 -8.15 -0.63 -24.10
N VAL A 255 -8.18 -1.70 -24.91
CA VAL A 255 -9.28 -1.96 -25.83
C VAL A 255 -10.35 -2.83 -25.19
N ASP A 256 -9.93 -3.83 -24.40
CA ASP A 256 -10.85 -4.78 -23.81
C ASP A 256 -11.55 -4.15 -22.61
N PRO A 257 -12.89 -4.08 -22.58
CA PRO A 257 -13.57 -3.47 -21.43
C PRO A 257 -13.31 -4.18 -20.11
N ILE A 258 -13.07 -5.50 -20.12
CA ILE A 258 -12.89 -6.23 -18.87
C ILE A 258 -11.62 -5.80 -18.17
N CYS A 259 -10.52 -5.68 -18.91
CA CYS A 259 -9.27 -5.23 -18.31
C CYS A 259 -9.37 -3.79 -17.83
N ALA A 260 -10.08 -2.95 -18.58
CA ALA A 260 -10.29 -1.58 -18.13
C ALA A 260 -11.09 -1.54 -16.84
N MET A 261 -12.10 -2.40 -16.72
CA MET A 261 -12.85 -2.48 -15.47
C MET A 261 -11.97 -2.94 -14.32
N GLN A 262 -11.15 -3.97 -14.55
CA GLN A 262 -10.23 -4.41 -13.50
C GLN A 262 -9.31 -3.28 -13.08
N ALA A 263 -8.88 -2.45 -14.03
CA ALA A 263 -8.07 -1.28 -13.69
C ALA A 263 -8.85 -0.27 -12.86
N CYS A 264 -10.13 -0.04 -13.22
CA CYS A 264 -10.93 0.94 -12.50
C CYS A 264 -11.16 0.52 -11.05
N MET A 265 -11.43 -0.76 -10.81
CA MET A 265 -11.68 -1.22 -9.45
C MET A 265 -10.42 -1.28 -8.60
N ASP A 266 -9.24 -1.22 -9.22
CA ASP A 266 -7.99 -1.20 -8.47
C ASP A 266 -7.55 0.20 -8.07
N GLY A 267 -8.27 1.24 -8.50
CA GLY A 267 -7.92 2.60 -8.15
C GLY A 267 -7.01 3.27 -9.14
N PHE A 268 -7.39 3.25 -10.43
CA PHE A 268 -6.62 3.90 -11.47
C PHE A 268 -7.50 4.81 -12.31
N GLU A 269 -6.95 5.36 -13.38
CA GLU A 269 -7.68 6.17 -14.34
C GLU A 269 -7.53 5.56 -15.72
N VAL A 270 -8.61 5.54 -16.49
CA VAL A 270 -8.62 4.99 -17.84
C VAL A 270 -8.72 6.16 -18.81
N VAL A 271 -7.71 6.28 -19.68
CA VAL A 271 -7.62 7.36 -20.66
C VAL A 271 -7.32 6.78 -22.03
N SER A 272 -7.52 7.61 -23.05
CA SER A 272 -7.30 7.21 -24.43
C SER A 272 -6.40 8.24 -25.11
N PRO A 273 -5.35 7.80 -25.82
CA PRO A 273 -4.48 8.76 -26.51
C PRO A 273 -5.17 9.55 -27.61
N TYR A 274 -6.31 9.06 -28.12
CA TYR A 274 -7.01 9.72 -29.22
C TYR A 274 -8.30 10.36 -28.72
N LYS A 275 -8.69 11.44 -29.41
CA LYS A 275 -9.94 12.12 -29.10
C LYS A 275 -11.11 11.17 -29.31
N ASN A 276 -11.82 10.84 -28.24
CA ASN A 276 -12.90 9.87 -28.21
C ASN A 276 -12.44 8.46 -28.57
N GLY A 277 -11.13 8.22 -28.64
CA GLY A 277 -10.62 6.88 -28.84
C GLY A 277 -10.58 6.40 -30.28
N ILE A 278 -10.89 7.25 -31.25
CA ILE A 278 -10.90 6.87 -32.65
C ILE A 278 -9.55 7.24 -33.27
N ASN A 279 -8.88 6.26 -33.88
CA ASN A 279 -7.55 6.44 -34.42
C ASN A 279 -7.65 6.71 -35.92
N ASP A 280 -7.31 7.93 -36.33
CA ASP A 280 -7.32 8.31 -37.73
C ASP A 280 -5.94 8.44 -38.35
N GLY A 281 -4.89 8.58 -37.54
CA GLY A 281 -3.53 8.76 -38.04
C GLY A 281 -3.09 10.20 -38.17
N THR A 282 -3.99 11.05 -38.67
CA THR A 282 -3.67 12.47 -38.81
C THR A 282 -3.48 13.11 -37.45
N GLU A 283 -2.59 14.11 -37.40
CA GLU A 283 -2.29 14.78 -36.13
C GLU A 283 -3.47 15.57 -35.58
N ALA A 284 -4.52 15.80 -36.38
CA ALA A 284 -5.70 16.52 -35.90
C ALA A 284 -6.65 15.64 -35.11
N SER A 285 -6.44 14.33 -35.09
CA SER A 285 -7.25 13.40 -34.30
C SER A 285 -6.55 12.97 -33.03
N ILE A 286 -5.63 13.79 -32.51
CA ILE A 286 -4.76 13.41 -31.40
C ILE A 286 -4.96 14.43 -30.28
N ASP A 287 -5.15 13.93 -29.07
CA ASP A 287 -5.28 14.79 -27.89
C ASP A 287 -3.88 15.12 -27.39
N ALA A 288 -3.34 16.25 -27.84
CA ALA A 288 -2.01 16.66 -27.43
C ALA A 288 -1.99 17.22 -26.02
N ALA A 289 -3.16 17.58 -25.47
CA ALA A 289 -3.20 18.11 -24.11
C ALA A 289 -2.74 17.08 -23.10
N LEU A 290 -3.18 15.83 -23.24
CA LEU A 290 -2.76 14.78 -22.32
C LEU A 290 -1.29 14.45 -22.50
N LEU A 291 -0.81 14.39 -23.74
CA LEU A 291 0.54 13.94 -24.02
C LEU A 291 1.60 15.00 -23.70
N GLY A 292 1.20 16.24 -23.50
CA GLY A 292 2.12 17.30 -23.15
C GLY A 292 2.54 17.32 -21.69
N LYS A 293 1.97 16.44 -20.86
CA LYS A 293 2.34 16.35 -19.46
C LYS A 293 2.51 14.90 -19.02
N ILE A 294 2.97 14.04 -19.92
CA ILE A 294 3.21 12.63 -19.65
C ILE A 294 4.72 12.39 -19.63
N ASP A 295 5.21 11.80 -18.55
CA ASP A 295 6.65 11.61 -18.38
C ASP A 295 7.15 10.27 -18.90
N LEU A 296 6.28 9.26 -19.01
CA LEU A 296 6.73 7.92 -19.41
C LEU A 296 5.64 7.27 -20.25
N ILE A 297 6.06 6.56 -21.30
CA ILE A 297 5.18 5.72 -22.11
C ILE A 297 5.80 4.34 -22.20
N VAL A 298 5.10 3.32 -21.72
CA VAL A 298 5.53 1.93 -21.80
C VAL A 298 4.42 1.10 -22.41
N THR A 299 4.79 0.17 -23.27
CA THR A 299 3.84 -0.68 -24.00
C THR A 299 3.94 -2.10 -23.47
N THR A 300 2.80 -2.65 -23.06
CA THR A 300 2.73 -3.98 -22.47
C THR A 300 2.02 -4.99 -23.35
N THR A 301 1.45 -4.57 -24.47
CA THR A 301 0.58 -5.42 -25.26
C THR A 301 1.40 -6.27 -26.24
N GLY A 302 0.69 -6.93 -27.16
CA GLY A 302 1.31 -7.68 -28.22
C GLY A 302 0.70 -7.35 -29.56
N ASN A 303 0.30 -6.10 -29.73
CA ASN A 303 -0.31 -5.63 -30.96
C ASN A 303 0.77 -5.09 -31.89
N VAL A 304 0.37 -4.39 -32.95
CA VAL A 304 1.28 -3.84 -33.94
C VAL A 304 1.05 -2.34 -34.05
N ASN A 305 2.16 -1.58 -34.09
CA ASN A 305 2.13 -0.13 -34.28
C ASN A 305 1.25 0.54 -33.23
N VAL A 306 1.47 0.16 -31.97
CA VAL A 306 0.70 0.73 -30.88
C VAL A 306 1.03 2.20 -30.68
N CYS A 307 2.32 2.53 -30.67
CA CYS A 307 2.78 3.91 -30.58
C CYS A 307 3.03 4.42 -32.00
N ASP A 308 1.99 4.98 -32.60
CA ASP A 308 2.07 5.43 -33.98
C ASP A 308 3.01 6.62 -34.11
N ALA A 309 3.41 6.90 -35.35
CA ALA A 309 4.44 7.90 -35.60
C ALA A 309 4.01 9.29 -35.14
N ASN A 310 2.72 9.55 -35.09
CA ASN A 310 2.22 10.86 -34.70
C ASN A 310 1.97 10.99 -33.20
N MET A 311 2.09 9.90 -32.44
CA MET A 311 2.10 10.01 -30.98
C MET A 311 3.37 10.69 -30.50
N LEU A 312 4.53 10.12 -30.85
CA LEU A 312 5.81 10.57 -30.34
C LEU A 312 6.30 11.87 -30.99
N LYS A 313 5.59 12.37 -32.00
CA LYS A 313 5.92 13.69 -32.53
C LYS A 313 5.38 14.82 -31.66
N ALA A 314 4.31 14.57 -30.91
CA ALA A 314 3.66 15.59 -30.10
C ALA A 314 3.85 15.38 -28.61
N LEU A 315 4.89 14.65 -28.20
CA LEU A 315 5.12 14.40 -26.79
C LEU A 315 5.69 15.62 -26.09
N LYS A 316 5.77 15.53 -24.77
CA LYS A 316 6.50 16.50 -23.97
C LYS A 316 8.00 16.30 -24.15
N LYS A 317 8.75 17.36 -23.93
CA LYS A 317 10.20 17.28 -24.04
C LYS A 317 10.76 16.41 -22.92
N ARG A 318 11.76 15.60 -23.28
CA ARG A 318 12.49 14.75 -22.34
C ARG A 318 11.57 13.69 -21.71
N ALA A 319 10.82 12.99 -22.57
CA ALA A 319 9.98 11.87 -22.15
C ALA A 319 10.69 10.55 -22.38
N VAL A 320 10.28 9.53 -21.64
CA VAL A 320 10.91 8.21 -21.65
C VAL A 320 9.97 7.24 -22.35
N VAL A 321 10.51 6.48 -23.30
CA VAL A 321 9.76 5.49 -24.07
C VAL A 321 10.46 4.14 -23.94
N CYS A 322 9.68 3.09 -23.67
CA CYS A 322 10.22 1.75 -23.54
C CYS A 322 9.12 0.73 -23.85
N ASN A 323 9.54 -0.50 -24.11
CA ASN A 323 8.65 -1.59 -24.49
C ASN A 323 8.96 -2.83 -23.68
N ILE A 324 7.92 -3.50 -23.19
CA ILE A 324 8.07 -4.68 -22.35
C ILE A 324 7.40 -5.91 -22.94
N GLY A 325 6.75 -5.78 -24.11
CA GLY A 325 6.20 -6.94 -24.77
C GLY A 325 7.21 -7.62 -25.70
N HIS A 326 6.90 -8.87 -26.05
CA HIS A 326 7.79 -9.63 -26.93
C HIS A 326 7.88 -9.05 -28.33
N PHE A 327 6.77 -8.52 -28.85
CA PHE A 327 6.77 -8.03 -30.23
C PHE A 327 7.70 -6.83 -30.39
N ASP A 328 8.36 -6.76 -31.55
CA ASP A 328 9.40 -5.77 -31.80
C ASP A 328 8.92 -4.56 -32.60
N ASN A 329 7.66 -4.51 -33.01
CA ASN A 329 7.16 -3.42 -33.84
C ASN A 329 5.93 -2.77 -33.25
N GLU A 330 5.79 -2.79 -31.93
CA GLU A 330 4.67 -2.10 -31.29
C GLU A 330 4.88 -0.60 -31.21
N ILE A 331 6.12 -0.13 -31.34
CA ILE A 331 6.45 1.29 -31.34
C ILE A 331 7.16 1.60 -32.65
N ASP A 332 6.71 2.67 -33.32
CA ASP A 332 7.18 3.01 -34.66
C ASP A 332 8.57 3.62 -34.56
N THR A 333 9.60 2.78 -34.71
CA THR A 333 10.97 3.24 -34.85
C THR A 333 11.34 3.52 -36.31
N ALA A 334 10.49 3.11 -37.25
CA ALA A 334 10.76 3.39 -38.66
C ALA A 334 10.75 4.89 -38.94
N PHE A 335 9.78 5.61 -38.38
CA PHE A 335 9.76 7.06 -38.55
C PHE A 335 10.97 7.70 -37.91
N MET A 336 11.39 7.20 -36.75
CA MET A 336 12.53 7.78 -36.05
C MET A 336 13.82 7.56 -36.84
N ARG A 337 13.97 6.39 -37.47
CA ARG A 337 15.07 6.20 -38.40
C ARG A 337 14.94 7.11 -39.61
N LYS A 338 13.71 7.36 -40.06
CA LYS A 338 13.49 8.12 -41.28
C LYS A 338 13.84 9.60 -41.12
N ASN A 339 13.51 10.17 -39.97
CA ASN A 339 13.50 11.62 -39.84
C ASN A 339 14.51 12.16 -38.84
N TRP A 340 14.58 11.60 -37.63
CA TRP A 340 15.26 12.27 -36.52
C TRP A 340 16.55 11.55 -36.15
N ALA A 341 17.45 12.31 -35.53
CA ALA A 341 18.81 11.87 -35.25
C ALA A 341 18.86 10.95 -34.05
N TRP A 342 20.00 10.26 -33.90
CA TRP A 342 20.24 9.33 -32.80
C TRP A 342 21.56 9.66 -32.14
N GLU A 343 21.70 9.24 -30.88
CA GLU A 343 22.89 9.55 -30.10
C GLU A 343 22.90 8.67 -28.85
N GLU A 344 24.08 8.14 -28.52
CA GLU A 344 24.24 7.21 -27.41
C GLU A 344 24.75 7.93 -26.17
N VAL A 345 24.12 7.69 -25.03
CA VAL A 345 24.54 8.31 -23.78
C VAL A 345 25.29 7.29 -22.93
N LYS A 346 24.91 6.03 -23.02
CA LYS A 346 25.50 4.95 -22.23
C LYS A 346 25.51 3.69 -23.08
N PRO A 347 26.31 2.68 -22.70
CA PRO A 347 26.45 1.51 -23.58
C PRO A 347 25.16 0.73 -23.84
N GLN A 348 24.05 1.18 -23.27
CA GLN A 348 22.76 0.56 -23.53
C GLN A 348 21.64 1.56 -23.82
N VAL A 349 21.78 2.82 -23.44
CA VAL A 349 20.72 3.82 -23.57
C VAL A 349 21.07 4.78 -24.70
N HIS A 350 20.04 5.27 -25.38
CA HIS A 350 20.18 6.15 -26.53
C HIS A 350 19.37 7.42 -26.33
N LYS A 351 19.78 8.48 -27.03
CA LYS A 351 19.18 9.80 -26.94
C LYS A 351 18.76 10.24 -28.33
N ILE A 352 17.53 10.73 -28.46
CA ILE A 352 16.94 11.06 -29.75
C ILE A 352 16.62 12.55 -29.76
N HIS A 353 17.07 13.23 -30.82
CA HIS A 353 16.86 14.66 -30.99
C HIS A 353 15.81 14.90 -32.07
N ARG A 354 14.93 15.86 -31.83
CA ARG A 354 13.86 16.19 -32.77
C ARG A 354 14.21 17.36 -33.67
N THR A 355 15.46 17.84 -33.64
CA THR A 355 15.83 18.99 -34.44
C THR A 355 15.99 18.67 -35.92
N GLY A 356 16.32 17.43 -36.27
CA GLY A 356 16.48 17.05 -37.65
C GLY A 356 17.20 15.72 -37.78
N LYS A 357 17.56 15.40 -39.02
CA LYS A 357 18.21 14.13 -39.30
C LYS A 357 19.65 14.12 -38.80
N ASP A 358 20.39 15.20 -39.03
CA ASP A 358 21.79 15.28 -38.64
C ASP A 358 22.11 16.72 -38.28
N GLY A 359 23.25 16.88 -37.61
CA GLY A 359 23.64 18.20 -37.13
C GLY A 359 22.90 18.66 -35.90
N PHE A 360 22.67 17.76 -34.95
CA PHE A 360 22.02 18.14 -33.70
C PHE A 360 22.90 19.11 -32.91
N ASP A 361 22.24 20.02 -32.21
CA ASP A 361 22.95 21.02 -31.42
C ASP A 361 23.52 20.38 -30.16
N ALA A 362 24.45 21.10 -29.52
CA ALA A 362 25.12 20.57 -28.35
C ALA A 362 24.17 20.39 -27.17
N HIS A 363 23.30 21.38 -26.93
CA HIS A 363 22.47 21.38 -25.73
C HIS A 363 21.05 21.83 -26.01
N ASN A 364 20.51 21.51 -27.18
CA ASN A 364 19.13 21.89 -27.51
C ASN A 364 18.15 21.16 -26.59
N ASP A 365 17.04 21.83 -26.30
CA ASP A 365 16.05 21.33 -25.35
C ASP A 365 15.01 20.43 -25.98
N ASP A 366 14.97 20.31 -27.31
CA ASP A 366 13.95 19.54 -28.02
C ASP A 366 14.53 18.17 -28.36
N TYR A 367 14.33 17.21 -27.46
CA TYR A 367 14.84 15.87 -27.67
C TYR A 367 14.04 14.87 -26.83
N LEU A 368 14.20 13.59 -27.15
CA LEU A 368 13.61 12.48 -26.43
C LEU A 368 14.70 11.55 -25.94
N ILE A 369 14.29 10.54 -25.17
CA ILE A 369 15.18 9.48 -24.71
C ILE A 369 14.50 8.14 -24.95
N LEU A 370 15.22 7.20 -25.55
CA LEU A 370 14.70 5.85 -25.79
C LEU A 370 15.67 4.87 -25.16
N LEU A 371 15.14 3.85 -24.49
CA LEU A 371 15.96 3.01 -23.63
C LEU A 371 16.68 1.92 -24.40
N ALA A 372 15.94 1.05 -25.09
CA ALA A 372 16.53 -0.15 -25.69
C ALA A 372 16.02 -0.35 -27.12
N GLU A 373 16.08 0.72 -27.92
CA GLU A 373 15.66 0.69 -29.34
C GLU A 373 14.27 0.11 -29.52
N GLY A 374 13.42 0.22 -28.51
CA GLY A 374 12.06 -0.26 -28.59
C GLY A 374 11.89 -1.76 -28.43
N ARG A 375 12.96 -2.47 -28.12
CA ARG A 375 12.90 -3.92 -27.93
C ARG A 375 12.65 -4.23 -26.45
N LEU A 376 12.83 -5.50 -26.07
CA LEU A 376 12.60 -5.90 -24.69
C LEU A 376 13.53 -5.16 -23.74
N VAL A 377 12.97 -4.64 -22.66
CA VAL A 377 13.79 -4.02 -21.63
C VAL A 377 14.67 -5.05 -20.94
N ASN A 378 14.28 -6.32 -20.98
CA ASN A 378 15.07 -7.40 -20.41
C ASN A 378 16.21 -7.84 -21.32
N LEU A 379 16.38 -7.21 -22.48
CA LEU A 379 17.41 -7.64 -23.42
C LEU A 379 18.80 -7.49 -22.84
N GLY A 380 19.13 -6.31 -22.32
CA GLY A 380 20.47 -6.07 -21.79
C GLY A 380 20.53 -5.23 -20.54
N ASN A 381 19.36 -4.83 -20.02
CA ASN A 381 19.33 -3.96 -18.85
C ASN A 381 19.18 -4.75 -17.55
N ALA A 382 18.45 -5.87 -17.57
CA ALA A 382 18.22 -6.66 -16.38
C ALA A 382 18.38 -8.13 -16.71
N THR A 383 18.63 -8.92 -15.66
CA THR A 383 18.81 -10.36 -15.81
C THR A 383 17.51 -11.09 -16.14
N GLY A 384 16.40 -10.39 -16.32
CA GLY A 384 15.15 -11.03 -16.64
C GLY A 384 14.33 -11.33 -15.41
N HIS A 385 14.39 -12.57 -14.93
CA HIS A 385 13.67 -12.99 -13.75
C HIS A 385 14.62 -13.69 -12.80
N PRO A 386 14.39 -13.59 -11.50
CA PRO A 386 15.20 -14.35 -10.54
C PRO A 386 14.86 -15.82 -10.55
N SER A 387 15.66 -16.60 -9.81
CA SER A 387 15.51 -18.05 -9.83
C SER A 387 14.18 -18.49 -9.22
N ARG A 388 13.65 -17.74 -8.25
CA ARG A 388 12.46 -18.17 -7.55
C ARG A 388 11.18 -18.03 -8.35
N ILE A 389 11.18 -17.23 -9.42
CA ILE A 389 9.96 -17.04 -10.20
C ILE A 389 9.85 -18.04 -11.33
N MET A 390 10.96 -18.38 -12.00
CA MET A 390 10.90 -19.34 -13.09
C MET A 390 10.75 -20.78 -12.60
N ASP A 391 10.71 -21.00 -11.28
CA ASP A 391 10.50 -22.35 -10.76
C ASP A 391 9.14 -22.91 -11.16
N GLY A 392 8.15 -22.04 -11.37
CA GLY A 392 6.84 -22.50 -11.79
C GLY A 392 6.84 -23.16 -13.16
N SER A 393 7.89 -22.93 -13.95
CA SER A 393 8.01 -23.54 -15.27
C SER A 393 8.90 -24.78 -15.25
N PHE A 394 10.04 -24.71 -14.56
CA PHE A 394 10.97 -25.84 -14.55
C PHE A 394 10.38 -27.07 -13.87
N ALA A 395 9.52 -26.87 -12.87
CA ALA A 395 8.98 -27.99 -12.12
C ALA A 395 8.09 -28.87 -12.98
N ASN A 396 7.13 -28.26 -13.68
CA ASN A 396 6.15 -29.05 -14.43
C ASN A 396 6.79 -29.87 -15.55
N GLN A 397 7.98 -29.48 -16.02
CA GLN A 397 8.61 -30.20 -17.11
C GLN A 397 8.95 -31.64 -16.71
N VAL A 398 9.45 -31.84 -15.50
CA VAL A 398 9.78 -33.20 -15.08
C VAL A 398 8.52 -33.99 -14.73
N LEU A 399 7.49 -33.35 -14.17
CA LEU A 399 6.25 -34.06 -13.90
C LEU A 399 5.59 -34.54 -15.18
N ALA A 400 5.64 -33.72 -16.24
CA ALA A 400 5.05 -34.13 -17.50
C ALA A 400 5.66 -35.44 -17.99
N GLN A 401 6.97 -35.60 -17.82
CA GLN A 401 7.62 -36.83 -18.25
C GLN A 401 7.43 -37.97 -17.25
N ILE A 402 7.26 -37.64 -15.97
CA ILE A 402 6.92 -38.69 -14.99
C ILE A 402 5.58 -39.32 -15.34
N HIS A 403 4.58 -38.48 -15.64
CA HIS A 403 3.29 -39.00 -16.08
C HIS A 403 3.41 -39.70 -17.44
N LEU A 404 4.19 -39.13 -18.36
CA LEU A 404 4.24 -39.64 -19.72
C LEU A 404 4.95 -40.97 -19.81
N PHE A 405 6.03 -41.15 -19.04
CA PHE A 405 6.86 -42.34 -19.19
C PHE A 405 6.11 -43.61 -18.83
N GLU A 406 5.34 -43.59 -17.74
CA GLU A 406 4.64 -44.79 -17.31
C GLU A 406 3.54 -45.19 -18.28
N GLN A 407 2.78 -44.22 -18.78
CA GLN A 407 1.79 -44.51 -19.81
C GLN A 407 2.50 -44.74 -21.14
N LYS A 408 2.92 -45.98 -21.40
CA LYS A 408 3.78 -46.31 -22.54
C LYS A 408 2.93 -46.35 -23.80
N TYR A 409 2.94 -45.26 -24.56
CA TYR A 409 2.17 -45.22 -25.80
C TYR A 409 2.74 -46.17 -26.84
N ALA A 410 4.07 -46.23 -26.97
CA ALA A 410 4.69 -47.06 -27.99
C ALA A 410 4.49 -48.54 -27.70
N ASP A 411 4.74 -48.97 -26.46
CA ASP A 411 4.59 -50.37 -26.10
C ASP A 411 3.14 -50.83 -26.10
N LEU A 412 2.18 -49.89 -26.15
CA LEU A 412 0.78 -50.25 -26.21
C LEU A 412 0.46 -50.93 -27.54
N PRO A 413 -0.45 -51.91 -27.53
CA PRO A 413 -0.86 -52.53 -28.80
C PRO A 413 -1.52 -51.53 -29.73
N ALA A 414 -1.41 -51.79 -31.03
CA ALA A 414 -1.90 -50.85 -32.04
C ALA A 414 -3.41 -50.63 -31.92
N ALA A 415 -4.15 -51.62 -31.41
CA ALA A 415 -5.59 -51.46 -31.29
C ALA A 415 -5.94 -50.35 -30.31
N GLU A 416 -5.24 -50.29 -29.18
CA GLU A 416 -5.53 -49.29 -28.15
C GLU A 416 -4.79 -47.98 -28.37
N LYS A 417 -3.81 -47.93 -29.25
CA LYS A 417 -3.06 -46.70 -29.46
C LYS A 417 -3.89 -45.61 -30.10
N ALA A 418 -4.95 -45.96 -30.83
CA ALA A 418 -5.75 -44.96 -31.53
C ALA A 418 -6.46 -44.01 -30.58
N LYS A 419 -6.66 -44.40 -29.32
CA LYS A 419 -7.33 -43.54 -28.36
C LYS A 419 -6.41 -42.53 -27.71
N ARG A 420 -5.10 -42.67 -27.86
CA ARG A 420 -4.14 -41.82 -27.16
C ARG A 420 -3.56 -40.71 -28.04
N LEU A 421 -4.04 -40.54 -29.27
CA LEU A 421 -3.58 -39.42 -30.09
C LEU A 421 -4.43 -38.20 -29.77
N SER A 422 -3.86 -37.29 -28.98
CA SER A 422 -4.49 -36.02 -28.62
C SER A 422 -3.42 -35.17 -27.95
N VAL A 423 -3.79 -33.93 -27.66
CA VAL A 423 -2.96 -33.01 -26.88
C VAL A 423 -3.57 -32.87 -25.50
N GLU A 424 -2.77 -33.13 -24.47
CA GLU A 424 -3.24 -33.13 -23.09
C GLU A 424 -2.73 -31.92 -22.35
N VAL A 425 -3.64 -31.20 -21.70
CA VAL A 425 -3.25 -30.22 -20.69
C VAL A 425 -2.92 -30.98 -19.41
N LEU A 426 -1.83 -30.58 -18.75
CA LEU A 426 -1.35 -31.32 -17.59
C LEU A 426 -2.43 -31.39 -16.52
N PRO A 427 -2.69 -32.57 -15.95
CA PRO A 427 -3.78 -32.70 -14.97
C PRO A 427 -3.52 -31.86 -13.73
N LYS A 428 -4.62 -31.43 -13.09
CA LYS A 428 -4.51 -30.55 -11.92
C LYS A 428 -3.87 -31.26 -10.74
N LYS A 429 -3.95 -32.59 -10.68
CA LYS A 429 -3.35 -33.31 -9.56
C LYS A 429 -1.84 -33.13 -9.53
N LEU A 430 -1.19 -33.20 -10.69
CA LEU A 430 0.26 -32.98 -10.73
C LEU A 430 0.61 -31.54 -10.39
N ASP A 431 -0.22 -30.58 -10.83
CA ASP A 431 0.06 -29.18 -10.58
C ASP A 431 0.07 -28.87 -9.09
N GLU A 432 -0.85 -29.48 -8.33
CA GLU A 432 -0.91 -29.23 -6.89
C GLU A 432 0.35 -29.71 -6.19
N GLU A 433 0.97 -30.78 -6.68
CA GLU A 433 2.20 -31.27 -6.08
C GLU A 433 3.33 -30.25 -6.20
N VAL A 434 3.31 -29.44 -7.26
CA VAL A 434 4.39 -28.48 -7.49
C VAL A 434 4.35 -27.36 -6.45
N ALA A 435 3.16 -26.84 -6.17
CA ALA A 435 3.04 -25.71 -5.24
C ALA A 435 3.33 -26.14 -3.81
N LEU A 436 2.96 -27.35 -3.43
CA LEU A 436 3.24 -27.83 -2.08
C LEU A 436 4.74 -27.81 -1.80
N GLU A 437 5.56 -28.05 -2.83
CA GLU A 437 7.01 -27.93 -2.64
C GLU A 437 7.43 -26.48 -2.50
N MET A 438 6.80 -25.57 -3.26
CA MET A 438 7.18 -24.17 -3.18
C MET A 438 6.68 -23.53 -1.88
N VAL A 439 5.47 -23.88 -1.44
CA VAL A 439 4.98 -23.36 -0.16
C VAL A 439 5.84 -23.89 0.98
N LYS A 440 6.16 -25.18 0.96
CA LYS A 440 6.98 -25.77 2.00
C LYS A 440 8.39 -25.20 2.04
N GLY A 441 8.88 -24.66 0.92
CA GLY A 441 10.20 -24.05 0.93
C GLY A 441 10.23 -22.69 1.60
N PHE A 442 9.09 -22.01 1.64
CA PHE A 442 8.99 -20.71 2.29
C PHE A 442 8.87 -20.79 3.80
N GLY A 443 8.71 -21.99 4.35
CA GLY A 443 8.53 -22.14 5.78
C GLY A 443 7.09 -22.23 6.23
N GLY A 444 6.13 -22.27 5.31
CA GLY A 444 4.74 -22.41 5.66
C GLY A 444 4.36 -23.85 5.92
N VAL A 445 3.12 -24.04 6.36
CA VAL A 445 2.58 -25.36 6.67
C VAL A 445 1.21 -25.48 6.01
N VAL A 446 0.96 -26.63 5.38
CA VAL A 446 -0.31 -26.93 4.74
C VAL A 446 -1.02 -27.99 5.58
N THR A 447 -2.22 -27.66 6.06
CA THR A 447 -2.97 -28.57 6.90
C THR A 447 -3.59 -29.70 6.08
N GLN A 448 -4.17 -30.67 6.79
CA GLN A 448 -4.77 -31.86 6.19
C GLN A 448 -6.26 -31.90 6.49
N LEU A 449 -6.93 -32.92 5.97
CA LEU A 449 -8.38 -33.05 6.08
C LEU A 449 -8.73 -34.29 6.90
N THR A 450 -9.68 -34.14 7.81
CA THR A 450 -10.27 -35.26 8.51
C THR A 450 -11.25 -35.98 7.58
N PRO A 451 -11.52 -37.26 7.83
CA PRO A 451 -12.48 -37.98 6.97
C PRO A 451 -13.85 -37.33 6.92
N LYS A 452 -14.30 -36.71 8.02
CA LYS A 452 -15.61 -36.06 8.01
C LYS A 452 -15.64 -34.88 7.05
N GLN A 453 -14.56 -34.10 7.01
CA GLN A 453 -14.55 -32.88 6.19
C GLN A 453 -14.46 -33.21 4.70
N ALA A 454 -13.63 -34.20 4.34
CA ALA A 454 -13.44 -34.52 2.93
C ALA A 454 -14.74 -35.00 2.29
N GLU A 455 -15.44 -35.91 2.94
CA GLU A 455 -16.73 -36.38 2.43
C GLU A 455 -17.78 -35.29 2.43
N TYR A 456 -17.58 -34.24 3.23
CA TYR A 456 -18.60 -33.20 3.35
C TYR A 456 -18.69 -32.33 2.10
N ILE A 457 -17.55 -32.05 1.47
CA ILE A 457 -17.52 -31.17 0.31
C ILE A 457 -17.45 -31.92 -1.02
N GLY A 458 -17.15 -33.20 -1.01
CA GLY A 458 -17.17 -34.01 -2.21
C GLY A 458 -15.83 -34.38 -2.82
N VAL A 459 -14.71 -34.03 -2.17
CA VAL A 459 -13.41 -34.39 -2.67
C VAL A 459 -12.69 -35.23 -1.62
N SER A 460 -11.79 -36.08 -2.07
CA SER A 460 -11.09 -36.96 -1.16
C SER A 460 -10.03 -36.18 -0.37
N VAL A 461 -9.45 -36.86 0.62
CA VAL A 461 -8.42 -36.23 1.44
C VAL A 461 -7.20 -35.89 0.61
N GLU A 462 -6.86 -36.76 -0.36
CA GLU A 462 -5.65 -36.60 -1.15
C GLU A 462 -5.90 -36.06 -2.55
N GLY A 463 -7.14 -36.09 -3.04
CA GLY A 463 -7.40 -35.80 -4.42
C GLY A 463 -7.46 -34.32 -4.72
N PRO A 464 -7.64 -34.00 -6.00
CA PRO A 464 -7.73 -32.60 -6.42
C PRO A 464 -8.92 -31.89 -5.77
N PHE A 465 -8.76 -30.58 -5.55
CA PHE A 465 -9.73 -29.82 -4.78
C PHE A 465 -10.61 -28.90 -5.62
N LYS A 466 -10.18 -28.49 -6.81
CA LYS A 466 -10.94 -27.51 -7.55
C LYS A 466 -11.41 -28.06 -8.89
N PRO A 467 -12.57 -27.62 -9.39
CA PRO A 467 -12.99 -27.99 -10.73
C PRO A 467 -12.14 -27.30 -11.80
N ASP A 468 -12.32 -27.74 -13.04
CA ASP A 468 -11.54 -27.21 -14.15
C ASP A 468 -12.11 -25.90 -14.72
N THR A 469 -13.32 -25.52 -14.34
CA THR A 469 -13.86 -24.23 -14.72
C THR A 469 -13.48 -23.13 -13.74
N TYR A 470 -12.80 -23.47 -12.65
CA TYR A 470 -12.46 -22.51 -11.61
C TYR A 470 -11.22 -21.72 -12.03
N ARG A 471 -11.38 -20.40 -12.14
CA ARG A 471 -10.27 -19.51 -12.43
C ARG A 471 -9.77 -18.90 -11.11
N TYR A 472 -8.48 -19.08 -10.85
CA TYR A 472 -7.88 -18.69 -9.58
C TYR A 472 -7.80 -17.17 -9.44
N ASP B 15 49.62 22.55 -11.92
CA ASP B 15 48.39 23.14 -11.40
C ASP B 15 47.25 22.12 -11.26
N TYR B 16 46.79 21.57 -12.38
CA TYR B 16 45.72 20.59 -12.36
C TYR B 16 46.26 19.22 -11.97
N LYS B 17 45.58 18.55 -11.05
CA LYS B 17 45.96 17.23 -10.59
C LYS B 17 45.07 16.13 -11.12
N VAL B 18 44.35 16.38 -12.22
CA VAL B 18 43.57 15.34 -12.86
C VAL B 18 44.52 14.39 -13.58
N ALA B 19 44.15 13.10 -13.61
CA ALA B 19 45.00 12.09 -14.24
C ALA B 19 45.19 12.38 -15.72
N ASP B 20 44.12 12.79 -16.41
CA ASP B 20 44.19 13.14 -17.82
C ASP B 20 43.18 14.25 -18.08
N ILE B 21 43.61 15.26 -18.83
CA ILE B 21 42.76 16.43 -19.10
C ILE B 21 41.82 16.20 -20.27
N THR B 22 41.94 15.06 -20.97
CA THR B 22 41.16 14.78 -22.16
C THR B 22 39.76 14.26 -21.86
N LEU B 23 39.35 14.23 -20.60
CA LEU B 23 38.06 13.67 -20.21
C LEU B 23 36.92 14.69 -20.18
N ALA B 24 37.20 15.95 -20.50
CA ALA B 24 36.19 17.00 -20.34
C ALA B 24 35.14 16.98 -21.44
N ALA B 25 35.48 16.47 -22.63
CA ALA B 25 34.61 16.60 -23.79
C ALA B 25 33.25 15.95 -23.54
N TRP B 26 33.25 14.67 -23.14
CA TRP B 26 32.01 14.01 -22.79
C TRP B 26 31.54 14.38 -21.39
N GLY B 27 32.42 14.92 -20.56
CA GLY B 27 32.02 15.40 -19.25
C GLY B 27 31.02 16.55 -19.34
N ARG B 28 31.25 17.47 -20.30
CA ARG B 28 30.30 18.56 -20.50
C ARG B 28 28.95 18.03 -20.96
N ARG B 29 28.94 17.02 -21.83
CA ARG B 29 27.69 16.43 -22.31
C ARG B 29 26.93 15.74 -21.19
N GLU B 30 27.64 15.00 -20.33
CA GLU B 30 27.00 14.38 -19.18
C GLU B 30 26.51 15.43 -18.19
N LEU B 31 27.25 16.53 -18.07
CA LEU B 31 26.76 17.66 -17.28
C LEU B 31 25.44 18.18 -17.84
N ILE B 32 25.34 18.27 -19.16
CA ILE B 32 24.09 18.73 -19.78
C ILE B 32 22.95 17.76 -19.48
N ILE B 33 23.20 16.46 -19.62
CA ILE B 33 22.10 15.51 -19.43
C ILE B 33 21.68 15.45 -17.97
N ALA B 34 22.60 15.67 -17.03
CA ALA B 34 22.23 15.75 -15.63
C ALA B 34 21.70 17.12 -15.22
N GLU B 35 21.88 18.13 -16.07
CA GLU B 35 21.49 19.50 -15.76
C GLU B 35 19.99 19.67 -15.65
N SER B 36 19.21 18.93 -16.45
CA SER B 36 17.77 19.11 -16.43
C SER B 36 17.10 18.55 -15.19
N GLU B 37 17.82 17.83 -14.34
CA GLU B 37 17.24 17.13 -13.20
C GLU B 37 17.25 17.96 -11.91
N MET B 38 17.72 19.21 -11.95
CA MET B 38 17.79 20.05 -10.76
C MET B 38 17.04 21.35 -10.98
N PRO B 39 15.73 21.37 -10.73
CA PRO B 39 14.96 22.61 -10.91
C PRO B 39 15.40 23.75 -10.00
N ALA B 40 15.85 23.48 -8.78
CA ALA B 40 16.14 24.58 -7.85
C ALA B 40 17.39 25.34 -8.27
N LEU B 41 18.48 24.62 -8.58
CA LEU B 41 19.75 25.25 -8.93
C LEU B 41 19.67 26.02 -10.25
N MET B 42 18.63 25.80 -11.05
CA MET B 42 18.43 26.53 -12.28
C MET B 42 17.37 27.61 -12.17
N GLY B 43 16.32 27.39 -11.38
CA GLY B 43 15.32 28.41 -11.18
C GLY B 43 15.81 29.53 -10.29
N LEU B 44 16.77 29.26 -9.41
CA LEU B 44 17.37 30.34 -8.62
C LEU B 44 18.09 31.32 -9.53
N ARG B 45 18.93 30.81 -10.43
CA ARG B 45 19.60 31.68 -11.40
C ARG B 45 18.60 32.30 -12.38
N ARG B 46 17.60 31.52 -12.80
CA ARG B 46 16.72 31.93 -13.88
C ARG B 46 15.94 33.19 -13.52
N LYS B 47 15.74 33.44 -12.23
CA LYS B 47 15.08 34.66 -11.77
C LYS B 47 16.05 35.68 -11.21
N TYR B 48 17.10 35.23 -10.51
CA TYR B 48 18.09 36.15 -9.97
C TYR B 48 19.01 36.72 -11.04
N ALA B 49 18.93 36.23 -12.27
CA ALA B 49 19.71 36.81 -13.36
C ALA B 49 19.26 38.24 -13.62
N GLY B 50 20.18 39.03 -14.17
CA GLY B 50 19.93 40.44 -14.36
C GLY B 50 20.50 41.25 -13.22
N GLN B 51 19.95 41.03 -12.02
CA GLN B 51 20.51 41.62 -10.81
C GLN B 51 21.68 40.76 -10.34
N GLN B 52 22.68 41.41 -9.75
CA GLN B 52 23.94 40.76 -9.37
C GLN B 52 24.06 40.79 -7.86
N PRO B 53 23.62 39.73 -7.16
CA PRO B 53 23.69 39.75 -5.69
C PRO B 53 25.05 39.38 -5.14
N LEU B 54 25.91 38.72 -5.92
CA LEU B 54 27.23 38.33 -5.46
C LEU B 54 28.33 39.04 -6.25
N LYS B 55 28.04 40.24 -6.76
CA LYS B 55 29.00 41.01 -7.52
C LYS B 55 30.24 41.33 -6.68
N GLY B 56 31.39 40.78 -7.06
CA GLY B 56 32.61 40.98 -6.31
C GLY B 56 32.80 40.08 -5.12
N ALA B 57 31.94 39.09 -4.93
CA ALA B 57 32.05 38.17 -3.80
C ALA B 57 33.01 37.05 -4.15
N LYS B 58 34.19 37.06 -3.51
CA LYS B 58 35.21 36.04 -3.75
C LYS B 58 34.95 34.88 -2.78
N ILE B 59 34.39 33.80 -3.29
CA ILE B 59 33.98 32.67 -2.46
C ILE B 59 34.99 31.54 -2.61
N LEU B 60 35.37 30.95 -1.48
CA LEU B 60 36.25 29.78 -1.46
C LEU B 60 35.43 28.61 -0.93
N GLY B 61 35.37 27.53 -1.72
CA GLY B 61 34.48 26.44 -1.41
C GLY B 61 35.19 25.09 -1.50
N CYS B 62 34.62 24.12 -0.78
CA CYS B 62 35.15 22.76 -0.82
C CYS B 62 34.03 21.72 -0.80
N ILE B 63 32.82 22.07 -1.25
CA ILE B 63 31.74 21.11 -1.34
C ILE B 63 32.16 19.98 -2.30
N HIS B 64 31.68 18.77 -2.02
CA HIS B 64 32.01 17.59 -2.81
C HIS B 64 31.68 17.84 -4.28
N MET B 65 32.70 17.88 -5.14
CA MET B 65 32.45 18.15 -6.55
C MET B 65 31.98 16.88 -7.24
N THR B 66 30.81 16.95 -7.86
CA THR B 66 30.28 15.90 -8.71
C THR B 66 29.65 16.57 -9.93
N ILE B 67 29.23 15.76 -10.89
CA ILE B 67 28.62 16.30 -12.09
C ILE B 67 27.35 17.07 -11.74
N GLN B 68 26.62 16.63 -10.71
CA GLN B 68 25.45 17.39 -10.29
C GLN B 68 25.84 18.69 -9.59
N THR B 69 27.02 18.73 -8.96
CA THR B 69 27.53 19.97 -8.39
C THR B 69 28.26 20.83 -9.41
N GLY B 70 28.46 20.31 -10.63
CA GLY B 70 28.99 21.14 -11.69
C GLY B 70 28.09 22.33 -11.97
N VAL B 71 26.77 22.09 -12.00
CA VAL B 71 25.84 23.21 -12.18
C VAL B 71 25.85 24.11 -10.96
N LEU B 72 26.09 23.56 -9.77
CA LEU B 72 26.24 24.40 -8.57
C LEU B 72 27.38 25.40 -8.74
N ILE B 73 28.56 24.89 -9.12
CA ILE B 73 29.72 25.76 -9.32
C ILE B 73 29.44 26.75 -10.45
N GLU B 74 28.83 26.26 -11.53
CA GLU B 74 28.59 27.11 -12.70
C GLU B 74 27.63 28.24 -12.39
N THR B 75 26.53 27.96 -11.66
CA THR B 75 25.61 29.05 -11.32
C THR B 75 26.20 29.96 -10.26
N LEU B 76 27.03 29.44 -9.36
CA LEU B 76 27.65 30.31 -8.38
C LEU B 76 28.62 31.29 -9.03
N VAL B 77 29.35 30.84 -10.06
CA VAL B 77 30.24 31.74 -10.76
C VAL B 77 29.50 32.59 -11.79
N ALA B 78 28.32 32.16 -12.24
CA ALA B 78 27.51 32.95 -13.14
C ALA B 78 26.61 33.94 -12.41
N LEU B 79 26.53 33.88 -11.09
CA LEU B 79 25.73 34.80 -10.31
C LEU B 79 26.55 35.97 -9.80
N GLY B 80 27.82 36.07 -10.20
CA GLY B 80 28.68 37.17 -9.84
C GLY B 80 29.88 36.81 -8.99
N ALA B 81 30.03 35.57 -8.55
CA ALA B 81 31.10 35.18 -7.64
C ALA B 81 32.27 34.56 -8.39
N GLU B 82 33.42 34.57 -7.74
CA GLU B 82 34.64 33.92 -8.22
C GLU B 82 35.06 32.88 -7.19
N VAL B 83 35.32 31.66 -7.65
CA VAL B 83 35.35 30.49 -6.77
C VAL B 83 36.60 29.66 -7.04
N ARG B 84 37.21 29.18 -5.95
CA ARG B 84 38.29 28.21 -6.01
C ARG B 84 37.91 27.00 -5.17
N TRP B 85 38.32 25.81 -5.61
CA TRP B 85 37.71 24.57 -5.14
C TRP B 85 38.76 23.55 -4.70
N SER B 86 38.28 22.58 -3.90
CA SER B 86 39.07 21.44 -3.46
C SER B 86 38.10 20.37 -2.98
N SER B 87 38.63 19.19 -2.68
CA SER B 87 37.84 18.01 -2.31
C SER B 87 38.17 17.59 -0.88
N CYS B 88 37.32 17.98 0.10
CA CYS B 88 37.78 17.67 1.46
C CYS B 88 37.54 16.20 1.85
N ASN B 89 37.13 15.34 0.94
CA ASN B 89 37.18 13.91 1.17
C ASN B 89 37.93 13.27 0.01
N ILE B 90 38.81 12.33 0.34
CA ILE B 90 39.70 11.74 -0.66
C ILE B 90 38.89 11.02 -1.74
N PHE B 91 37.84 10.31 -1.34
CA PHE B 91 37.08 9.46 -2.26
C PHE B 91 35.81 10.12 -2.80
N SER B 92 35.52 11.37 -2.42
CA SER B 92 34.30 12.03 -2.87
C SER B 92 34.59 12.85 -4.13
N THR B 93 34.76 12.13 -5.23
CA THR B 93 35.09 12.77 -6.50
C THR B 93 34.51 11.95 -7.64
N GLN B 94 33.92 12.64 -8.61
CA GLN B 94 33.48 12.06 -9.86
C GLN B 94 34.44 12.48 -10.95
N ASP B 95 34.86 11.52 -11.79
CA ASP B 95 36.05 11.71 -12.62
C ASP B 95 35.83 12.79 -13.67
N GLN B 96 34.67 12.76 -14.34
CA GLN B 96 34.48 13.63 -15.50
C GLN B 96 34.33 15.10 -15.10
N ALA B 97 33.70 15.36 -13.95
CA ALA B 97 33.33 16.72 -13.59
C ALA B 97 34.56 17.61 -13.40
N ALA B 98 35.63 17.05 -12.84
CA ALA B 98 36.83 17.85 -12.61
C ALA B 98 37.35 18.47 -13.90
N ALA B 99 37.53 17.64 -14.94
CA ALA B 99 37.97 18.16 -16.22
C ALA B 99 36.89 19.01 -16.88
N ALA B 100 35.61 18.61 -16.74
CA ALA B 100 34.54 19.33 -17.42
C ALA B 100 34.37 20.75 -16.88
N ILE B 101 34.79 20.98 -15.63
CA ILE B 101 34.74 22.33 -15.07
C ILE B 101 36.09 23.02 -15.10
N ALA B 102 37.19 22.27 -15.24
CA ALA B 102 38.49 22.90 -15.44
C ALA B 102 38.64 23.43 -16.85
N ALA B 103 37.94 22.82 -17.83
CA ALA B 103 38.00 23.31 -19.20
C ALA B 103 37.45 24.74 -19.30
N ALA B 104 36.53 25.12 -18.43
CA ALA B 104 36.00 26.46 -18.42
C ALA B 104 36.96 27.48 -17.82
N GLY B 105 38.06 27.02 -17.23
CA GLY B 105 39.05 27.91 -16.64
C GLY B 105 39.02 28.01 -15.13
N ILE B 106 38.19 27.23 -14.46
CA ILE B 106 38.11 27.24 -13.00
C ILE B 106 39.13 26.25 -12.46
N PRO B 107 40.08 26.68 -11.63
CA PRO B 107 41.10 25.76 -11.10
C PRO B 107 40.50 24.80 -10.09
N VAL B 108 40.68 23.50 -10.33
CA VAL B 108 40.22 22.45 -9.43
C VAL B 108 41.40 21.55 -9.12
N PHE B 109 41.66 21.34 -7.83
CA PHE B 109 42.83 20.60 -7.36
C PHE B 109 42.45 19.24 -6.80
N ALA B 110 41.37 18.64 -7.28
CA ALA B 110 40.93 17.34 -6.78
C ALA B 110 41.93 16.28 -7.18
N TRP B 111 42.51 15.60 -6.19
CA TRP B 111 43.50 14.57 -6.45
C TRP B 111 42.81 13.27 -6.85
N LYS B 112 43.13 12.77 -8.05
CA LYS B 112 42.79 11.40 -8.40
C LYS B 112 43.83 10.40 -7.90
N GLY B 113 45.00 10.86 -7.46
CA GLY B 113 45.93 9.98 -6.79
C GLY B 113 45.35 9.42 -5.49
N GLU B 114 44.46 10.17 -4.85
CA GLU B 114 43.69 9.73 -3.69
C GLU B 114 44.61 9.31 -2.54
N THR B 115 45.34 10.31 -2.03
CA THR B 115 46.18 10.14 -0.85
C THR B 115 45.94 11.32 0.09
N GLU B 116 46.38 11.14 1.34
CA GLU B 116 46.06 12.12 2.38
C GLU B 116 46.87 13.40 2.23
N GLU B 117 48.20 13.28 2.30
CA GLU B 117 49.06 14.46 2.32
C GLU B 117 49.01 15.23 1.01
N GLU B 118 48.63 14.59 -0.09
CA GLU B 118 48.50 15.33 -1.35
C GLU B 118 47.35 16.33 -1.31
N TYR B 119 46.18 15.90 -0.85
CA TYR B 119 45.11 16.85 -0.65
C TYR B 119 45.41 17.81 0.50
N GLU B 120 46.19 17.38 1.50
CA GLU B 120 46.61 18.30 2.54
C GLU B 120 47.43 19.45 1.95
N TRP B 121 48.32 19.12 1.01
CA TRP B 121 49.04 20.15 0.26
C TRP B 121 48.07 21.02 -0.53
N CYS B 122 47.11 20.38 -1.22
CA CYS B 122 46.18 21.14 -2.04
C CYS B 122 45.32 22.09 -1.22
N ILE B 123 45.13 21.83 0.06
CA ILE B 123 44.42 22.79 0.92
C ILE B 123 45.20 24.09 1.00
N GLU B 124 46.50 24.00 1.31
CA GLU B 124 47.28 25.21 1.56
C GLU B 124 47.56 26.00 0.29
N GLN B 125 47.43 25.37 -0.88
CA GLN B 125 47.50 26.10 -2.14
C GLN B 125 46.12 26.45 -2.68
N THR B 126 45.05 26.00 -2.01
CA THR B 126 43.69 26.43 -2.33
C THR B 126 43.44 27.85 -1.84
N ILE B 127 44.28 28.37 -0.95
CA ILE B 127 44.15 29.73 -0.43
C ILE B 127 45.22 30.66 -0.98
N LEU B 128 46.18 30.15 -1.76
CA LEU B 128 47.29 30.95 -2.26
C LEU B 128 47.10 31.22 -3.75
N LYS B 129 47.08 32.51 -4.11
CA LYS B 129 47.06 32.87 -5.53
C LYS B 129 48.39 32.54 -6.19
N ASP B 130 49.48 33.06 -5.63
CA ASP B 130 50.83 32.73 -6.07
C ASP B 130 51.78 32.61 -4.88
N GLY B 131 51.26 32.26 -3.71
CA GLY B 131 51.97 32.38 -2.45
C GLY B 131 51.48 33.52 -1.59
N GLN B 132 51.01 34.59 -2.21
CA GLN B 132 50.26 35.61 -1.52
C GLN B 132 48.83 35.11 -1.34
N PRO B 133 48.31 35.05 -0.12
CA PRO B 133 46.98 34.45 0.10
C PRO B 133 45.90 35.16 -0.72
N TRP B 134 44.99 34.37 -1.27
CA TRP B 134 43.89 34.90 -2.06
C TRP B 134 43.02 35.79 -1.18
N ASP B 135 42.70 36.99 -1.69
CA ASP B 135 41.94 37.95 -0.91
C ASP B 135 40.44 37.67 -0.98
N ALA B 136 40.06 36.43 -0.66
CA ALA B 136 38.65 36.07 -0.65
C ALA B 136 37.97 36.63 0.60
N ASN B 137 36.65 36.76 0.51
CA ASN B 137 35.86 37.29 1.61
C ASN B 137 34.99 36.24 2.31
N MET B 138 34.85 35.04 1.74
CA MET B 138 33.95 34.04 2.30
C MET B 138 34.52 32.65 2.10
N VAL B 139 34.03 31.72 2.92
CA VAL B 139 34.35 30.31 2.81
C VAL B 139 33.05 29.52 2.73
N LEU B 140 32.92 28.71 1.67
CA LEU B 140 31.80 27.77 1.54
C LEU B 140 32.34 26.40 1.93
N ASP B 141 32.37 26.16 3.23
CA ASP B 141 33.11 25.04 3.79
C ASP B 141 32.26 23.78 3.84
N ASP B 142 32.92 22.65 3.63
CA ASP B 142 32.29 21.34 3.72
C ASP B 142 32.97 20.43 4.74
N GLY B 143 34.29 20.45 4.84
CA GLY B 143 34.96 19.49 5.68
C GLY B 143 35.54 20.00 6.98
N GLY B 144 35.65 21.30 7.15
CA GLY B 144 36.06 21.88 8.41
C GLY B 144 37.55 21.98 8.64
N ASP B 145 38.36 21.21 7.90
CA ASP B 145 39.80 21.33 8.06
C ASP B 145 40.30 22.70 7.66
N LEU B 146 39.64 23.34 6.68
CA LEU B 146 39.97 24.72 6.36
C LEU B 146 39.70 25.63 7.54
N THR B 147 38.57 25.43 8.23
CA THR B 147 38.24 26.25 9.39
C THR B 147 39.27 26.08 10.50
N GLU B 148 39.77 24.86 10.69
CA GLU B 148 40.81 24.64 11.69
C GLU B 148 42.06 25.44 11.37
N ILE B 149 42.55 25.35 10.13
CA ILE B 149 43.79 26.03 9.78
C ILE B 149 43.61 27.52 9.57
N LEU B 150 42.38 28.02 9.55
CA LEU B 150 42.19 29.47 9.56
C LEU B 150 42.83 30.08 10.79
N HIS B 151 42.64 29.47 11.95
CA HIS B 151 43.24 29.95 13.18
C HIS B 151 44.51 29.19 13.58
N LYS B 152 44.70 27.97 13.08
CA LYS B 152 45.83 27.14 13.50
C LYS B 152 47.08 27.43 12.68
N LYS B 153 46.96 27.42 11.35
CA LYS B 153 48.13 27.60 10.49
C LYS B 153 48.41 29.07 10.19
N TYR B 154 47.42 29.81 9.72
CA TYR B 154 47.58 31.21 9.33
C TYR B 154 46.54 32.05 10.06
N PRO B 155 46.79 32.43 11.32
CA PRO B 155 45.80 33.23 12.07
C PRO B 155 45.56 34.61 11.49
N GLN B 156 46.19 34.93 10.36
CA GLN B 156 46.11 36.27 9.80
C GLN B 156 44.78 36.54 9.09
N MET B 157 44.10 35.52 8.58
CA MET B 157 42.87 35.75 7.82
C MET B 157 41.61 35.76 8.69
N LEU B 158 41.73 35.65 10.02
CA LEU B 158 40.55 35.82 10.86
C LEU B 158 39.97 37.22 10.74
N GLU B 159 40.81 38.21 10.42
CA GLU B 159 40.38 39.59 10.29
C GLU B 159 39.88 39.94 8.90
N ARG B 160 39.86 38.98 7.97
CA ARG B 160 39.52 39.24 6.58
C ARG B 160 38.13 38.75 6.20
N ILE B 161 37.86 37.45 6.40
CA ILE B 161 36.59 36.89 5.94
C ILE B 161 35.46 37.24 6.90
N HIS B 162 34.24 37.18 6.39
CA HIS B 162 33.08 37.60 7.18
C HIS B 162 31.86 36.70 6.99
N GLY B 163 32.06 35.45 6.57
CA GLY B 163 30.95 34.53 6.44
C GLY B 163 31.35 33.09 6.16
N ILE B 164 30.78 32.15 6.91
CA ILE B 164 31.05 30.72 6.74
C ILE B 164 29.73 29.96 6.78
N THR B 165 29.55 29.05 5.81
CA THR B 165 28.42 28.14 5.78
C THR B 165 28.95 26.72 5.66
N GLU B 166 28.44 25.81 6.49
CA GLU B 166 28.99 24.46 6.59
C GLU B 166 27.87 23.45 6.38
N GLU B 167 28.27 22.23 6.02
CA GLU B 167 27.34 21.19 5.57
C GLU B 167 27.09 20.11 6.62
N THR B 168 28.14 19.46 7.11
CA THR B 168 27.97 18.28 7.94
C THR B 168 27.71 18.65 9.40
N THR B 169 26.95 17.79 10.08
CA THR B 169 26.69 17.99 11.50
C THR B 169 27.94 17.80 12.35
N THR B 170 28.92 17.03 11.86
CA THR B 170 30.18 16.92 12.58
C THR B 170 30.98 18.20 12.56
N GLY B 171 30.61 19.16 11.74
CA GLY B 171 31.25 20.47 11.73
C GLY B 171 30.54 21.44 12.66
N VAL B 172 29.21 21.39 12.68
CA VAL B 172 28.50 22.27 13.61
C VAL B 172 28.73 21.83 15.04
N HIS B 173 28.97 20.53 15.27
CA HIS B 173 29.29 20.06 16.62
C HIS B 173 30.50 20.78 17.19
N ARG B 174 31.38 21.29 16.33
CA ARG B 174 32.49 22.13 16.78
C ARG B 174 32.12 23.61 16.70
N LEU B 175 31.45 24.01 15.62
CA LEU B 175 31.21 25.43 15.37
C LEU B 175 30.32 26.06 16.43
N LEU B 176 29.25 25.38 16.84
CA LEU B 176 28.26 26.01 17.71
C LEU B 176 28.56 25.85 19.19
N ASP B 177 29.54 25.03 19.58
CA ASP B 177 29.96 24.97 20.98
C ASP B 177 31.31 25.61 21.23
N MET B 178 32.20 25.68 20.23
CA MET B 178 33.41 26.46 20.34
C MET B 178 33.12 27.95 20.38
N LEU B 179 31.88 28.36 20.06
CA LEU B 179 31.48 29.76 20.16
C LEU B 179 31.58 30.28 21.59
N LYS B 180 31.67 29.38 22.58
CA LYS B 180 31.66 29.78 23.98
C LYS B 180 32.76 30.78 24.32
N ASN B 181 33.90 30.71 23.62
CA ASN B 181 35.00 31.64 23.86
C ASN B 181 35.15 32.68 22.76
N GLY B 182 34.34 32.61 21.71
CA GLY B 182 34.43 33.57 20.62
C GLY B 182 35.75 33.53 19.88
N THR B 183 36.29 32.34 19.65
CA THR B 183 37.57 32.23 18.94
C THR B 183 37.44 32.72 17.49
N LEU B 184 36.36 32.33 16.81
CA LEU B 184 36.05 32.86 15.48
C LEU B 184 34.94 33.89 15.64
N LYS B 185 35.32 35.16 15.58
CA LYS B 185 34.35 36.27 15.68
C LYS B 185 33.72 36.59 14.33
N VAL B 186 33.16 35.55 13.71
CA VAL B 186 32.57 35.65 12.37
C VAL B 186 31.21 34.98 12.37
N PRO B 187 30.19 35.58 11.74
CA PRO B 187 28.87 34.95 11.69
C PRO B 187 28.89 33.69 10.82
N ALA B 188 28.10 32.70 11.23
CA ALA B 188 27.99 31.45 10.50
C ALA B 188 26.56 30.94 10.59
N ILE B 189 26.14 30.20 9.55
CA ILE B 189 24.79 29.68 9.44
C ILE B 189 24.86 28.17 9.25
N ASN B 190 24.13 27.44 10.08
CA ASN B 190 24.02 25.99 9.95
C ASN B 190 22.76 25.67 9.16
N VAL B 191 22.86 24.65 8.30
CA VAL B 191 21.78 24.30 7.37
C VAL B 191 21.31 22.87 7.52
N ASN B 192 21.85 22.10 8.47
CA ASN B 192 21.50 20.69 8.54
C ASN B 192 20.09 20.52 9.14
N ASP B 193 19.72 21.36 10.10
CA ASP B 193 18.41 21.26 10.73
C ASP B 193 17.31 21.90 9.90
N SER B 194 17.61 22.36 8.68
CA SER B 194 16.60 22.99 7.84
C SER B 194 15.56 21.95 7.39
N VAL B 195 14.35 22.44 7.10
CA VAL B 195 13.23 21.55 6.83
C VAL B 195 13.44 20.80 5.52
N THR B 196 13.83 21.52 4.46
CA THR B 196 13.95 20.92 3.13
C THR B 196 15.17 20.02 3.03
N LYS B 197 16.01 19.95 4.07
CA LYS B 197 17.08 18.97 4.10
C LYS B 197 16.85 17.87 5.12
N SER B 198 16.12 18.16 6.19
CA SER B 198 15.87 17.16 7.22
C SER B 198 15.02 16.01 6.72
N LYS B 199 14.31 16.19 5.60
CA LYS B 199 13.42 15.14 5.08
C LYS B 199 13.66 14.89 3.58
N ASN B 200 14.92 15.05 3.16
CA ASN B 200 15.30 14.77 1.75
C ASN B 200 16.41 13.73 1.75
N ASP B 201 17.50 14.01 2.47
CA ASP B 201 18.64 13.10 2.48
C ASP B 201 18.30 11.78 3.15
N ASN B 202 17.52 11.82 4.23
CA ASN B 202 17.31 10.65 5.09
C ASN B 202 16.02 9.89 4.78
N LYS B 203 14.88 10.57 4.73
CA LYS B 203 13.60 9.85 4.65
C LYS B 203 13.34 9.31 3.24
N TYR B 204 13.20 10.20 2.27
CA TYR B 204 12.84 9.77 0.92
C TYR B 204 14.01 9.19 0.15
N GLY B 205 15.26 9.52 0.52
CA GLY B 205 16.40 8.95 -0.17
C GLY B 205 16.53 7.45 0.07
N CYS B 206 16.44 7.03 1.34
CA CYS B 206 16.53 5.61 1.65
C CYS B 206 15.36 4.85 1.07
N ARG B 207 14.15 5.42 1.14
CA ARG B 207 12.98 4.79 0.54
C ARG B 207 13.21 4.50 -0.93
N HIS B 208 13.87 5.41 -1.64
CA HIS B 208 14.13 5.23 -3.06
C HIS B 208 15.28 4.26 -3.32
N SER B 209 16.30 4.27 -2.48
CA SER B 209 17.56 3.62 -2.83
C SER B 209 17.77 2.24 -2.20
N LEU B 210 17.09 1.91 -1.10
CA LEU B 210 17.44 0.72 -0.34
C LEU B 210 17.09 -0.56 -1.11
N ASN B 211 15.89 -0.63 -1.66
CA ASN B 211 15.50 -1.82 -2.41
C ASN B 211 16.33 -1.99 -3.67
N ASP B 212 16.64 -0.87 -4.35
CA ASP B 212 17.50 -0.96 -5.52
C ASP B 212 18.88 -1.47 -5.13
N ALA B 213 19.42 -0.99 -4.00
CA ALA B 213 20.74 -1.43 -3.55
C ALA B 213 20.74 -2.92 -3.23
N ILE B 214 19.70 -3.40 -2.56
CA ILE B 214 19.67 -4.82 -2.20
C ILE B 214 19.48 -5.68 -3.44
N LYS B 215 18.67 -5.22 -4.40
CA LYS B 215 18.39 -6.03 -5.58
C LYS B 215 19.53 -6.04 -6.58
N ARG B 216 20.32 -4.96 -6.64
CA ARG B 216 21.47 -4.96 -7.56
C ARG B 216 22.53 -5.96 -7.13
N GLY B 217 22.63 -6.24 -5.84
CA GLY B 217 23.64 -7.15 -5.34
C GLY B 217 23.14 -8.57 -5.16
N THR B 218 21.89 -8.73 -4.75
CA THR B 218 21.36 -10.06 -4.45
C THR B 218 20.56 -10.67 -5.59
N ASP B 219 19.82 -9.86 -6.35
CA ASP B 219 18.91 -10.32 -7.40
C ASP B 219 17.86 -11.28 -6.86
N HIS B 220 17.54 -11.17 -5.58
CA HIS B 220 16.58 -12.05 -4.95
C HIS B 220 15.16 -11.62 -5.26
N LEU B 221 14.22 -12.48 -4.91
CA LEU B 221 12.79 -12.17 -4.97
C LEU B 221 12.36 -11.81 -3.55
N LEU B 222 12.03 -10.54 -3.34
CA LEU B 222 11.80 -10.07 -1.98
C LEU B 222 10.47 -10.53 -1.42
N SER B 223 9.46 -10.71 -2.27
CA SER B 223 8.13 -11.03 -1.79
C SER B 223 8.11 -12.39 -1.11
N GLY B 224 7.56 -12.45 0.10
CA GLY B 224 7.44 -13.67 0.85
C GLY B 224 8.51 -13.92 1.89
N LYS B 225 9.51 -13.05 2.00
CA LYS B 225 10.60 -13.26 2.93
C LYS B 225 10.29 -12.58 4.27
N GLN B 226 11.18 -12.78 5.24
CA GLN B 226 11.01 -12.27 6.60
C GLN B 226 12.27 -11.51 7.01
N ALA B 227 12.13 -10.21 7.22
CA ALA B 227 13.26 -9.36 7.56
C ALA B 227 13.05 -8.72 8.93
N LEU B 228 14.14 -8.20 9.49
CA LEU B 228 14.12 -7.49 10.76
C LEU B 228 14.89 -6.19 10.62
N VAL B 229 14.22 -5.07 10.86
CA VAL B 229 14.82 -3.74 10.79
C VAL B 229 14.90 -3.18 12.20
N ILE B 230 16.10 -2.78 12.61
CA ILE B 230 16.37 -2.36 13.97
C ILE B 230 16.53 -0.84 13.99
N GLY B 231 15.64 -0.17 14.69
CA GLY B 231 15.57 1.27 14.72
C GLY B 231 14.40 1.80 13.89
N TYR B 232 13.83 2.91 14.35
CA TYR B 232 12.68 3.51 13.66
C TYR B 232 12.82 5.02 13.61
N GLY B 233 14.01 5.50 13.25
CA GLY B 233 14.22 6.91 13.01
C GLY B 233 13.69 7.32 11.65
N ASP B 234 14.09 8.52 11.21
CA ASP B 234 13.70 8.97 9.88
C ASP B 234 14.24 8.04 8.81
N VAL B 235 15.50 7.66 8.92
CA VAL B 235 16.06 6.65 8.00
C VAL B 235 15.34 5.33 8.16
N GLY B 236 14.99 4.99 9.42
CA GLY B 236 14.24 3.77 9.66
C GLY B 236 12.82 3.84 9.10
N LYS B 237 12.17 4.99 9.25
CA LYS B 237 10.83 5.15 8.69
C LYS B 237 10.85 5.04 7.17
N GLY B 238 11.83 5.66 6.52
CA GLY B 238 11.94 5.53 5.08
C GLY B 238 12.30 4.12 4.64
N SER B 239 13.16 3.45 5.40
CA SER B 239 13.61 2.12 5.01
C SER B 239 12.49 1.10 5.03
N SER B 240 11.62 1.16 6.04
CA SER B 240 10.62 0.12 6.23
C SER B 240 9.64 0.07 5.07
N GLN B 241 9.22 1.23 4.55
CA GLN B 241 8.28 1.25 3.44
C GLN B 241 8.87 0.62 2.19
N SER B 242 10.16 0.86 1.94
CA SER B 242 10.82 0.29 0.78
C SER B 242 10.82 -1.23 0.80
N LEU B 243 10.73 -1.85 1.97
CA LEU B 243 10.61 -3.30 2.07
C LEU B 243 9.17 -3.77 2.06
N ARG B 244 8.26 -3.05 2.72
CA ARG B 244 6.86 -3.45 2.70
C ARG B 244 6.29 -3.40 1.29
N GLN B 245 6.68 -2.39 0.49
CA GLN B 245 6.15 -2.27 -0.86
C GLN B 245 6.61 -3.41 -1.77
N GLU B 246 7.61 -4.19 -1.37
CA GLU B 246 8.10 -5.31 -2.16
C GLU B 246 7.53 -6.65 -1.68
N GLY B 247 6.39 -6.62 -0.99
CA GLY B 247 5.75 -7.84 -0.52
C GLY B 247 6.48 -8.56 0.60
N MET B 248 7.09 -7.82 1.53
CA MET B 248 7.86 -8.40 2.60
C MET B 248 7.13 -8.24 3.92
N ILE B 249 7.26 -9.23 4.79
CA ILE B 249 6.76 -9.16 6.16
C ILE B 249 7.95 -8.96 7.08
N VAL B 250 7.90 -7.89 7.88
CA VAL B 250 9.07 -7.38 8.58
C VAL B 250 8.70 -6.94 9.99
N LYS B 251 9.66 -7.02 10.89
CA LYS B 251 9.50 -6.59 12.28
C LYS B 251 10.40 -5.39 12.55
N VAL B 252 9.99 -4.56 13.52
CA VAL B 252 10.73 -3.37 13.90
C VAL B 252 10.99 -3.40 15.39
N ALA B 253 12.24 -3.12 15.78
CA ALA B 253 12.63 -3.05 17.18
C ALA B 253 13.32 -1.72 17.43
N GLU B 254 13.26 -1.27 18.68
CA GLU B 254 13.86 0.00 19.05
C GLU B 254 14.07 0.05 20.56
N VAL B 255 14.70 1.12 21.01
CA VAL B 255 14.89 1.37 22.43
C VAL B 255 14.12 2.60 22.91
N ASP B 256 13.72 3.50 22.02
CA ASP B 256 12.99 4.70 22.41
C ASP B 256 11.49 4.43 22.35
N PRO B 257 10.76 4.58 23.45
CA PRO B 257 9.34 4.19 23.46
C PRO B 257 8.46 4.96 22.48
N ILE B 258 8.73 6.24 22.23
CA ILE B 258 7.81 7.05 21.43
C ILE B 258 7.84 6.61 19.97
N CYS B 259 9.03 6.43 19.41
CA CYS B 259 9.12 5.97 18.03
C CYS B 259 8.61 4.54 17.90
N ALA B 260 8.75 3.71 18.93
CA ALA B 260 8.15 2.40 18.92
C ALA B 260 6.62 2.50 18.88
N MET B 261 6.06 3.46 19.63
CA MET B 261 4.62 3.70 19.57
C MET B 261 4.19 4.10 18.16
N GLN B 262 5.00 4.93 17.51
CA GLN B 262 4.73 5.25 16.10
C GLN B 262 4.79 4.01 15.23
N ALA B 263 5.77 3.14 15.48
CA ALA B 263 5.91 1.92 14.68
C ALA B 263 4.71 1.01 14.84
N CYS B 264 4.13 0.95 16.04
CA CYS B 264 2.93 0.15 16.24
C CYS B 264 1.77 0.67 15.41
N MET B 265 1.71 1.97 15.17
CA MET B 265 0.62 2.56 14.40
C MET B 265 0.83 2.43 12.89
N ASP B 266 2.04 2.09 12.45
CA ASP B 266 2.34 2.01 11.03
C ASP B 266 2.13 0.58 10.51
N GLY B 267 1.76 -0.35 11.39
CA GLY B 267 1.54 -1.72 10.98
C GLY B 267 2.71 -2.64 11.15
N PHE B 268 3.65 -2.32 12.03
CA PHE B 268 4.81 -3.17 12.29
C PHE B 268 4.71 -3.75 13.69
N GLU B 269 5.18 -4.99 13.83
CA GLU B 269 5.18 -5.66 15.13
C GLU B 269 6.49 -5.39 15.85
N VAL B 270 6.38 -5.03 17.13
CA VAL B 270 7.54 -4.67 17.95
C VAL B 270 7.98 -5.91 18.73
N VAL B 271 9.24 -6.30 18.55
CA VAL B 271 9.82 -7.44 19.25
C VAL B 271 11.20 -7.02 19.77
N SER B 272 11.82 -7.92 20.52
CA SER B 272 13.17 -7.69 21.02
C SER B 272 13.97 -8.98 20.88
N PRO B 273 15.24 -8.88 20.49
CA PRO B 273 16.08 -10.08 20.39
C PRO B 273 16.39 -10.72 21.73
N TYR B 274 16.14 -10.05 22.84
CA TYR B 274 16.43 -10.56 24.17
C TYR B 274 15.12 -10.77 24.93
N LYS B 275 15.12 -11.74 25.83
CA LYS B 275 13.91 -12.05 26.60
C LYS B 275 13.57 -10.90 27.54
N ASN B 276 12.31 -10.45 27.49
CA ASN B 276 11.80 -9.38 28.32
C ASN B 276 12.48 -8.04 28.05
N GLY B 277 13.39 -8.01 27.08
CA GLY B 277 14.10 -6.80 26.72
C GLY B 277 15.37 -6.52 27.50
N ILE B 278 15.69 -7.33 28.50
CA ILE B 278 16.89 -7.11 29.31
C ILE B 278 18.05 -7.85 28.67
N ASN B 279 19.11 -7.12 28.37
CA ASN B 279 20.32 -7.69 27.78
C ASN B 279 21.34 -7.91 28.90
N ASP B 280 21.74 -9.16 29.10
CA ASP B 280 22.66 -9.52 30.18
C ASP B 280 23.96 -10.13 29.69
N GLY B 281 24.20 -10.15 28.38
CA GLY B 281 25.49 -10.59 27.86
C GLY B 281 25.75 -12.07 27.93
N THR B 282 24.72 -12.90 27.95
CA THR B 282 24.88 -14.35 27.98
C THR B 282 23.92 -14.98 26.98
N GLU B 283 24.26 -16.21 26.56
CA GLU B 283 23.46 -16.92 25.57
C GLU B 283 22.08 -17.31 26.10
N ALA B 284 21.86 -17.24 27.41
CA ALA B 284 20.59 -17.65 27.98
C ALA B 284 19.49 -16.63 27.76
N SER B 285 19.81 -15.45 27.22
CA SER B 285 18.82 -14.38 27.09
C SER B 285 18.34 -14.17 25.66
N ILE B 286 19.05 -14.69 24.66
CA ILE B 286 18.64 -14.49 23.28
C ILE B 286 17.38 -15.32 23.00
N ASP B 287 16.37 -14.65 22.47
CA ASP B 287 15.11 -15.30 22.11
C ASP B 287 15.32 -16.08 20.82
N ALA B 288 15.44 -17.40 20.92
CA ALA B 288 15.73 -18.24 19.77
C ALA B 288 14.50 -18.48 18.89
N ALA B 289 13.32 -18.04 19.32
CA ALA B 289 12.11 -18.32 18.56
C ALA B 289 12.09 -17.58 17.23
N LEU B 290 12.51 -16.31 17.22
CA LEU B 290 12.36 -15.51 16.02
C LEU B 290 13.63 -15.48 15.16
N LEU B 291 14.81 -15.62 15.77
CA LEU B 291 16.04 -15.62 14.98
C LEU B 291 16.20 -16.89 14.15
N GLY B 292 15.37 -17.91 14.39
CA GLY B 292 15.37 -19.10 13.58
C GLY B 292 14.52 -19.03 12.33
N LYS B 293 13.92 -17.87 12.07
CA LYS B 293 13.07 -17.70 10.88
C LYS B 293 13.35 -16.43 10.09
N ILE B 294 13.96 -15.40 10.69
CA ILE B 294 14.29 -14.19 9.96
C ILE B 294 15.45 -14.46 9.01
N ASP B 295 15.43 -13.81 7.83
CA ASP B 295 16.48 -14.04 6.84
C ASP B 295 17.03 -12.76 6.22
N LEU B 296 16.82 -11.60 6.83
CA LEU B 296 17.40 -10.36 6.34
C LEU B 296 17.44 -9.34 7.47
N ILE B 297 18.57 -8.65 7.59
CA ILE B 297 18.79 -7.69 8.67
C ILE B 297 19.16 -6.34 8.05
N VAL B 298 18.48 -5.29 8.50
CA VAL B 298 18.81 -3.92 8.15
C VAL B 298 18.95 -3.13 9.44
N THR B 299 20.13 -2.56 9.68
CA THR B 299 20.39 -1.76 10.86
C THR B 299 20.31 -0.29 10.48
N THR B 300 19.28 0.40 10.98
CA THR B 300 19.01 1.78 10.61
C THR B 300 19.21 2.74 11.78
N THR B 301 20.12 2.42 12.69
CA THR B 301 20.40 3.23 13.86
C THR B 301 21.89 3.45 14.01
N GLY B 302 22.26 4.64 14.47
CA GLY B 302 23.64 5.02 14.68
C GLY B 302 24.18 4.70 16.06
N ASN B 303 24.38 3.41 16.31
CA ASN B 303 24.83 3.00 17.67
C ASN B 303 25.86 1.88 17.53
N VAL B 304 26.57 1.59 18.60
CA VAL B 304 27.57 0.52 18.62
C VAL B 304 26.92 -0.78 19.11
N ASN B 305 27.27 -1.90 18.47
CA ASN B 305 26.83 -3.23 18.86
C ASN B 305 25.31 -3.34 18.88
N VAL B 306 24.66 -2.73 17.89
CA VAL B 306 23.22 -2.94 17.72
C VAL B 306 22.96 -4.39 17.33
N CYS B 307 23.90 -5.01 16.63
CA CYS B 307 23.78 -6.41 16.20
C CYS B 307 25.07 -7.11 16.62
N ASP B 308 25.07 -7.64 17.85
CA ASP B 308 26.27 -8.22 18.46
C ASP B 308 26.47 -9.65 17.95
N ALA B 309 27.36 -10.39 18.60
CA ALA B 309 27.78 -11.70 18.08
C ALA B 309 26.74 -12.77 18.33
N ASN B 310 26.01 -12.70 19.45
CA ASN B 310 25.12 -13.80 19.82
C ASN B 310 24.01 -13.98 18.79
N MET B 311 23.39 -12.88 18.36
CA MET B 311 22.36 -12.98 17.33
C MET B 311 22.92 -13.41 15.98
N LEU B 312 24.21 -13.19 15.74
CA LEU B 312 24.82 -13.70 14.51
C LEU B 312 25.04 -15.20 14.59
N LYS B 313 25.38 -15.71 15.78
CA LYS B 313 25.59 -17.14 15.93
C LYS B 313 24.28 -17.91 15.92
N ALA B 314 23.18 -17.29 16.35
CA ALA B 314 21.88 -17.94 16.40
C ALA B 314 21.00 -17.64 15.19
N LEU B 315 21.52 -16.93 14.20
CA LEU B 315 20.72 -16.56 13.04
C LEU B 315 20.54 -17.74 12.09
N LYS B 316 19.53 -17.63 11.24
CA LYS B 316 19.25 -18.69 10.28
C LYS B 316 20.31 -18.71 9.18
N LYS B 317 20.35 -19.82 8.45
CA LYS B 317 21.39 -20.02 7.44
C LYS B 317 21.23 -19.05 6.27
N ARG B 318 19.98 -18.77 5.87
CA ARG B 318 19.71 -18.03 4.64
C ARG B 318 19.62 -16.53 4.86
N ALA B 319 20.26 -16.00 5.89
CA ALA B 319 20.14 -14.59 6.23
C ALA B 319 21.10 -13.73 5.43
N VAL B 320 20.66 -12.52 5.10
CA VAL B 320 21.46 -11.52 4.41
C VAL B 320 21.62 -10.33 5.34
N VAL B 321 22.87 -9.90 5.53
CA VAL B 321 23.19 -8.83 6.48
C VAL B 321 23.41 -7.54 5.71
N CYS B 322 22.71 -6.48 6.10
CA CYS B 322 22.80 -5.18 5.45
C CYS B 322 22.93 -4.10 6.51
N ASN B 323 23.53 -2.98 6.12
CA ASN B 323 23.74 -1.84 7.02
C ASN B 323 23.47 -0.56 6.27
N ILE B 324 22.76 0.37 6.93
CA ILE B 324 22.49 1.69 6.38
C ILE B 324 22.99 2.80 7.31
N GLY B 325 23.82 2.45 8.29
CA GLY B 325 24.34 3.43 9.23
C GLY B 325 25.46 4.28 8.68
N HIS B 326 26.48 4.55 9.50
CA HIS B 326 27.57 5.43 9.09
C HIS B 326 28.92 4.77 9.26
N PHE B 327 29.08 3.95 10.31
CA PHE B 327 30.34 3.33 10.64
C PHE B 327 30.22 1.82 10.51
N ASP B 328 31.25 1.10 10.96
CA ASP B 328 31.26 -0.35 10.98
C ASP B 328 31.05 -0.92 12.38
N ASN B 329 30.27 -0.23 13.21
CA ASN B 329 30.06 -0.63 14.60
C ASN B 329 28.64 -1.10 14.90
N GLU B 330 27.67 -0.82 14.02
CA GLU B 330 26.32 -1.27 14.27
C GLU B 330 26.20 -2.79 14.25
N ILE B 331 27.09 -3.46 13.53
CA ILE B 331 27.13 -4.92 13.46
C ILE B 331 28.55 -5.36 13.75
N ASP B 332 28.68 -6.42 14.56
CA ASP B 332 29.99 -6.86 15.02
C ASP B 332 30.79 -7.49 13.88
N THR B 333 31.62 -6.69 13.21
CA THR B 333 32.48 -7.19 12.15
C THR B 333 33.79 -7.75 12.67
N ALA B 334 34.26 -7.28 13.83
CA ALA B 334 35.50 -7.79 14.40
C ALA B 334 35.37 -9.27 14.78
N PHE B 335 34.21 -9.67 15.28
CA PHE B 335 33.98 -11.07 15.61
C PHE B 335 34.12 -11.96 14.37
N MET B 336 33.82 -11.40 13.19
CA MET B 336 33.86 -12.18 11.97
C MET B 336 35.28 -12.57 11.60
N ARG B 337 36.20 -11.60 11.61
CA ARG B 337 37.47 -11.75 10.92
C ARG B 337 38.44 -12.68 11.65
N LYS B 338 38.31 -12.81 12.97
CA LYS B 338 39.27 -13.58 13.75
C LYS B 338 38.93 -15.07 13.83
N ASN B 339 37.73 -15.47 13.41
CA ASN B 339 37.41 -16.90 13.40
C ASN B 339 36.70 -17.39 12.15
N TRP B 340 36.19 -16.51 11.29
CA TRP B 340 35.48 -16.92 10.09
C TRP B 340 36.19 -16.34 8.87
N ALA B 341 36.35 -17.16 7.83
CA ALA B 341 36.98 -16.73 6.60
C ALA B 341 35.96 -16.13 5.64
N TRP B 342 36.44 -15.33 4.70
CA TRP B 342 35.61 -14.59 3.78
C TRP B 342 35.87 -15.04 2.36
N GLU B 343 34.82 -14.98 1.52
CA GLU B 343 34.92 -15.30 0.11
C GLU B 343 34.04 -14.34 -0.68
N GLU B 344 34.51 -13.94 -1.86
CA GLU B 344 33.82 -12.99 -2.71
C GLU B 344 33.27 -13.68 -3.95
N VAL B 345 32.01 -13.37 -4.27
CA VAL B 345 31.40 -13.83 -5.51
C VAL B 345 30.97 -12.68 -6.41
N LYS B 346 30.71 -11.50 -5.86
CA LYS B 346 30.30 -10.30 -6.58
C LYS B 346 31.11 -9.15 -6.01
N PRO B 347 31.47 -8.15 -6.85
CA PRO B 347 32.36 -7.07 -6.40
C PRO B 347 32.12 -6.55 -4.98
N GLN B 348 30.86 -6.47 -4.55
CA GLN B 348 30.56 -6.07 -3.18
C GLN B 348 29.47 -6.97 -2.60
N VAL B 349 29.65 -8.29 -2.77
CA VAL B 349 28.85 -9.30 -2.07
C VAL B 349 29.80 -10.40 -1.63
N HIS B 350 29.71 -10.81 -0.37
CA HIS B 350 30.61 -11.79 0.21
C HIS B 350 29.83 -12.93 0.85
N LYS B 351 30.49 -14.08 0.95
CA LYS B 351 30.00 -15.21 1.72
C LYS B 351 30.74 -15.27 3.05
N ILE B 352 29.98 -15.30 4.14
CA ILE B 352 30.54 -15.41 5.49
C ILE B 352 30.31 -16.85 5.94
N HIS B 353 31.33 -17.68 5.78
CA HIS B 353 31.23 -19.09 6.13
C HIS B 353 31.32 -19.23 7.65
N ARG B 354 30.22 -19.67 8.25
CA ARG B 354 30.11 -19.79 9.70
C ARG B 354 30.91 -20.97 10.26
N THR B 355 31.36 -21.89 9.41
CA THR B 355 32.08 -23.06 9.90
C THR B 355 33.38 -22.66 10.60
N GLY B 356 34.15 -21.76 10.00
CA GLY B 356 35.39 -21.34 10.61
C GLY B 356 36.43 -21.01 9.56
N LYS B 357 37.69 -21.17 9.95
CA LYS B 357 38.81 -20.80 9.08
C LYS B 357 39.09 -21.88 8.05
N ASP B 358 39.29 -23.12 8.49
CA ASP B 358 39.67 -24.22 7.63
C ASP B 358 38.51 -25.18 7.42
N GLY B 359 38.69 -26.10 6.48
CA GLY B 359 37.62 -27.00 6.07
C GLY B 359 36.71 -26.32 5.07
N PHE B 360 37.29 -25.79 4.01
CA PHE B 360 36.57 -24.93 3.06
C PHE B 360 35.89 -25.81 2.01
N ASP B 361 34.63 -26.15 2.26
CA ASP B 361 33.83 -26.91 1.32
C ASP B 361 32.89 -25.97 0.57
N ALA B 362 32.62 -26.32 -0.70
CA ALA B 362 31.82 -25.46 -1.56
C ALA B 362 30.34 -25.81 -1.54
N HIS B 363 29.99 -27.07 -1.29
CA HIS B 363 28.60 -27.51 -1.25
C HIS B 363 27.92 -27.17 0.09
N ASN B 364 28.51 -26.29 0.88
CA ASN B 364 28.02 -26.01 2.21
C ASN B 364 26.72 -25.20 2.17
N ASP B 365 25.87 -25.43 3.17
CA ASP B 365 24.70 -24.61 3.42
C ASP B 365 24.86 -23.72 4.64
N ASP B 366 26.00 -23.76 5.31
CA ASP B 366 26.23 -23.06 6.57
C ASP B 366 27.10 -21.84 6.28
N TYR B 367 26.45 -20.75 5.87
CA TYR B 367 27.17 -19.52 5.56
C TYR B 367 26.19 -18.35 5.62
N LEU B 368 26.75 -17.15 5.48
CA LEU B 368 25.97 -15.91 5.48
C LEU B 368 26.33 -15.09 4.25
N ILE B 369 25.49 -14.09 3.96
CA ILE B 369 25.68 -13.21 2.81
C ILE B 369 25.85 -11.79 3.34
N LEU B 370 27.08 -11.29 3.32
CA LEU B 370 27.41 -9.94 3.78
C LEU B 370 27.79 -9.11 2.57
N LEU B 371 27.10 -7.98 2.38
CA LEU B 371 27.26 -7.24 1.13
C LEU B 371 28.47 -6.31 1.15
N ALA B 372 28.38 -5.22 1.91
CA ALA B 372 29.45 -4.21 1.92
C ALA B 372 30.38 -4.36 3.13
N GLU B 373 30.89 -5.57 3.37
CA GLU B 373 31.84 -5.82 4.47
C GLU B 373 31.34 -5.29 5.81
N GLY B 374 30.05 -5.00 5.93
CA GLY B 374 29.51 -4.36 7.11
C GLY B 374 29.49 -2.86 7.07
N ARG B 375 30.12 -2.24 6.07
CA ARG B 375 30.09 -0.79 5.93
C ARG B 375 28.78 -0.36 5.28
N LEU B 376 28.67 0.93 4.98
CA LEU B 376 27.45 1.47 4.42
C LEU B 376 27.15 0.84 3.07
N VAL B 377 26.10 0.01 3.03
CA VAL B 377 25.85 -0.84 1.87
C VAL B 377 25.39 -0.01 0.67
N ASN B 378 24.58 1.01 0.90
CA ASN B 378 23.96 1.75 -0.19
C ASN B 378 25.00 2.35 -1.13
N LEU B 379 26.02 3.00 -0.56
CA LEU B 379 27.06 3.61 -1.37
C LEU B 379 28.12 2.60 -1.82
N GLY B 380 28.05 1.36 -1.36
CA GLY B 380 28.98 0.34 -1.78
C GLY B 380 28.42 -0.59 -2.83
N ASN B 381 27.09 -0.64 -2.94
CA ASN B 381 26.43 -1.56 -3.86
C ASN B 381 25.51 -0.87 -4.87
N ALA B 382 25.24 0.43 -4.71
CA ALA B 382 24.33 1.13 -5.61
C ALA B 382 24.86 2.53 -5.88
N THR B 383 24.17 3.24 -6.78
CA THR B 383 24.61 4.58 -7.16
C THR B 383 24.47 5.56 -5.99
N GLY B 384 23.31 5.60 -5.35
CA GLY B 384 23.08 6.47 -4.22
C GLY B 384 21.85 7.35 -4.43
N HIS B 385 21.93 8.58 -3.97
CA HIS B 385 20.78 9.48 -4.04
C HIS B 385 20.57 9.96 -5.47
N PRO B 386 19.32 10.09 -5.91
CA PRO B 386 19.05 10.67 -7.24
C PRO B 386 19.34 12.16 -7.26
N SER B 387 19.42 12.70 -8.48
CA SER B 387 19.76 14.11 -8.66
C SER B 387 18.70 15.02 -8.08
N ARG B 388 17.42 14.69 -8.27
CA ARG B 388 16.35 15.54 -7.77
C ARG B 388 16.37 15.62 -6.24
N ILE B 389 16.65 14.50 -5.58
CA ILE B 389 16.77 14.51 -4.12
C ILE B 389 17.94 15.37 -3.69
N MET B 390 19.08 15.22 -4.37
CA MET B 390 20.26 16.00 -4.01
C MET B 390 20.13 17.47 -4.38
N ASP B 391 19.15 17.83 -5.20
CA ASP B 391 18.95 19.23 -5.56
C ASP B 391 18.58 20.06 -4.35
N GLY B 392 17.70 19.55 -3.49
CA GLY B 392 17.33 20.28 -2.29
C GLY B 392 18.48 20.41 -1.31
N SER B 393 19.34 19.41 -1.22
CA SER B 393 20.42 19.42 -0.24
C SER B 393 21.53 20.40 -0.60
N PHE B 394 21.65 20.80 -1.87
CA PHE B 394 22.73 21.67 -2.30
C PHE B 394 22.32 23.12 -2.49
N ALA B 395 21.04 23.38 -2.78
CA ALA B 395 20.61 24.76 -3.03
C ALA B 395 20.58 25.60 -1.76
N ASN B 396 20.68 24.99 -0.58
CA ASN B 396 20.66 25.76 0.65
C ASN B 396 21.97 26.51 0.89
N GLN B 397 23.09 25.93 0.48
CA GLN B 397 24.38 26.58 0.68
C GLN B 397 24.46 27.87 -0.11
N VAL B 398 23.88 27.90 -1.31
CA VAL B 398 23.92 29.11 -2.12
C VAL B 398 23.20 30.25 -1.41
N LEU B 399 22.00 29.99 -0.89
CA LEU B 399 21.26 31.04 -0.20
C LEU B 399 21.90 31.39 1.14
N ALA B 400 22.54 30.43 1.80
CA ALA B 400 23.27 30.76 3.02
C ALA B 400 24.40 31.73 2.73
N GLN B 401 25.18 31.48 1.66
CA GLN B 401 26.24 32.38 1.27
C GLN B 401 25.69 33.74 0.86
N ILE B 402 24.59 33.76 0.12
CA ILE B 402 23.99 35.03 -0.32
C ILE B 402 23.50 35.83 0.88
N HIS B 403 22.84 35.17 1.83
CA HIS B 403 22.33 35.85 3.01
C HIS B 403 23.46 36.37 3.89
N LEU B 404 24.57 35.63 3.96
CA LEU B 404 25.75 36.15 4.64
C LEU B 404 26.40 37.29 3.86
N PHE B 405 26.16 37.36 2.54
CA PHE B 405 26.67 38.51 1.78
C PHE B 405 25.84 39.76 2.03
N GLU B 406 24.51 39.62 2.08
CA GLU B 406 23.65 40.79 2.19
C GLU B 406 23.65 41.42 3.58
N GLN B 407 24.44 40.88 4.53
CA GLN B 407 24.52 41.46 5.86
C GLN B 407 25.80 42.26 6.10
N LYS B 408 26.92 41.86 5.47
CA LYS B 408 28.17 42.64 5.48
C LYS B 408 28.66 42.89 6.91
N TYR B 409 29.03 41.79 7.57
CA TYR B 409 29.54 41.87 8.94
C TYR B 409 30.82 42.68 9.03
N ALA B 410 31.65 42.66 7.97
CA ALA B 410 32.95 43.32 8.03
C ALA B 410 32.85 44.84 7.99
N ASP B 411 31.75 45.38 7.48
CA ASP B 411 31.58 46.82 7.38
C ASP B 411 30.90 47.44 8.59
N LEU B 412 30.40 46.63 9.52
CA LEU B 412 29.68 47.12 10.67
C LEU B 412 30.65 47.73 11.69
N PRO B 413 30.20 48.75 12.44
CA PRO B 413 31.06 49.29 13.49
C PRO B 413 31.38 48.26 14.57
N ALA B 414 32.56 48.38 15.17
CA ALA B 414 33.06 47.36 16.08
C ALA B 414 32.14 47.17 17.28
N ALA B 415 31.59 48.26 17.81
CA ALA B 415 30.66 48.15 18.93
C ALA B 415 29.43 47.34 18.53
N GLU B 416 28.90 47.60 17.34
CA GLU B 416 27.77 46.80 16.85
C GLU B 416 28.20 45.41 16.40
N LYS B 417 29.48 45.23 16.05
CA LYS B 417 29.96 43.91 15.67
C LYS B 417 29.90 42.92 16.84
N ALA B 418 29.96 43.42 18.08
CA ALA B 418 29.90 42.54 19.24
C ALA B 418 28.56 41.82 19.34
N LYS B 419 27.47 42.54 19.08
CA LYS B 419 26.14 41.97 19.20
C LYS B 419 25.68 41.25 17.93
N ARG B 420 26.26 41.57 16.78
CA ARG B 420 25.91 40.86 15.55
C ARG B 420 26.45 39.45 15.55
N LEU B 421 27.51 39.18 16.30
CA LEU B 421 28.07 37.84 16.41
C LEU B 421 27.03 36.88 16.98
N SER B 422 26.75 35.80 16.25
CA SER B 422 25.77 34.82 16.66
C SER B 422 25.86 33.61 15.74
N VAL B 423 25.39 32.47 16.24
CA VAL B 423 25.24 31.25 15.45
C VAL B 423 23.75 30.95 15.39
N GLU B 424 23.18 31.02 14.18
CA GLU B 424 21.75 30.85 14.00
C GLU B 424 21.48 30.02 12.75
N VAL B 425 20.43 29.20 12.82
CA VAL B 425 20.04 28.36 11.69
C VAL B 425 19.47 29.23 10.57
N LEU B 426 19.40 28.64 9.37
CA LEU B 426 18.89 29.35 8.20
C LEU B 426 17.50 29.91 8.49
N PRO B 427 17.22 31.14 8.06
CA PRO B 427 15.86 31.68 8.23
C PRO B 427 14.84 30.91 7.42
N LYS B 428 13.59 30.96 7.89
CA LYS B 428 12.54 30.11 7.33
C LYS B 428 12.14 30.57 5.93
N LYS B 429 12.21 31.87 5.64
CA LYS B 429 11.75 32.37 4.34
C LYS B 429 12.60 31.83 3.20
N LEU B 430 13.92 31.76 3.38
CA LEU B 430 14.78 31.21 2.34
C LEU B 430 14.46 29.74 2.07
N ASP B 431 14.20 28.97 3.13
CA ASP B 431 13.84 27.57 2.96
C ASP B 431 12.49 27.42 2.26
N GLU B 432 11.54 28.32 2.56
CA GLU B 432 10.27 28.32 1.86
C GLU B 432 10.45 28.62 0.37
N GLU B 433 11.34 29.55 0.05
CA GLU B 433 11.64 29.83 -1.35
C GLU B 433 12.29 28.62 -2.03
N VAL B 434 13.16 27.92 -1.30
CA VAL B 434 13.75 26.68 -1.83
C VAL B 434 12.65 25.68 -2.15
N ALA B 435 11.70 25.51 -1.23
CA ALA B 435 10.60 24.58 -1.45
C ALA B 435 9.75 25.00 -2.63
N LEU B 436 9.50 26.30 -2.77
CA LEU B 436 8.73 26.80 -3.91
C LEU B 436 9.42 26.48 -5.22
N GLU B 437 10.75 26.67 -5.28
CA GLU B 437 11.48 26.35 -6.50
C GLU B 437 11.49 24.84 -6.76
N MET B 438 11.60 24.03 -5.71
CA MET B 438 11.62 22.59 -5.88
C MET B 438 10.28 22.06 -6.38
N VAL B 439 9.17 22.63 -5.90
CA VAL B 439 7.85 22.13 -6.28
C VAL B 439 7.59 22.35 -7.76
N LYS B 440 7.91 23.54 -8.27
CA LYS B 440 7.59 23.86 -9.66
C LYS B 440 8.34 22.97 -10.65
N GLY B 441 9.40 22.29 -10.22
CA GLY B 441 10.00 21.28 -11.06
C GLY B 441 9.14 20.04 -11.23
N PHE B 442 8.22 19.79 -10.31
CA PHE B 442 7.27 18.71 -10.40
C PHE B 442 5.99 19.12 -11.11
N GLY B 443 5.87 20.37 -11.53
CA GLY B 443 4.67 20.83 -12.20
C GLY B 443 3.56 21.29 -11.27
N GLY B 444 3.80 21.32 -9.96
CA GLY B 444 2.79 21.75 -9.03
C GLY B 444 2.54 23.25 -9.08
N VAL B 445 1.35 23.64 -8.65
CA VAL B 445 0.93 25.04 -8.60
C VAL B 445 0.48 25.33 -7.18
N VAL B 446 0.95 26.46 -6.64
CA VAL B 446 0.73 26.82 -5.24
C VAL B 446 -0.23 28.00 -5.18
N THR B 447 -1.21 27.91 -4.27
CA THR B 447 -2.19 28.97 -4.09
C THR B 447 -1.61 30.12 -3.28
N GLN B 448 -2.05 31.33 -3.59
CA GLN B 448 -1.63 32.54 -2.88
C GLN B 448 -2.70 32.98 -1.90
N LEU B 449 -2.27 33.53 -0.76
CA LEU B 449 -3.20 34.03 0.25
C LEU B 449 -3.72 35.41 -0.13
N THR B 450 -5.02 35.59 0.04
CA THR B 450 -5.65 36.90 -0.09
C THR B 450 -5.41 37.71 1.18
N PRO B 451 -5.42 39.05 1.09
CA PRO B 451 -5.10 39.84 2.30
C PRO B 451 -6.05 39.61 3.48
N LYS B 452 -7.31 39.27 3.24
CA LYS B 452 -8.23 39.08 4.35
C LYS B 452 -7.89 37.81 5.13
N GLN B 453 -7.58 36.71 4.42
CA GLN B 453 -7.20 35.48 5.10
C GLN B 453 -5.81 35.58 5.71
N ALA B 454 -4.95 36.47 5.22
CA ALA B 454 -3.61 36.58 5.76
C ALA B 454 -3.63 37.03 7.21
N GLU B 455 -4.48 37.99 7.55
CA GLU B 455 -4.55 38.48 8.92
C GLU B 455 -5.32 37.53 9.83
N TYR B 456 -6.22 36.71 9.27
CA TYR B 456 -6.97 35.77 10.09
C TYR B 456 -6.03 34.77 10.76
N ILE B 457 -5.10 34.20 9.99
CA ILE B 457 -4.03 33.40 10.58
C ILE B 457 -3.08 34.30 11.35
N GLY B 458 -2.82 35.50 10.84
CA GLY B 458 -1.96 36.45 11.51
C GLY B 458 -0.59 36.57 10.86
N VAL B 459 -0.57 36.54 9.53
CA VAL B 459 0.66 36.58 8.75
C VAL B 459 0.48 37.53 7.58
N SER B 460 1.55 37.74 6.83
CA SER B 460 1.51 38.49 5.58
C SER B 460 1.23 37.54 4.43
N VAL B 461 1.09 38.10 3.21
CA VAL B 461 0.73 37.29 2.06
C VAL B 461 1.93 36.64 1.39
N GLU B 462 3.15 36.88 1.87
CA GLU B 462 4.29 36.13 1.38
C GLU B 462 5.25 35.69 2.49
N GLY B 463 5.01 36.08 3.74
CA GLY B 463 5.93 35.76 4.81
C GLY B 463 5.78 34.33 5.27
N PRO B 464 6.58 33.96 6.28
CA PRO B 464 6.45 32.62 6.87
C PRO B 464 5.07 32.42 7.45
N PHE B 465 4.55 31.20 7.28
CA PHE B 465 3.20 30.88 7.71
C PHE B 465 3.13 30.02 8.97
N LYS B 466 4.20 29.32 9.32
CA LYS B 466 4.19 28.44 10.47
C LYS B 466 5.01 29.04 11.61
N PRO B 467 4.64 28.76 12.86
CA PRO B 467 5.46 29.21 13.99
C PRO B 467 6.83 28.56 13.98
N ASP B 468 7.76 29.19 14.71
CA ASP B 468 9.17 28.81 14.62
C ASP B 468 9.45 27.42 15.18
N THR B 469 8.54 26.85 15.97
CA THR B 469 8.76 25.55 16.60
C THR B 469 7.84 24.46 16.07
N TYR B 470 7.06 24.75 15.04
CA TYR B 470 6.11 23.78 14.50
C TYR B 470 6.84 22.60 13.87
N ARG B 471 6.45 21.39 14.26
CA ARG B 471 6.95 20.18 13.61
C ARG B 471 6.07 19.86 12.42
N TYR B 472 6.70 19.71 11.25
CA TYR B 472 5.95 19.42 10.03
C TYR B 472 5.57 17.94 9.96
N ASP C 15 -25.73 16.41 48.26
CA ASP C 15 -26.47 15.53 47.37
C ASP C 15 -25.99 15.64 45.93
N TYR C 16 -25.76 14.49 45.29
CA TYR C 16 -25.35 14.47 43.89
C TYR C 16 -26.55 14.71 42.99
N LYS C 17 -26.29 15.40 41.87
CA LYS C 17 -27.37 15.86 40.99
C LYS C 17 -26.93 15.55 39.55
N VAL C 18 -27.42 14.42 39.03
CA VAL C 18 -27.03 13.96 37.71
C VAL C 18 -28.28 13.67 36.89
N ALA C 19 -29.35 14.43 37.17
CA ALA C 19 -30.64 14.30 36.50
C ALA C 19 -31.30 12.95 36.81
N ASP C 20 -31.30 12.03 35.85
CA ASP C 20 -31.90 10.72 36.04
C ASP C 20 -30.96 9.90 36.93
N ILE C 21 -31.11 10.11 38.24
CA ILE C 21 -30.19 9.51 39.21
C ILE C 21 -30.39 8.01 39.34
N THR C 22 -31.50 7.47 38.84
CA THR C 22 -31.77 6.03 38.92
C THR C 22 -31.12 5.26 37.78
N LEU C 23 -30.41 5.94 36.89
CA LEU C 23 -29.76 5.32 35.74
C LEU C 23 -28.35 4.83 36.07
N ALA C 24 -27.94 4.89 37.33
CA ALA C 24 -26.56 4.55 37.68
C ALA C 24 -26.26 3.08 37.40
N ALA C 25 -27.19 2.19 37.71
CA ALA C 25 -26.95 0.76 37.48
C ALA C 25 -26.76 0.46 36.01
N TRP C 26 -27.59 1.05 35.15
CA TRP C 26 -27.38 0.93 33.71
C TRP C 26 -26.10 1.63 33.28
N GLY C 27 -25.79 2.78 33.91
CA GLY C 27 -24.64 3.55 33.48
C GLY C 27 -23.31 2.86 33.74
N ARG C 28 -23.20 2.15 34.87
CA ARG C 28 -21.94 1.54 35.26
C ARG C 28 -21.55 0.36 34.37
N ARG C 29 -22.47 -0.12 33.53
CA ARG C 29 -22.23 -1.34 32.77
C ARG C 29 -21.02 -1.22 31.85
N GLU C 30 -20.97 -0.16 31.05
CA GLU C 30 -19.94 -0.07 30.02
C GLU C 30 -18.54 0.22 30.58
N LEU C 31 -18.43 0.57 31.86
CA LEU C 31 -17.11 0.83 32.42
C LEU C 31 -16.26 -0.45 32.45
N ILE C 32 -16.87 -1.57 32.79
CA ILE C 32 -16.10 -2.79 33.01
C ILE C 32 -15.46 -3.28 31.72
N ILE C 33 -16.05 -2.97 30.56
CA ILE C 33 -15.49 -3.41 29.29
C ILE C 33 -14.55 -2.38 28.69
N ALA C 34 -14.71 -1.09 29.03
CA ALA C 34 -13.86 -0.06 28.45
C ALA C 34 -12.47 -0.03 29.09
N GLU C 35 -12.36 -0.40 30.36
CA GLU C 35 -11.08 -0.25 31.06
C GLU C 35 -10.04 -1.24 30.56
N SER C 36 -10.44 -2.28 29.84
CA SER C 36 -9.48 -3.24 29.33
C SER C 36 -8.79 -2.78 28.06
N GLU C 37 -9.28 -1.72 27.42
CA GLU C 37 -8.73 -1.23 26.17
C GLU C 37 -7.80 -0.05 26.37
N MET C 38 -7.53 0.35 27.62
CA MET C 38 -6.55 1.38 27.93
C MET C 38 -5.51 0.82 28.89
N PRO C 39 -4.43 0.23 28.37
CA PRO C 39 -3.37 -0.27 29.25
C PRO C 39 -2.68 0.82 30.05
N ALA C 40 -2.69 2.07 29.60
CA ALA C 40 -1.92 3.12 30.27
C ALA C 40 -2.48 3.43 31.65
N LEU C 41 -3.80 3.69 31.74
CA LEU C 41 -4.39 4.03 33.03
C LEU C 41 -4.39 2.84 33.97
N MET C 42 -4.67 1.64 33.43
CA MET C 42 -4.62 0.44 34.25
C MET C 42 -3.21 0.19 34.79
N GLY C 43 -2.19 0.44 33.96
CA GLY C 43 -0.83 0.32 34.43
C GLY C 43 -0.46 1.35 35.47
N LEU C 44 -0.98 2.57 35.32
CA LEU C 44 -0.77 3.58 36.36
C LEU C 44 -1.39 3.14 37.68
N ARG C 45 -2.60 2.58 37.63
CA ARG C 45 -3.25 2.11 38.84
C ARG C 45 -2.51 0.92 39.45
N ARG C 46 -2.00 0.03 38.60
CA ARG C 46 -1.32 -1.18 39.07
C ARG C 46 0.07 -0.89 39.61
N LYS C 47 0.75 0.12 39.08
CA LYS C 47 2.14 0.40 39.44
C LYS C 47 2.24 1.34 40.63
N TYR C 48 1.48 2.43 40.62
CA TYR C 48 1.58 3.46 41.66
C TYR C 48 0.67 3.19 42.85
N ALA C 49 -0.01 2.06 42.88
CA ALA C 49 -0.74 1.66 44.08
C ALA C 49 0.24 1.31 45.19
N GLY C 50 -0.18 1.57 46.43
CA GLY C 50 0.65 1.35 47.60
C GLY C 50 1.42 2.58 48.05
N GLN C 51 1.99 3.33 47.11
CA GLN C 51 2.64 4.59 47.45
C GLN C 51 1.63 5.71 47.67
N GLN C 52 0.46 5.63 47.04
CA GLN C 52 -0.57 6.66 47.09
C GLN C 52 0.02 8.01 46.72
N PRO C 53 0.35 8.23 45.44
CA PRO C 53 1.04 9.47 45.06
C PRO C 53 0.25 10.74 45.34
N LEU C 54 -1.08 10.69 45.27
CA LEU C 54 -1.91 11.88 45.38
C LEU C 54 -2.68 11.94 46.71
N LYS C 55 -2.11 11.37 47.77
CA LYS C 55 -2.79 11.37 49.06
C LYS C 55 -2.98 12.79 49.57
N GLY C 56 -4.23 13.14 49.85
CA GLY C 56 -4.55 14.45 50.39
C GLY C 56 -4.61 15.58 49.38
N ALA C 57 -4.48 15.28 48.08
CA ALA C 57 -4.47 16.32 47.05
C ALA C 57 -5.89 16.50 46.53
N LYS C 58 -6.55 17.56 46.98
CA LYS C 58 -7.87 17.90 46.47
C LYS C 58 -7.75 18.56 45.11
N ILE C 59 -8.61 18.16 44.17
CA ILE C 59 -8.49 18.56 42.78
C ILE C 59 -9.85 19.03 42.27
N LEU C 60 -9.86 20.15 41.55
CA LEU C 60 -11.04 20.63 40.83
C LEU C 60 -10.88 20.28 39.35
N GLY C 61 -12.00 19.92 38.71
CA GLY C 61 -11.96 19.44 37.35
C GLY C 61 -13.11 19.98 36.51
N CYS C 62 -12.88 19.99 35.19
CA CYS C 62 -13.87 20.54 34.26
C CYS C 62 -14.12 19.74 32.98
N ILE C 63 -13.30 18.74 32.64
CA ILE C 63 -13.44 18.09 31.34
C ILE C 63 -14.86 17.52 31.18
N HIS C 64 -15.27 17.36 29.93
CA HIS C 64 -16.51 16.66 29.65
C HIS C 64 -16.45 15.22 30.14
N MET C 65 -17.62 14.61 30.27
CA MET C 65 -17.72 13.21 30.69
C MET C 65 -18.52 12.42 29.66
N THR C 66 -17.88 11.42 29.04
CA THR C 66 -18.61 10.52 28.16
C THR C 66 -18.56 9.09 28.68
N ILE C 67 -17.40 8.45 28.67
CA ILE C 67 -17.12 7.22 29.42
C ILE C 67 -15.78 7.36 30.12
N GLN C 68 -14.76 7.66 29.31
CA GLN C 68 -13.37 7.41 29.69
C GLN C 68 -12.84 8.44 30.68
N THR C 69 -13.39 9.65 30.66
CA THR C 69 -13.04 10.60 31.71
C THR C 69 -13.51 10.11 33.07
N GLY C 70 -14.61 9.35 33.11
CA GLY C 70 -14.98 8.66 34.32
C GLY C 70 -13.95 7.63 34.74
N VAL C 71 -13.34 6.95 33.77
CA VAL C 71 -12.25 6.04 34.06
C VAL C 71 -11.07 6.79 34.65
N LEU C 72 -10.78 7.98 34.11
CA LEU C 72 -9.70 8.80 34.65
C LEU C 72 -10.01 9.23 36.09
N ILE C 73 -11.28 9.59 36.34
CA ILE C 73 -11.70 9.94 37.69
C ILE C 73 -11.49 8.78 38.63
N GLU C 74 -11.88 7.58 38.21
CA GLU C 74 -11.63 6.39 39.01
C GLU C 74 -10.14 6.14 39.18
N THR C 75 -9.33 6.60 38.22
CA THR C 75 -7.89 6.37 38.26
C THR C 75 -7.22 7.23 39.33
N LEU C 76 -7.45 8.54 39.29
CA LEU C 76 -6.68 9.39 40.21
C LEU C 76 -7.18 9.28 41.65
N VAL C 77 -8.47 8.97 41.85
CA VAL C 77 -8.96 8.74 43.21
C VAL C 77 -8.39 7.44 43.77
N ALA C 78 -7.98 6.51 42.92
CA ALA C 78 -7.32 5.30 43.40
C ALA C 78 -5.91 5.59 43.88
N LEU C 79 -5.35 6.73 43.52
CA LEU C 79 -4.02 7.13 43.94
C LEU C 79 -4.03 7.98 45.21
N GLY C 80 -5.19 8.15 45.83
CA GLY C 80 -5.31 8.92 47.05
C GLY C 80 -5.87 10.31 46.90
N ALA C 81 -6.33 10.69 45.72
CA ALA C 81 -6.81 12.04 45.48
C ALA C 81 -8.31 12.16 45.77
N GLU C 82 -8.80 13.40 45.72
CA GLU C 82 -10.21 13.71 45.90
C GLU C 82 -10.60 14.76 44.88
N VAL C 83 -11.74 14.57 44.21
CA VAL C 83 -12.14 15.41 43.10
C VAL C 83 -13.59 15.82 43.25
N ARG C 84 -13.93 16.93 42.59
CA ARG C 84 -15.33 17.39 42.44
C ARG C 84 -15.36 17.58 40.91
N TRP C 85 -16.52 17.72 40.27
CA TRP C 85 -16.38 17.70 38.82
C TRP C 85 -17.54 18.44 38.14
N SER C 86 -17.33 18.78 36.86
CA SER C 86 -18.35 19.35 35.99
C SER C 86 -17.92 19.13 34.54
N SER C 87 -18.79 19.52 33.60
CA SER C 87 -18.54 19.34 32.17
C SER C 87 -17.97 20.61 31.55
N CYS C 88 -17.49 20.48 30.31
CA CYS C 88 -16.89 21.61 29.60
C CYS C 88 -17.52 21.83 28.23
N ASN C 89 -17.83 20.75 27.53
CA ASN C 89 -18.29 20.82 26.15
C ASN C 89 -19.79 20.98 26.01
N ILE C 90 -20.56 20.73 27.06
CA ILE C 90 -22.01 20.88 27.08
C ILE C 90 -22.69 19.78 26.27
N PHE C 91 -22.15 19.44 25.10
CA PHE C 91 -22.72 18.34 24.32
C PHE C 91 -22.19 16.98 24.75
N SER C 92 -20.98 16.92 25.32
CA SER C 92 -20.42 15.65 25.80
C SER C 92 -20.83 15.48 27.27
N THR C 93 -22.08 15.09 27.46
CA THR C 93 -22.69 14.92 28.78
C THR C 93 -23.39 13.57 28.87
N GLN C 94 -22.69 12.50 28.50
CA GLN C 94 -23.22 11.16 28.66
C GLN C 94 -23.57 10.90 30.13
N ASP C 95 -24.86 10.80 30.43
CA ASP C 95 -25.31 10.66 31.81
C ASP C 95 -24.86 9.36 32.44
N GLN C 96 -24.56 8.34 31.64
CA GLN C 96 -24.31 7.01 32.20
C GLN C 96 -22.98 6.94 32.95
N ALA C 97 -21.94 7.61 32.44
CA ALA C 97 -20.65 7.54 33.11
C ALA C 97 -20.61 8.39 34.37
N ALA C 98 -21.35 9.50 34.40
CA ALA C 98 -21.33 10.37 35.57
C ALA C 98 -22.05 9.72 36.76
N ALA C 99 -23.22 9.13 36.51
CA ALA C 99 -23.95 8.47 37.59
C ALA C 99 -23.16 7.29 38.15
N ALA C 100 -22.35 6.64 37.32
CA ALA C 100 -21.53 5.54 37.79
C ALA C 100 -20.53 6.01 38.84
N ILE C 101 -19.83 7.12 38.57
CA ILE C 101 -18.90 7.64 39.56
C ILE C 101 -19.65 8.19 40.78
N ALA C 102 -20.82 8.79 40.55
CA ALA C 102 -21.63 9.29 41.65
C ALA C 102 -21.99 8.18 42.62
N ALA C 103 -22.35 7.01 42.09
CA ALA C 103 -22.57 5.85 42.95
C ALA C 103 -21.25 5.31 43.49
N ALA C 104 -20.15 5.50 42.75
CA ALA C 104 -18.85 5.03 43.19
C ALA C 104 -18.31 5.81 44.38
N GLY C 105 -18.85 7.00 44.66
CA GLY C 105 -18.53 7.62 45.93
C GLY C 105 -18.40 9.13 46.01
N ILE C 106 -18.45 9.84 44.88
CA ILE C 106 -18.29 11.29 44.92
C ILE C 106 -19.41 11.92 44.09
N PRO C 107 -20.07 12.98 44.57
CA PRO C 107 -21.11 13.62 43.78
C PRO C 107 -20.56 14.25 42.51
N VAL C 108 -21.40 14.25 41.47
CA VAL C 108 -21.07 14.86 40.18
C VAL C 108 -22.22 15.74 39.75
N PHE C 109 -21.93 16.66 38.83
CA PHE C 109 -22.83 17.74 38.41
C PHE C 109 -22.86 17.83 36.89
N ALA C 110 -23.13 16.71 36.22
CA ALA C 110 -22.94 16.54 34.79
C ALA C 110 -24.05 17.16 33.93
N TRP C 111 -24.80 18.14 34.44
CA TRP C 111 -25.85 18.81 33.70
C TRP C 111 -25.39 19.35 32.35
N LYS C 112 -26.34 19.62 31.46
CA LYS C 112 -26.06 20.25 30.18
C LYS C 112 -25.99 21.77 30.36
N GLY C 113 -25.80 22.47 29.25
CA GLY C 113 -25.68 23.92 29.31
C GLY C 113 -26.96 24.61 29.73
N GLU C 114 -28.10 24.20 29.15
CA GLU C 114 -29.39 24.83 29.40
C GLU C 114 -29.33 26.33 29.13
N THR C 115 -29.15 27.13 30.18
CA THR C 115 -28.99 28.57 30.06
C THR C 115 -27.57 29.04 30.35
N GLU C 116 -26.62 28.10 30.44
CA GLU C 116 -25.20 28.36 30.74
C GLU C 116 -25.01 28.86 32.16
N GLU C 117 -26.10 29.09 32.89
CA GLU C 117 -25.97 29.37 34.32
C GLU C 117 -25.71 28.09 35.11
N GLU C 118 -26.41 27.01 34.76
CA GLU C 118 -26.11 25.72 35.37
C GLU C 118 -24.74 25.21 34.96
N TYR C 119 -24.25 25.63 33.79
CA TYR C 119 -22.84 25.45 33.48
C TYR C 119 -21.97 26.14 34.53
N GLU C 120 -22.29 27.40 34.84
CA GLU C 120 -21.58 28.11 35.89
C GLU C 120 -21.94 27.56 37.26
N TRP C 121 -23.20 27.21 37.48
CA TRP C 121 -23.63 26.72 38.78
C TRP C 121 -22.95 25.39 39.12
N CYS C 122 -22.83 24.49 38.15
CA CYS C 122 -22.08 23.27 38.37
C CYS C 122 -20.60 23.56 38.55
N ILE C 123 -20.08 24.57 37.84
CA ILE C 123 -18.74 25.06 38.13
C ILE C 123 -18.69 25.71 39.50
N GLU C 124 -19.75 26.41 39.87
CA GLU C 124 -19.82 27.04 41.22
C GLU C 124 -19.74 25.93 42.27
N GLN C 125 -20.64 24.96 42.19
CA GLN C 125 -20.67 23.90 43.20
C GLN C 125 -19.40 23.07 43.20
N THR C 126 -18.68 23.03 42.09
CA THR C 126 -17.40 22.33 42.06
C THR C 126 -16.40 22.99 42.99
N ILE C 127 -16.48 24.31 43.15
CA ILE C 127 -15.55 25.05 44.00
C ILE C 127 -16.18 25.55 45.28
N LEU C 128 -17.50 25.48 45.43
CA LEU C 128 -18.22 26.04 46.56
C LEU C 128 -18.99 24.94 47.27
N LYS C 129 -18.75 24.79 48.58
CA LYS C 129 -19.53 23.90 49.43
C LYS C 129 -20.83 24.58 49.87
N ASP C 130 -21.45 24.04 50.93
CA ASP C 130 -22.77 24.47 51.35
C ASP C 130 -22.86 25.98 51.50
N GLY C 131 -21.88 26.60 52.18
CA GLY C 131 -21.88 28.04 52.26
C GLY C 131 -20.54 28.75 52.20
N GLN C 132 -19.44 28.02 52.06
CA GLN C 132 -18.12 28.63 52.10
C GLN C 132 -17.20 27.94 51.10
N PRO C 133 -16.23 28.67 50.55
CA PRO C 133 -15.11 28.03 49.87
C PRO C 133 -14.16 27.39 50.87
N TRP C 134 -13.31 26.50 50.37
CA TRP C 134 -12.57 25.63 51.27
C TRP C 134 -11.33 25.13 50.53
N ASP C 135 -10.59 24.22 51.16
CA ASP C 135 -9.28 23.81 50.67
C ASP C 135 -9.36 23.32 49.21
N ALA C 136 -8.30 23.63 48.46
CA ALA C 136 -8.16 23.18 47.08
C ALA C 136 -6.73 23.43 46.63
N ASN C 137 -6.13 22.43 45.98
CA ASN C 137 -4.76 22.55 45.52
C ASN C 137 -4.64 22.53 44.00
N MET C 138 -5.12 21.49 43.34
CA MET C 138 -4.99 21.38 41.89
C MET C 138 -6.19 21.97 41.17
N VAL C 139 -5.96 22.40 39.93
CA VAL C 139 -7.01 22.83 39.03
C VAL C 139 -6.78 22.15 37.69
N LEU C 140 -7.78 21.41 37.22
CA LEU C 140 -7.70 20.68 35.94
C LEU C 140 -8.86 21.17 35.09
N ASP C 141 -8.58 22.08 34.16
CA ASP C 141 -9.61 22.75 33.38
C ASP C 141 -9.60 22.27 31.94
N ASP C 142 -10.65 22.67 31.21
CA ASP C 142 -10.80 22.36 29.79
C ASP C 142 -11.47 23.56 29.15
N GLY C 143 -10.67 24.40 28.48
CA GLY C 143 -11.16 25.61 27.88
C GLY C 143 -10.89 26.88 28.65
N GLY C 144 -10.25 26.79 29.81
CA GLY C 144 -9.91 27.96 30.59
C GLY C 144 -11.07 28.64 31.27
N ASP C 145 -12.19 27.94 31.44
CA ASP C 145 -13.37 28.55 32.02
C ASP C 145 -13.25 28.75 33.53
N LEU C 146 -12.74 27.76 34.27
CA LEU C 146 -12.48 27.98 35.70
C LEU C 146 -11.26 28.83 35.96
N THR C 147 -10.22 28.74 35.13
CA THR C 147 -8.99 29.48 35.38
C THR C 147 -9.26 30.98 35.43
N GLU C 148 -10.19 31.45 34.58
CA GLU C 148 -10.60 32.85 34.65
C GLU C 148 -11.26 33.17 35.99
N ILE C 149 -12.10 32.26 36.49
CA ILE C 149 -12.87 32.51 37.71
C ILE C 149 -11.95 32.62 38.92
N LEU C 150 -10.86 31.86 38.96
CA LEU C 150 -9.93 31.95 40.08
C LEU C 150 -9.22 33.31 40.09
N HIS C 151 -8.68 33.72 38.95
CA HIS C 151 -8.00 35.02 38.88
C HIS C 151 -8.97 36.17 39.13
N LYS C 152 -10.17 36.08 38.57
CA LYS C 152 -11.22 37.04 38.82
C LYS C 152 -12.02 36.60 40.06
N LYS C 153 -13.16 37.22 40.28
CA LYS C 153 -14.21 36.70 41.17
C LYS C 153 -13.69 36.39 42.58
N TYR C 154 -12.98 35.27 42.73
CA TYR C 154 -12.45 34.81 44.02
C TYR C 154 -10.94 34.69 43.92
N PRO C 155 -10.22 35.80 44.10
CA PRO C 155 -8.75 35.72 44.07
C PRO C 155 -8.13 35.31 45.39
N GLN C 156 -8.84 35.45 46.51
CA GLN C 156 -8.27 35.11 47.81
C GLN C 156 -7.98 33.62 47.93
N MET C 157 -8.63 32.79 47.12
CA MET C 157 -8.38 31.36 47.16
C MET C 157 -7.08 30.97 46.45
N LEU C 158 -6.57 31.84 45.58
CA LEU C 158 -5.35 31.53 44.85
C LEU C 158 -4.13 31.47 45.75
N GLU C 159 -4.20 32.06 46.95
CA GLU C 159 -3.08 31.99 47.89
C GLU C 159 -2.81 30.56 48.37
N ARG C 160 -3.76 29.64 48.16
CA ARG C 160 -3.56 28.25 48.49
C ARG C 160 -3.59 27.34 47.27
N ILE C 161 -4.11 27.82 46.15
CA ILE C 161 -4.13 27.01 44.93
C ILE C 161 -2.71 26.65 44.53
N HIS C 162 -2.52 25.40 44.13
CA HIS C 162 -1.19 24.83 43.95
C HIS C 162 -0.75 24.75 42.49
N GLY C 163 -1.66 24.53 41.55
CA GLY C 163 -1.28 24.40 40.16
C GLY C 163 -2.49 24.34 39.25
N ILE C 164 -2.23 24.51 37.95
CA ILE C 164 -3.26 24.52 36.93
C ILE C 164 -2.78 23.70 35.74
N THR C 165 -3.67 22.89 35.17
CA THR C 165 -3.37 22.06 34.00
C THR C 165 -4.43 22.30 32.93
N GLU C 166 -3.99 22.48 31.68
CA GLU C 166 -4.88 22.73 30.57
C GLU C 166 -4.35 22.00 29.34
N GLU C 167 -5.24 21.70 28.39
CA GLU C 167 -4.91 20.81 27.28
C GLU C 167 -5.26 21.39 25.91
N THR C 168 -5.56 22.68 25.82
CA THR C 168 -5.97 23.30 24.56
C THR C 168 -4.95 24.34 24.11
N THR C 169 -4.88 24.52 22.78
CA THR C 169 -3.96 25.50 22.20
C THR C 169 -4.47 26.93 22.38
N THR C 170 -5.78 27.12 22.52
CA THR C 170 -6.30 28.44 22.83
C THR C 170 -6.04 28.82 24.27
N GLY C 171 -5.72 27.86 25.13
CA GLY C 171 -5.43 28.13 26.52
C GLY C 171 -3.98 28.50 26.77
N VAL C 172 -3.06 27.89 26.02
CA VAL C 172 -1.65 28.23 26.18
C VAL C 172 -1.39 29.64 25.69
N HIS C 173 -2.07 30.07 24.62
CA HIS C 173 -1.93 31.45 24.16
C HIS C 173 -2.41 32.42 25.21
N ARG C 174 -3.56 32.14 25.84
CA ARG C 174 -4.07 33.01 26.89
C ARG C 174 -3.13 33.01 28.10
N LEU C 175 -2.55 31.85 28.43
CA LEU C 175 -1.63 31.80 29.56
C LEU C 175 -0.37 32.60 29.29
N LEU C 176 0.17 32.50 28.08
CA LEU C 176 1.37 33.26 27.74
C LEU C 176 1.08 34.75 27.71
N ASP C 177 -0.08 35.14 27.15
CA ASP C 177 -0.47 36.55 27.18
C ASP C 177 -0.64 37.04 28.60
N MET C 178 -1.18 36.21 29.48
CA MET C 178 -1.35 36.56 30.88
C MET C 178 0.00 36.74 31.56
N LEU C 179 0.96 35.86 31.24
CA LEU C 179 2.31 35.99 31.80
C LEU C 179 2.99 37.25 31.29
N LYS C 180 2.70 37.66 30.05
CA LYS C 180 3.25 38.92 29.54
C LYS C 180 2.77 40.10 30.39
N ASN C 181 1.48 40.13 30.71
CA ASN C 181 0.94 41.21 31.53
C ASN C 181 1.45 41.12 32.96
N GLY C 182 1.58 39.92 33.50
CA GLY C 182 1.99 39.72 34.88
C GLY C 182 0.88 39.47 35.86
N THR C 183 -0.35 39.27 35.39
CA THR C 183 -1.47 38.99 36.28
C THR C 183 -1.51 37.52 36.72
N LEU C 184 -0.74 36.65 36.07
CA LEU C 184 -0.64 35.27 36.51
C LEU C 184 -0.04 35.20 37.91
N LYS C 185 -0.52 34.24 38.71
CA LYS C 185 -0.07 34.16 40.10
C LYS C 185 0.43 32.75 40.42
N VAL C 186 -0.18 31.73 39.81
CA VAL C 186 0.15 30.34 40.10
C VAL C 186 0.73 29.70 38.85
N PRO C 187 1.77 28.88 38.98
CA PRO C 187 2.34 28.21 37.79
C PRO C 187 1.32 27.28 37.13
N ALA C 188 1.48 27.12 35.82
CA ALA C 188 0.59 26.29 35.01
C ALA C 188 1.40 25.37 34.11
N ILE C 189 0.79 24.25 33.73
CA ILE C 189 1.39 23.25 32.87
C ILE C 189 0.40 22.92 31.75
N ASN C 190 0.91 22.75 30.54
CA ASN C 190 0.07 22.52 29.36
C ASN C 190 0.60 21.31 28.61
N VAL C 191 -0.33 20.53 28.05
CA VAL C 191 0.01 19.25 27.43
C VAL C 191 -0.06 19.27 25.91
N ASN C 192 -0.71 20.27 25.31
CA ASN C 192 -1.08 20.18 23.90
C ASN C 192 0.17 20.15 23.01
N ASP C 193 1.25 20.77 23.43
CA ASP C 193 2.49 20.77 22.65
C ASP C 193 3.29 19.49 22.81
N SER C 194 2.79 18.52 23.57
CA SER C 194 3.52 17.29 23.80
C SER C 194 3.49 16.40 22.55
N VAL C 195 4.28 15.33 22.59
CA VAL C 195 4.46 14.48 21.41
C VAL C 195 3.31 13.48 21.28
N THR C 196 3.13 12.64 22.30
CA THR C 196 2.15 11.57 22.20
C THR C 196 0.74 12.10 22.01
N LYS C 197 0.37 13.15 22.76
CA LYS C 197 -0.96 13.73 22.63
C LYS C 197 -1.23 14.19 21.21
N SER C 198 -0.31 15.00 20.66
CA SER C 198 -0.51 15.53 19.31
C SER C 198 -0.52 14.43 18.26
N LYS C 199 0.41 13.49 18.35
CA LYS C 199 0.51 12.47 17.32
C LYS C 199 -0.69 11.53 17.34
N ASN C 200 -1.16 11.14 18.53
CA ASN C 200 -2.33 10.28 18.59
C ASN C 200 -3.59 11.03 18.20
N ASP C 201 -3.72 12.29 18.61
CA ASP C 201 -4.95 13.04 18.32
C ASP C 201 -5.02 13.42 16.84
N ASN C 202 -3.93 13.93 16.28
CA ASN C 202 -3.99 14.60 14.98
C ASN C 202 -3.74 13.66 13.81
N LYS C 203 -2.55 13.05 13.75
CA LYS C 203 -2.21 12.21 12.61
C LYS C 203 -2.98 10.89 12.65
N TYR C 204 -2.75 10.09 13.69
CA TYR C 204 -3.54 8.89 13.88
C TYR C 204 -4.94 9.26 14.38
N GLY C 205 -5.85 8.29 14.30
CA GLY C 205 -7.22 8.56 14.68
C GLY C 205 -8.05 9.02 13.51
N CYS C 206 -7.77 10.22 13.00
CA CYS C 206 -8.42 10.67 11.77
C CYS C 206 -8.14 9.72 10.63
N ARG C 207 -6.91 9.18 10.59
CA ARG C 207 -6.60 8.10 9.66
C ARG C 207 -7.54 6.91 9.87
N HIS C 208 -7.80 6.57 11.13
CA HIS C 208 -8.69 5.46 11.45
C HIS C 208 -10.16 5.85 11.29
N SER C 209 -10.52 7.09 11.61
CA SER C 209 -11.92 7.44 11.77
C SER C 209 -12.56 8.02 10.51
N LEU C 210 -11.77 8.63 9.62
CA LEU C 210 -12.38 9.34 8.49
C LEU C 210 -13.07 8.39 7.53
N ASN C 211 -12.37 7.34 7.08
CA ASN C 211 -12.98 6.42 6.15
C ASN C 211 -14.07 5.57 6.79
N ASP C 212 -14.07 5.47 8.12
CA ASP C 212 -15.19 4.86 8.81
C ASP C 212 -16.41 5.77 8.78
N ALA C 213 -16.21 7.07 9.02
CA ALA C 213 -17.32 8.02 9.05
C ALA C 213 -17.91 8.23 7.67
N ILE C 214 -17.08 8.20 6.62
CA ILE C 214 -17.60 8.39 5.26
C ILE C 214 -18.55 7.27 4.89
N LYS C 215 -18.19 6.02 5.22
CA LYS C 215 -18.99 4.88 4.83
C LYS C 215 -20.25 4.74 5.66
N ARG C 216 -20.23 5.16 6.94
CA ARG C 216 -21.42 5.06 7.76
C ARG C 216 -22.55 5.94 7.23
N GLY C 217 -22.22 7.15 6.78
CA GLY C 217 -23.24 8.10 6.39
C GLY C 217 -23.69 8.01 4.94
N THR C 218 -22.94 7.30 4.10
CA THR C 218 -23.25 7.27 2.68
C THR C 218 -23.34 5.86 2.12
N ASP C 219 -22.59 4.93 2.71
CA ASP C 219 -22.48 3.53 2.27
C ASP C 219 -21.91 3.41 0.85
N HIS C 220 -21.30 4.47 0.33
CA HIS C 220 -20.82 4.46 -1.04
C HIS C 220 -19.60 3.58 -1.18
N LEU C 221 -19.34 3.15 -2.41
CA LEU C 221 -18.09 2.48 -2.72
C LEU C 221 -16.98 3.52 -2.89
N LEU C 222 -15.78 3.19 -2.43
CA LEU C 222 -14.66 4.12 -2.46
C LEU C 222 -13.58 3.73 -3.45
N SER C 223 -13.69 2.58 -4.09
CA SER C 223 -12.65 2.10 -4.99
C SER C 223 -12.72 2.84 -6.32
N GLY C 224 -11.55 3.26 -6.81
CA GLY C 224 -11.45 3.91 -8.10
C GLY C 224 -12.29 5.16 -8.23
N LYS C 225 -11.98 6.20 -7.45
CA LYS C 225 -12.76 7.41 -7.47
C LYS C 225 -11.84 8.58 -7.15
N GLN C 226 -12.31 9.79 -7.43
CA GLN C 226 -11.49 10.99 -7.39
C GLN C 226 -11.94 11.92 -6.27
N ALA C 227 -10.98 12.45 -5.52
CA ALA C 227 -11.27 13.33 -4.39
C ALA C 227 -10.26 14.47 -4.36
N LEU C 228 -10.66 15.56 -3.71
CA LEU C 228 -9.80 16.73 -3.52
C LEU C 228 -9.73 17.07 -2.04
N VAL C 229 -8.52 17.27 -1.54
CA VAL C 229 -8.29 17.62 -0.14
C VAL C 229 -7.54 18.94 -0.09
N ILE C 230 -8.08 19.90 0.64
CA ILE C 230 -7.45 21.21 0.81
C ILE C 230 -6.83 21.27 2.20
N GLY C 231 -5.54 21.59 2.26
CA GLY C 231 -4.81 21.60 3.51
C GLY C 231 -4.02 20.33 3.73
N TYR C 232 -2.72 20.46 4.02
CA TYR C 232 -1.85 19.31 4.21
C TYR C 232 -1.05 19.47 5.49
N GLY C 233 -1.70 19.85 6.58
CA GLY C 233 -1.04 19.97 7.85
C GLY C 233 -0.89 18.63 8.54
N ASP C 234 -1.08 18.60 9.86
CA ASP C 234 -1.01 17.33 10.58
C ASP C 234 -2.32 16.55 10.44
N VAL C 235 -3.46 17.24 10.54
CA VAL C 235 -4.75 16.58 10.38
C VAL C 235 -4.95 16.13 8.93
N GLY C 236 -4.64 17.00 7.98
CA GLY C 236 -4.84 16.66 6.58
C GLY C 236 -3.97 15.53 6.11
N LYS C 237 -2.76 15.42 6.66
CA LYS C 237 -1.86 14.32 6.28
C LYS C 237 -2.44 12.98 6.67
N GLY C 238 -3.06 12.90 7.85
CA GLY C 238 -3.75 11.68 8.23
C GLY C 238 -5.06 11.48 7.50
N SER C 239 -5.70 12.58 7.12
CA SER C 239 -6.94 12.47 6.34
C SER C 239 -6.68 11.87 4.97
N SER C 240 -5.58 12.26 4.32
CA SER C 240 -5.31 11.81 2.96
C SER C 240 -5.05 10.30 2.91
N GLN C 241 -4.32 9.77 3.89
CA GLN C 241 -4.01 8.34 3.87
C GLN C 241 -5.25 7.48 4.10
N SER C 242 -6.25 8.00 4.80
CA SER C 242 -7.47 7.25 5.03
C SER C 242 -8.18 6.95 3.71
N LEU C 243 -8.23 7.93 2.81
CA LEU C 243 -8.90 7.73 1.53
C LEU C 243 -8.06 6.93 0.55
N ARG C 244 -6.74 7.06 0.62
CA ARG C 244 -5.88 6.36 -0.34
C ARG C 244 -6.00 4.85 -0.20
N GLN C 245 -6.02 4.34 1.05
CA GLN C 245 -6.09 2.90 1.26
C GLN C 245 -7.44 2.32 0.86
N GLU C 246 -8.47 3.15 0.75
CA GLU C 246 -9.79 2.67 0.34
C GLU C 246 -9.92 2.58 -1.18
N GLY C 247 -9.01 3.19 -1.93
CA GLY C 247 -9.04 3.05 -3.38
C GLY C 247 -9.47 4.29 -4.13
N MET C 248 -9.19 5.48 -3.59
CA MET C 248 -9.46 6.72 -4.31
C MET C 248 -8.18 7.29 -4.93
N ILE C 249 -8.39 8.23 -5.85
CA ILE C 249 -7.33 9.06 -6.40
C ILE C 249 -7.56 10.47 -5.88
N VAL C 250 -6.69 10.93 -4.99
CA VAL C 250 -6.90 12.18 -4.27
C VAL C 250 -5.85 13.19 -4.70
N LYS C 251 -6.19 14.47 -4.56
CA LYS C 251 -5.32 15.57 -4.90
C LYS C 251 -5.31 16.57 -3.74
N VAL C 252 -4.15 17.23 -3.56
CA VAL C 252 -3.89 18.07 -2.40
C VAL C 252 -3.67 19.50 -2.88
N ALA C 253 -4.42 20.44 -2.28
CA ALA C 253 -4.22 21.86 -2.51
C ALA C 253 -3.63 22.48 -1.25
N GLU C 254 -2.61 23.32 -1.44
CA GLU C 254 -1.86 23.83 -0.30
C GLU C 254 -1.36 25.24 -0.61
N VAL C 255 -1.26 26.07 0.43
CA VAL C 255 -0.78 27.44 0.28
C VAL C 255 0.69 27.58 0.71
N ASP C 256 1.18 26.71 1.57
CA ASP C 256 2.53 26.81 2.10
C ASP C 256 3.49 25.99 1.23
N PRO C 257 4.55 26.60 0.70
CA PRO C 257 5.46 25.84 -0.17
C PRO C 257 6.11 24.64 0.48
N ILE C 258 6.40 24.70 1.78
CA ILE C 258 7.11 23.59 2.44
C ILE C 258 6.23 22.35 2.49
N CYS C 259 4.98 22.51 2.90
CA CYS C 259 4.09 21.35 3.05
C CYS C 259 3.75 20.72 1.71
N ALA C 260 3.56 21.55 0.68
CA ALA C 260 3.27 21.03 -0.65
C ALA C 260 4.42 20.21 -1.21
N MET C 261 5.64 20.45 -0.72
CA MET C 261 6.78 19.65 -1.15
C MET C 261 6.61 18.20 -0.70
N GLN C 262 6.11 17.99 0.51
CA GLN C 262 5.92 16.63 1.01
C GLN C 262 4.77 15.92 0.29
N ALA C 263 3.76 16.67 -0.17
CA ALA C 263 2.65 16.05 -0.86
C ALA C 263 3.09 15.40 -2.17
N CYS C 264 3.92 16.10 -2.94
CA CYS C 264 4.46 15.50 -4.16
C CYS C 264 5.37 14.32 -3.84
N MET C 265 6.20 14.46 -2.81
CA MET C 265 7.07 13.35 -2.41
C MET C 265 6.30 12.21 -1.77
N ASP C 266 5.04 12.41 -1.41
CA ASP C 266 4.21 11.33 -0.88
C ASP C 266 3.47 10.56 -1.97
N GLY C 267 3.26 11.17 -3.14
CA GLY C 267 2.60 10.49 -4.22
C GLY C 267 1.33 11.16 -4.67
N PHE C 268 1.19 12.44 -4.36
CA PHE C 268 -0.01 13.20 -4.69
C PHE C 268 0.36 14.41 -5.52
N GLU C 269 -0.41 14.68 -6.57
CA GLU C 269 -0.16 15.85 -7.40
C GLU C 269 -0.78 17.08 -6.76
N VAL C 270 -0.01 18.17 -6.72
CA VAL C 270 -0.42 19.41 -6.07
C VAL C 270 -0.93 20.35 -7.16
N VAL C 271 -2.21 20.70 -7.08
CA VAL C 271 -2.84 21.57 -8.06
C VAL C 271 -3.53 22.71 -7.33
N SER C 272 -3.69 23.83 -8.03
CA SER C 272 -4.36 24.96 -7.43
C SER C 272 -5.74 25.16 -8.04
N PRO C 273 -6.72 25.59 -7.23
CA PRO C 273 -8.07 25.81 -7.77
C PRO C 273 -8.20 27.08 -8.61
N TYR C 274 -7.14 27.88 -8.75
CA TYR C 274 -7.22 29.15 -9.45
C TYR C 274 -6.15 29.21 -10.53
N LYS C 275 -6.41 30.05 -11.54
CA LYS C 275 -5.47 30.24 -12.63
C LYS C 275 -4.17 30.83 -12.11
N ASN C 276 -3.09 30.03 -12.18
CA ASN C 276 -1.77 30.36 -11.64
C ASN C 276 -1.79 30.56 -10.13
N GLY C 277 -2.86 30.14 -9.46
CA GLY C 277 -2.96 30.32 -8.02
C GLY C 277 -3.36 31.71 -7.58
N ILE C 278 -3.76 32.58 -8.51
CA ILE C 278 -4.09 33.96 -8.19
C ILE C 278 -5.61 34.08 -8.10
N ASN C 279 -6.09 34.56 -6.96
CA ASN C 279 -7.52 34.78 -6.73
C ASN C 279 -7.77 36.28 -6.71
N ASP C 280 -8.79 36.73 -7.44
CA ASP C 280 -9.09 38.16 -7.53
C ASP C 280 -10.57 38.47 -7.45
N GLY C 281 -11.41 37.52 -7.04
CA GLY C 281 -12.83 37.78 -6.90
C GLY C 281 -13.64 37.69 -8.19
N THR C 282 -13.05 37.18 -9.27
CA THR C 282 -13.74 37.03 -10.53
C THR C 282 -13.86 35.55 -10.86
N GLU C 283 -14.99 35.17 -11.48
CA GLU C 283 -15.23 33.78 -11.82
C GLU C 283 -14.28 33.26 -12.89
N ALA C 284 -13.70 34.16 -13.69
CA ALA C 284 -12.75 33.77 -14.73
C ALA C 284 -11.35 33.51 -14.20
N SER C 285 -11.19 33.43 -12.88
CA SER C 285 -9.89 33.18 -12.27
C SER C 285 -9.75 31.75 -11.74
N ILE C 286 -10.77 30.92 -11.91
CA ILE C 286 -10.75 29.55 -11.39
C ILE C 286 -10.28 28.60 -12.48
N ASP C 287 -9.73 27.46 -12.06
CA ASP C 287 -9.31 26.40 -12.98
C ASP C 287 -10.51 25.49 -13.20
N ALA C 288 -11.38 25.91 -14.12
CA ALA C 288 -12.69 25.27 -14.28
C ALA C 288 -12.56 23.83 -14.77
N ALA C 289 -11.50 23.50 -15.50
CA ALA C 289 -11.35 22.16 -16.04
C ALA C 289 -11.13 21.10 -14.96
N LEU C 290 -10.83 21.51 -13.73
CA LEU C 290 -10.52 20.58 -12.64
C LEU C 290 -11.72 20.31 -11.74
N LEU C 291 -12.51 21.34 -11.43
CA LEU C 291 -13.60 21.18 -10.47
C LEU C 291 -14.79 20.42 -11.05
N GLY C 292 -14.89 20.31 -12.37
CA GLY C 292 -16.00 19.61 -12.98
C GLY C 292 -15.76 18.13 -13.08
N LYS C 293 -14.81 17.63 -12.28
CA LYS C 293 -14.39 16.23 -12.34
C LYS C 293 -14.23 15.59 -10.97
N ILE C 294 -14.33 16.36 -9.87
CA ILE C 294 -14.07 15.89 -8.51
C ILE C 294 -15.34 15.31 -7.92
N ASP C 295 -15.19 14.34 -7.02
CA ASP C 295 -16.31 13.72 -6.31
C ASP C 295 -16.34 14.00 -4.82
N LEU C 296 -15.20 14.03 -4.14
CA LEU C 296 -15.16 14.20 -2.70
C LEU C 296 -14.25 15.36 -2.33
N ILE C 297 -14.71 16.21 -1.41
CA ILE C 297 -13.93 17.34 -0.90
C ILE C 297 -13.85 17.22 0.61
N VAL C 298 -12.63 17.26 1.15
CA VAL C 298 -12.39 17.27 2.59
C VAL C 298 -11.53 18.47 2.91
N THR C 299 -11.99 19.30 3.86
CA THR C 299 -11.28 20.49 4.26
C THR C 299 -10.60 20.28 5.60
N THR C 300 -9.29 20.57 5.66
CA THR C 300 -8.49 20.32 6.84
C THR C 300 -7.71 21.55 7.28
N THR C 301 -8.23 22.74 7.00
CA THR C 301 -7.57 23.99 7.35
C THR C 301 -8.14 24.53 8.67
N GLY C 302 -7.80 25.77 8.98
CA GLY C 302 -8.42 26.49 10.07
C GLY C 302 -8.70 27.93 9.68
N ASN C 303 -8.88 28.16 8.38
CA ASN C 303 -8.93 29.50 7.82
C ASN C 303 -10.28 29.73 7.14
N VAL C 304 -10.62 31.01 6.96
CA VAL C 304 -11.90 31.39 6.38
C VAL C 304 -11.80 31.39 4.86
N ASN C 305 -12.85 30.90 4.20
CA ASN C 305 -12.99 30.94 2.75
C ASN C 305 -11.84 30.21 2.04
N VAL C 306 -11.58 28.99 2.48
CA VAL C 306 -10.68 28.11 1.74
C VAL C 306 -11.42 27.30 0.68
N CYS C 307 -12.75 27.22 0.77
CA CYS C 307 -13.61 26.64 -0.26
C CYS C 307 -14.64 27.72 -0.59
N ASP C 308 -14.30 28.59 -1.53
CA ASP C 308 -15.05 29.81 -1.76
C ASP C 308 -16.34 29.53 -2.53
N ALA C 309 -17.14 30.57 -2.73
CA ALA C 309 -18.43 30.42 -3.40
C ALA C 309 -18.28 30.06 -4.87
N ASN C 310 -17.14 30.35 -5.48
CA ASN C 310 -16.89 29.95 -6.85
C ASN C 310 -16.42 28.50 -6.96
N MET C 311 -15.84 27.95 -5.90
CA MET C 311 -15.50 26.54 -5.88
C MET C 311 -16.74 25.67 -6.04
N LEU C 312 -17.78 25.96 -5.26
CA LEU C 312 -18.98 25.14 -5.26
C LEU C 312 -19.79 25.34 -6.54
N LYS C 313 -19.80 26.56 -7.07
CA LYS C 313 -20.56 26.87 -8.26
C LYS C 313 -20.00 26.21 -9.51
N ALA C 314 -18.78 25.68 -9.46
CA ALA C 314 -18.16 25.01 -10.60
C ALA C 314 -17.90 23.53 -10.33
N LEU C 315 -18.48 22.97 -9.28
CA LEU C 315 -18.26 21.57 -8.95
C LEU C 315 -19.02 20.65 -9.89
N LYS C 316 -18.54 19.42 -9.99
CA LYS C 316 -19.29 18.39 -10.69
C LYS C 316 -20.50 17.97 -9.87
N LYS C 317 -21.55 17.57 -10.56
CA LYS C 317 -22.78 17.14 -9.89
C LYS C 317 -22.51 15.86 -9.10
N ARG C 318 -23.29 15.67 -8.03
CA ARG C 318 -23.11 14.55 -7.12
C ARG C 318 -21.71 14.52 -6.49
N ALA C 319 -21.36 15.58 -5.80
CA ALA C 319 -20.14 15.64 -5.01
C ALA C 319 -20.49 15.60 -3.53
N VAL C 320 -19.59 15.01 -2.74
CA VAL C 320 -19.75 14.91 -1.30
C VAL C 320 -18.69 15.76 -0.63
N VAL C 321 -19.10 16.57 0.35
CA VAL C 321 -18.20 17.50 1.02
C VAL C 321 -18.09 17.11 2.49
N CYS C 322 -16.91 17.35 3.05
CA CYS C 322 -16.65 17.06 4.45
C CYS C 322 -15.69 18.09 5.01
N ASN C 323 -15.86 18.40 6.30
CA ASN C 323 -14.98 19.32 7.00
C ASN C 323 -14.55 18.68 8.32
N ILE C 324 -13.25 18.63 8.55
CA ILE C 324 -12.71 18.16 9.81
C ILE C 324 -11.78 19.23 10.36
N GLY C 325 -12.08 20.49 10.04
CA GLY C 325 -11.22 21.60 10.41
C GLY C 325 -11.64 22.30 11.70
N HIS C 326 -12.11 23.54 11.58
CA HIS C 326 -12.34 24.38 12.74
C HIS C 326 -13.82 24.66 12.99
N PHE C 327 -14.51 25.25 12.02
CA PHE C 327 -15.90 25.66 12.21
C PHE C 327 -16.52 25.94 10.84
N ASP C 328 -17.71 26.53 10.84
CA ASP C 328 -18.44 26.80 9.62
C ASP C 328 -17.99 28.10 8.95
N ASN C 329 -16.68 28.25 8.76
CA ASN C 329 -16.12 29.34 7.98
C ASN C 329 -15.26 28.87 6.83
N GLU C 330 -14.86 27.60 6.83
CA GLU C 330 -14.00 27.09 5.76
C GLU C 330 -14.76 26.94 4.45
N ILE C 331 -15.98 26.40 4.52
CA ILE C 331 -16.85 26.30 3.37
C ILE C 331 -17.98 27.32 3.53
N ASP C 332 -18.29 28.04 2.45
CA ASP C 332 -19.21 29.17 2.51
C ASP C 332 -20.65 28.68 2.59
N THR C 333 -21.01 28.20 3.79
CA THR C 333 -22.40 27.85 4.05
C THR C 333 -23.28 29.10 4.14
N ALA C 334 -22.69 30.27 4.43
CA ALA C 334 -23.46 31.50 4.47
C ALA C 334 -24.06 31.82 3.11
N PHE C 335 -23.28 31.65 2.04
CA PHE C 335 -23.82 31.79 0.69
C PHE C 335 -24.85 30.70 0.40
N MET C 336 -24.68 29.53 1.01
CA MET C 336 -25.51 28.38 0.71
C MET C 336 -26.89 28.45 1.37
N ARG C 337 -27.06 29.30 2.38
CA ARG C 337 -28.33 29.41 3.09
C ARG C 337 -29.09 30.68 2.74
N LYS C 338 -28.81 31.28 1.59
CA LYS C 338 -29.62 32.35 1.04
C LYS C 338 -29.90 32.18 -0.44
N ASN C 339 -29.41 31.10 -1.06
CA ASN C 339 -29.63 30.86 -2.48
C ASN C 339 -30.18 29.46 -2.74
N TRP C 340 -29.76 28.48 -1.94
CA TRP C 340 -30.01 27.07 -2.22
C TRP C 340 -30.90 26.47 -1.15
N ALA C 341 -31.82 25.60 -1.58
CA ALA C 341 -32.73 24.92 -0.67
C ALA C 341 -32.06 23.68 -0.09
N TRP C 342 -32.65 23.18 1.01
CA TRP C 342 -32.12 22.03 1.72
C TRP C 342 -33.19 20.95 1.85
N GLU C 343 -32.75 19.69 1.87
CA GLU C 343 -33.65 18.56 2.07
C GLU C 343 -32.99 17.55 3.00
N GLU C 344 -33.80 16.95 3.87
CA GLU C 344 -33.33 15.98 4.84
C GLU C 344 -33.36 14.58 4.24
N VAL C 345 -32.38 13.76 4.62
CA VAL C 345 -32.34 12.35 4.23
C VAL C 345 -32.34 11.50 5.48
N LYS C 346 -31.35 11.71 6.34
CA LYS C 346 -31.24 11.05 7.62
C LYS C 346 -30.38 11.94 8.52
N PRO C 347 -30.48 11.78 9.85
CA PRO C 347 -29.80 12.75 10.72
C PRO C 347 -28.28 12.55 10.77
N GLN C 348 -27.70 12.31 9.60
CA GLN C 348 -26.26 12.34 9.36
C GLN C 348 -25.89 13.21 8.17
N VAL C 349 -26.71 13.21 7.11
CA VAL C 349 -26.36 13.81 5.83
C VAL C 349 -27.52 14.65 5.31
N HIS C 350 -27.22 15.49 4.32
CA HIS C 350 -28.21 16.27 3.60
C HIS C 350 -27.80 16.35 2.14
N LYS C 351 -28.78 16.66 1.29
CA LYS C 351 -28.52 16.99 -0.11
C LYS C 351 -28.99 18.41 -0.37
N ILE C 352 -28.18 19.17 -1.11
CA ILE C 352 -28.42 20.58 -1.34
C ILE C 352 -28.46 20.83 -2.83
N HIS C 353 -29.58 21.37 -3.32
CA HIS C 353 -29.82 21.54 -4.74
C HIS C 353 -29.24 22.88 -5.21
N ARG C 354 -28.52 22.84 -6.33
CA ARG C 354 -28.02 24.05 -6.95
C ARG C 354 -29.01 24.68 -7.91
N THR C 355 -30.21 24.12 -8.03
CA THR C 355 -31.20 24.66 -8.95
C THR C 355 -31.72 26.02 -8.48
N GLY C 356 -31.83 26.22 -7.18
CA GLY C 356 -32.35 27.48 -6.68
C GLY C 356 -32.80 27.36 -5.23
N LYS C 357 -33.75 28.21 -4.87
CA LYS C 357 -34.23 28.35 -3.49
C LYS C 357 -35.69 27.96 -3.31
N ASP C 358 -36.55 28.21 -4.30
CA ASP C 358 -37.99 28.07 -4.14
C ASP C 358 -38.41 26.66 -4.58
N GLY C 359 -38.17 25.70 -3.70
CA GLY C 359 -38.60 24.33 -3.92
C GLY C 359 -37.69 23.57 -4.86
N PHE C 360 -38.04 22.30 -5.06
CA PHE C 360 -37.24 21.41 -5.89
C PHE C 360 -38.07 20.20 -6.29
N ASP C 361 -37.58 19.47 -7.27
CA ASP C 361 -38.11 18.17 -7.66
C ASP C 361 -37.10 17.09 -7.29
N ALA C 362 -37.60 15.93 -6.87
CA ALA C 362 -36.73 14.91 -6.30
C ALA C 362 -35.86 14.21 -7.34
N HIS C 363 -36.18 14.35 -8.63
CA HIS C 363 -35.50 13.61 -9.68
C HIS C 363 -34.39 14.41 -10.35
N ASN C 364 -34.07 15.60 -9.85
CA ASN C 364 -33.06 16.42 -10.50
C ASN C 364 -31.67 15.83 -10.28
N ASP C 365 -30.73 16.27 -11.13
CA ASP C 365 -29.37 15.80 -11.09
C ASP C 365 -28.41 16.80 -10.49
N ASP C 366 -28.80 18.06 -10.37
CA ASP C 366 -27.91 19.13 -9.93
C ASP C 366 -28.11 19.41 -8.44
N TYR C 367 -27.69 18.44 -7.63
CA TYR C 367 -27.68 18.58 -6.19
C TYR C 367 -26.29 18.30 -5.63
N LEU C 368 -26.06 18.73 -4.40
CA LEU C 368 -24.78 18.56 -3.73
C LEU C 368 -25.01 17.91 -2.37
N ILE C 369 -24.09 17.04 -1.98
CA ILE C 369 -24.24 16.23 -0.77
C ILE C 369 -23.43 16.85 0.36
N LEU C 370 -24.06 17.04 1.51
CA LEU C 370 -23.45 17.65 2.68
C LEU C 370 -23.44 16.64 3.82
N LEU C 371 -22.36 16.64 4.59
CA LEU C 371 -22.18 15.70 5.69
C LEU C 371 -21.87 16.48 6.96
N ALA C 372 -22.73 16.33 7.97
CA ALA C 372 -22.55 16.98 9.27
C ALA C 372 -22.36 18.49 9.10
N GLU C 373 -23.45 19.12 8.67
CA GLU C 373 -23.44 20.47 8.11
C GLU C 373 -22.51 21.43 8.85
N GLY C 374 -21.59 22.03 8.09
CA GLY C 374 -20.75 23.11 8.56
C GLY C 374 -19.94 22.85 9.83
N ARG C 375 -19.82 21.60 10.25
CA ARG C 375 -19.16 21.28 11.50
C ARG C 375 -18.38 19.98 11.35
N LEU C 376 -17.63 19.64 12.39
CA LEU C 376 -16.72 18.50 12.34
C LEU C 376 -17.49 17.21 12.12
N VAL C 377 -16.90 16.30 11.34
CA VAL C 377 -17.57 15.11 10.87
C VAL C 377 -17.05 13.85 11.55
N ASN C 378 -15.73 13.73 11.72
CA ASN C 378 -15.15 12.48 12.21
C ASN C 378 -15.65 12.13 13.60
N LEU C 379 -16.06 13.13 14.39
CA LEU C 379 -16.71 12.89 15.66
C LEU C 379 -18.18 13.27 15.65
N GLY C 380 -18.70 13.75 14.53
CA GLY C 380 -20.12 14.07 14.42
C GLY C 380 -20.97 12.94 13.89
N ASN C 381 -20.57 12.38 12.74
CA ASN C 381 -21.25 11.24 12.15
C ASN C 381 -20.62 9.91 12.54
N ALA C 382 -19.80 9.90 13.59
CA ALA C 382 -19.16 8.69 14.07
C ALA C 382 -19.02 8.79 15.58
N THR C 383 -18.20 7.90 16.16
CA THR C 383 -17.95 7.88 17.60
C THR C 383 -16.64 8.55 17.98
N GLY C 384 -16.00 9.24 17.03
CA GLY C 384 -14.73 9.86 17.32
C GLY C 384 -13.61 8.83 17.39
N HIS C 385 -12.55 9.21 18.08
CA HIS C 385 -11.42 8.32 18.24
C HIS C 385 -11.79 7.16 19.18
N PRO C 386 -11.26 5.98 18.93
CA PRO C 386 -11.51 4.85 19.84
C PRO C 386 -10.78 5.05 21.16
N SER C 387 -11.05 4.13 22.10
CA SER C 387 -10.52 4.27 23.45
C SER C 387 -9.00 4.20 23.47
N ARG C 388 -8.41 3.34 22.63
CA ARG C 388 -6.96 3.16 22.67
C ARG C 388 -6.22 4.42 22.27
N ILE C 389 -6.82 5.28 21.47
CA ILE C 389 -6.17 6.54 21.07
C ILE C 389 -6.37 7.63 22.12
N MET C 390 -7.59 7.75 22.68
CA MET C 390 -7.80 8.65 23.80
C MET C 390 -7.01 8.23 25.03
N ASP C 391 -6.50 7.01 25.07
CA ASP C 391 -5.76 6.53 26.23
C ASP C 391 -4.54 7.41 26.50
N GLY C 392 -3.75 7.70 25.47
CA GLY C 392 -2.55 8.49 25.67
C GLY C 392 -2.84 9.92 26.05
N SER C 393 -3.91 10.50 25.51
CA SER C 393 -4.24 11.89 25.81
C SER C 393 -4.65 12.07 27.27
N PHE C 394 -5.43 11.12 27.81
CA PHE C 394 -5.86 11.23 29.19
C PHE C 394 -4.76 10.88 30.19
N ALA C 395 -3.73 10.15 29.77
CA ALA C 395 -2.66 9.77 30.67
C ALA C 395 -1.72 10.93 30.97
N ASN C 396 -1.61 11.89 30.05
CA ASN C 396 -0.70 13.01 30.26
C ASN C 396 -1.16 13.89 31.42
N GLN C 397 -2.47 14.15 31.52
CA GLN C 397 -2.96 15.08 32.52
C GLN C 397 -2.92 14.49 33.92
N VAL C 398 -3.26 13.20 34.06
CA VAL C 398 -3.19 12.57 35.37
C VAL C 398 -1.75 12.46 35.84
N LEU C 399 -0.81 12.24 34.91
CA LEU C 399 0.59 12.24 35.27
C LEU C 399 1.09 13.63 35.57
N ALA C 400 0.47 14.66 34.96
CA ALA C 400 0.86 16.04 35.25
C ALA C 400 0.54 16.41 36.69
N GLN C 401 -0.63 15.99 37.18
CA GLN C 401 -0.99 16.26 38.57
C GLN C 401 -0.05 15.60 39.55
N ILE C 402 0.52 14.45 39.17
CA ILE C 402 1.53 13.82 40.03
C ILE C 402 2.74 14.72 40.16
N HIS C 403 3.43 14.99 39.04
CA HIS C 403 4.69 15.73 39.09
C HIS C 403 4.51 17.15 39.61
N LEU C 404 3.37 17.77 39.32
CA LEU C 404 3.12 19.13 39.75
C LEU C 404 2.71 19.21 41.22
N PHE C 405 2.94 18.16 42.00
CA PHE C 405 2.53 18.12 43.40
C PHE C 405 3.74 18.16 44.34
N GLU C 406 4.84 17.48 44.00
CA GLU C 406 5.97 17.39 44.92
C GLU C 406 6.58 18.74 45.24
N GLN C 407 6.59 19.68 44.28
CA GLN C 407 7.33 20.91 44.48
C GLN C 407 6.79 21.75 45.63
N LYS C 408 5.52 21.59 45.99
CA LYS C 408 4.91 22.29 47.12
C LYS C 408 5.04 23.80 46.96
N TYR C 409 4.36 24.31 45.92
CA TYR C 409 4.42 25.73 45.61
C TYR C 409 3.79 26.58 46.71
N ALA C 410 2.68 26.10 47.29
CA ALA C 410 1.87 26.95 48.17
C ALA C 410 2.63 27.39 49.42
N ASP C 411 3.52 26.56 49.94
CA ASP C 411 4.24 26.88 51.15
C ASP C 411 5.66 27.39 50.90
N LEU C 412 6.01 27.68 49.65
CA LEU C 412 7.32 28.24 49.37
C LEU C 412 7.40 29.69 49.88
N PRO C 413 8.56 30.10 50.36
CA PRO C 413 8.74 31.50 50.76
C PRO C 413 8.82 32.41 49.55
N ALA C 414 8.73 33.72 49.82
CA ALA C 414 8.72 34.72 48.76
C ALA C 414 10.01 34.75 47.96
N ALA C 415 11.10 34.20 48.50
CA ALA C 415 12.35 34.18 47.75
C ALA C 415 12.23 33.34 46.49
N GLU C 416 11.56 32.19 46.57
CA GLU C 416 11.39 31.30 45.44
C GLU C 416 9.99 31.32 44.84
N LYS C 417 9.00 31.84 45.57
CA LYS C 417 7.62 31.77 45.09
C LYS C 417 7.43 32.55 43.80
N ALA C 418 8.01 33.75 43.72
CA ALA C 418 7.89 34.55 42.50
C ALA C 418 8.89 34.13 41.43
N LYS C 419 9.91 33.36 41.79
CA LYS C 419 10.92 32.95 40.82
C LYS C 419 10.41 31.84 39.90
N ARG C 420 9.62 30.92 40.42
CA ARG C 420 9.23 29.73 39.68
C ARG C 420 7.93 29.92 38.90
N LEU C 421 7.35 31.11 38.91
CA LEU C 421 6.13 31.39 38.16
C LEU C 421 6.43 31.31 36.67
N SER C 422 5.92 30.25 36.02
CA SER C 422 6.17 30.05 34.59
C SER C 422 5.05 29.24 33.98
N VAL C 423 4.92 29.34 32.66
CA VAL C 423 4.03 28.50 31.87
C VAL C 423 4.91 27.65 30.97
N GLU C 424 4.78 26.33 31.10
CA GLU C 424 5.74 25.41 30.51
C GLU C 424 5.02 24.17 29.98
N VAL C 425 5.66 23.50 29.03
CA VAL C 425 5.18 22.23 28.50
C VAL C 425 5.77 21.12 29.39
N LEU C 426 5.24 19.90 29.27
CA LEU C 426 5.65 18.81 30.14
C LEU C 426 7.13 18.49 29.97
N PRO C 427 7.78 18.02 31.03
CA PRO C 427 9.10 17.40 30.87
C PRO C 427 9.00 16.18 29.95
N LYS C 428 10.04 15.97 29.16
CA LYS C 428 10.01 14.90 28.17
C LYS C 428 10.01 13.52 28.81
N LYS C 429 10.52 13.39 30.04
CA LYS C 429 10.53 12.08 30.70
C LYS C 429 9.12 11.59 31.01
N LEU C 430 8.21 12.51 31.35
CA LEU C 430 6.82 12.10 31.61
C LEU C 430 6.16 11.54 30.37
N ASP C 431 6.42 12.14 29.21
CA ASP C 431 5.81 11.66 27.97
C ASP C 431 6.31 10.28 27.59
N GLU C 432 7.56 9.95 27.93
CA GLU C 432 8.07 8.62 27.66
C GLU C 432 7.50 7.57 28.61
N GLU C 433 7.20 7.96 29.85
CA GLU C 433 6.56 7.03 30.77
C GLU C 433 5.17 6.63 30.28
N VAL C 434 4.43 7.59 29.71
CA VAL C 434 3.13 7.29 29.15
C VAL C 434 3.26 6.35 27.96
N ALA C 435 4.31 6.52 27.16
CA ALA C 435 4.45 5.72 25.95
C ALA C 435 4.75 4.27 26.25
N LEU C 436 5.45 3.98 27.36
CA LEU C 436 5.86 2.61 27.65
C LEU C 436 4.64 1.72 27.89
N GLU C 437 3.63 2.25 28.58
CA GLU C 437 2.44 1.44 28.87
C GLU C 437 1.63 1.17 27.62
N MET C 438 1.67 2.08 26.65
CA MET C 438 0.94 1.85 25.40
C MET C 438 1.53 0.70 24.60
N VAL C 439 2.86 0.66 24.49
CA VAL C 439 3.52 -0.40 23.72
C VAL C 439 3.28 -1.76 24.37
N LYS C 440 3.40 -1.82 25.69
CA LYS C 440 3.14 -3.08 26.40
C LYS C 440 1.69 -3.52 26.27
N GLY C 441 0.77 -2.60 25.94
CA GLY C 441 -0.59 -3.00 25.68
C GLY C 441 -0.72 -3.85 24.42
N PHE C 442 -0.01 -3.46 23.36
CA PHE C 442 -0.05 -4.23 22.12
C PHE C 442 0.71 -5.55 22.24
N GLY C 443 1.58 -5.69 23.23
CA GLY C 443 2.40 -6.87 23.37
C GLY C 443 3.83 -6.74 22.92
N GLY C 444 4.31 -5.53 22.63
CA GLY C 444 5.67 -5.33 22.20
C GLY C 444 6.66 -5.33 23.36
N VAL C 445 7.94 -5.42 23.00
CA VAL C 445 9.03 -5.45 23.96
C VAL C 445 10.03 -4.37 23.56
N VAL C 446 10.48 -3.58 24.55
CA VAL C 446 11.40 -2.48 24.35
C VAL C 446 12.78 -2.89 24.84
N THR C 447 13.80 -2.68 24.02
CA THR C 447 15.16 -3.07 24.38
C THR C 447 15.72 -2.12 25.44
N GLN C 448 16.68 -2.62 26.21
CA GLN C 448 17.37 -1.86 27.23
C GLN C 448 18.81 -1.58 26.80
N LEU C 449 19.34 -0.44 27.23
CA LEU C 449 20.71 -0.06 26.86
C LEU C 449 21.67 -0.49 27.96
N THR C 450 22.74 -1.17 27.57
CA THR C 450 23.78 -1.55 28.51
C THR C 450 24.68 -0.35 28.81
N PRO C 451 25.30 -0.32 30.00
CA PRO C 451 26.11 0.85 30.39
C PRO C 451 27.32 1.13 29.50
N LYS C 452 27.57 0.30 28.50
CA LYS C 452 28.62 0.57 27.52
C LYS C 452 28.02 0.97 26.17
N GLN C 453 26.72 1.26 26.14
CA GLN C 453 26.03 1.57 24.90
C GLN C 453 25.18 2.83 24.98
N ALA C 454 24.91 3.35 26.17
CA ALA C 454 24.08 4.53 26.34
C ALA C 454 24.89 5.82 26.34
N GLU C 455 26.11 5.81 26.86
CA GLU C 455 26.94 7.01 26.86
C GLU C 455 27.39 7.37 25.45
N TYR C 456 27.41 6.41 24.52
CA TYR C 456 27.76 6.72 23.15
C TYR C 456 26.77 7.69 22.54
N ILE C 457 25.48 7.53 22.86
CA ILE C 457 24.49 8.54 22.51
C ILE C 457 24.63 9.77 23.40
N GLY C 458 25.13 9.59 24.61
CA GLY C 458 25.24 10.69 25.56
C GLY C 458 24.11 10.81 26.53
N VAL C 459 23.30 9.76 26.69
CA VAL C 459 22.12 9.79 27.55
C VAL C 459 22.18 8.60 28.49
N SER C 460 21.68 8.79 29.71
CA SER C 460 21.63 7.71 30.70
C SER C 460 20.69 6.59 30.26
N VAL C 461 20.64 5.51 31.04
CA VAL C 461 19.86 4.34 30.65
C VAL C 461 18.36 4.66 30.66
N GLU C 462 17.92 5.48 31.59
CA GLU C 462 16.50 5.75 31.80
C GLU C 462 15.95 6.83 30.87
N GLY C 463 16.77 7.44 30.03
CA GLY C 463 16.30 8.45 29.12
C GLY C 463 16.14 9.81 29.79
N PRO C 464 15.56 10.78 29.06
CA PRO C 464 15.09 10.74 27.67
C PRO C 464 16.23 10.72 26.65
N PHE C 465 16.05 10.03 25.53
CA PHE C 465 17.12 9.79 24.57
C PHE C 465 17.13 10.78 23.41
N LYS C 466 16.25 11.77 23.40
CA LYS C 466 16.16 12.65 22.25
C LYS C 466 16.29 14.11 22.67
N PRO C 467 16.88 14.94 21.82
CA PRO C 467 17.01 16.36 22.13
C PRO C 467 15.66 17.06 22.14
N ASP C 468 15.63 18.22 22.79
CA ASP C 468 14.39 18.99 22.89
C ASP C 468 13.94 19.51 21.54
N THR C 469 14.87 19.68 20.59
CA THR C 469 14.55 20.21 19.27
C THR C 469 14.41 19.12 18.21
N TYR C 470 14.44 17.85 18.61
CA TYR C 470 14.22 16.76 17.66
C TYR C 470 12.83 16.85 17.06
N ARG C 471 12.74 16.58 15.76
CA ARG C 471 11.46 16.40 15.07
C ARG C 471 11.26 14.90 14.85
N TYR C 472 10.32 14.32 15.56
CA TYR C 472 10.00 12.90 15.38
C TYR C 472 9.29 12.71 14.04
N ASP D 15 -55.00 -6.14 -8.00
CA ASP D 15 -54.74 -5.73 -6.62
C ASP D 15 -53.29 -5.99 -6.23
N TYR D 16 -52.96 -5.68 -4.99
CA TYR D 16 -51.57 -5.61 -4.56
C TYR D 16 -51.48 -5.63 -3.04
N LYS D 17 -50.46 -6.34 -2.53
CA LYS D 17 -50.31 -6.57 -1.10
C LYS D 17 -48.87 -6.95 -0.81
N VAL D 18 -48.13 -6.07 -0.11
CA VAL D 18 -46.74 -6.37 0.20
C VAL D 18 -46.45 -6.30 1.70
N ALA D 19 -46.55 -5.12 2.31
CA ALA D 19 -46.59 -5.04 3.77
C ALA D 19 -47.65 -4.05 4.23
N ASP D 20 -47.75 -2.93 3.53
CA ASP D 20 -48.67 -1.83 3.83
C ASP D 20 -48.63 -0.89 2.65
N ILE D 21 -49.21 0.31 2.80
CA ILE D 21 -49.43 1.22 1.69
C ILE D 21 -48.62 2.51 1.84
N THR D 22 -48.56 3.07 3.04
CA THR D 22 -48.14 4.44 3.22
C THR D 22 -46.63 4.66 3.11
N LEU D 23 -45.83 3.61 3.20
CA LEU D 23 -44.38 3.79 3.26
C LEU D 23 -43.87 4.29 1.92
N ALA D 24 -43.41 5.55 1.89
CA ALA D 24 -42.86 6.12 0.68
C ALA D 24 -41.65 7.01 0.90
N ALA D 25 -41.13 7.12 2.13
CA ALA D 25 -40.04 8.05 2.40
C ALA D 25 -38.95 7.48 3.31
N TRP D 26 -39.01 6.20 3.66
CA TRP D 26 -37.98 5.63 4.52
C TRP D 26 -36.67 5.45 3.75
N GLY D 27 -36.69 4.65 2.69
CA GLY D 27 -35.52 4.47 1.86
C GLY D 27 -35.87 4.57 0.39
N ARG D 28 -37.11 4.99 0.10
CA ARG D 28 -37.56 5.10 -1.28
C ARG D 28 -36.76 6.14 -2.05
N ARG D 29 -36.21 7.13 -1.35
CA ARG D 29 -35.35 8.11 -1.99
C ARG D 29 -34.04 7.51 -2.48
N GLU D 30 -33.64 6.36 -1.93
CA GLU D 30 -32.42 5.70 -2.40
C GLU D 30 -32.59 5.15 -3.81
N LEU D 31 -33.81 5.08 -4.33
CA LEU D 31 -33.99 4.69 -5.73
C LEU D 31 -33.21 5.61 -6.65
N ILE D 32 -33.25 6.91 -6.39
CA ILE D 32 -32.44 7.86 -7.15
C ILE D 32 -30.96 7.69 -6.81
N ILE D 33 -30.65 7.50 -5.53
CA ILE D 33 -29.24 7.44 -5.11
C ILE D 33 -28.57 6.19 -5.63
N ALA D 34 -29.21 5.03 -5.47
CA ALA D 34 -28.59 3.77 -5.86
C ALA D 34 -28.39 3.69 -7.37
N GLU D 35 -29.38 4.14 -8.15
CA GLU D 35 -29.23 4.10 -9.61
C GLU D 35 -28.14 5.06 -10.08
N SER D 36 -27.89 6.14 -9.33
CA SER D 36 -26.78 7.02 -9.64
C SER D 36 -25.45 6.37 -9.24
N GLU D 37 -25.46 5.49 -8.24
CA GLU D 37 -24.27 4.76 -7.85
C GLU D 37 -24.10 3.46 -8.62
N MET D 38 -25.11 3.00 -9.34
CA MET D 38 -25.03 1.80 -10.15
C MET D 38 -25.27 2.16 -11.61
N PRO D 39 -24.20 2.33 -12.40
CA PRO D 39 -24.34 2.93 -13.73
C PRO D 39 -24.67 1.96 -14.85
N ALA D 40 -24.26 0.69 -14.71
CA ALA D 40 -24.39 -0.24 -15.82
C ALA D 40 -25.84 -0.48 -16.20
N LEU D 41 -26.72 -0.63 -15.22
CA LEU D 41 -28.14 -0.75 -15.53
C LEU D 41 -28.69 0.53 -16.14
N MET D 42 -28.31 1.68 -15.59
CA MET D 42 -28.73 2.95 -16.17
C MET D 42 -28.06 3.22 -17.51
N GLY D 43 -26.96 2.54 -17.81
CA GLY D 43 -26.25 2.75 -19.05
C GLY D 43 -26.86 2.00 -20.22
N LEU D 44 -27.09 0.69 -20.05
CA LEU D 44 -27.64 -0.11 -21.14
C LEU D 44 -29.08 0.24 -21.44
N ARG D 45 -29.79 0.89 -20.52
CA ARG D 45 -31.16 1.30 -20.82
C ARG D 45 -31.18 2.34 -21.93
N ARG D 46 -30.24 3.28 -21.91
CA ARG D 46 -30.13 4.25 -23.00
C ARG D 46 -29.58 3.61 -24.26
N LYS D 47 -28.80 2.53 -24.11
CA LYS D 47 -28.18 1.89 -25.27
C LYS D 47 -29.22 1.15 -26.11
N TYR D 48 -30.31 0.69 -25.51
CA TYR D 48 -31.38 0.00 -26.22
C TYR D 48 -32.67 0.78 -26.02
N ALA D 49 -32.89 1.78 -26.86
CA ALA D 49 -34.12 2.55 -26.89
C ALA D 49 -34.64 2.58 -28.32
N GLY D 50 -35.93 2.40 -28.48
CA GLY D 50 -36.49 2.16 -29.81
C GLY D 50 -36.33 0.71 -30.18
N GLN D 51 -35.08 0.23 -30.16
CA GLN D 51 -34.82 -1.20 -30.18
C GLN D 51 -35.29 -1.82 -28.87
N GLN D 52 -36.23 -2.75 -28.95
CA GLN D 52 -36.84 -3.38 -27.78
C GLN D 52 -36.54 -4.87 -27.85
N PRO D 53 -35.39 -5.31 -27.33
CA PRO D 53 -35.03 -6.73 -27.43
C PRO D 53 -35.95 -7.65 -26.65
N LEU D 54 -36.56 -7.17 -25.57
CA LEU D 54 -37.40 -8.00 -24.72
C LEU D 54 -38.89 -7.68 -24.85
N LYS D 55 -39.30 -7.09 -25.97
CA LYS D 55 -40.72 -6.79 -26.18
C LYS D 55 -41.49 -8.10 -26.35
N GLY D 56 -42.31 -8.44 -25.35
CA GLY D 56 -43.12 -9.64 -25.39
C GLY D 56 -42.64 -10.77 -24.50
N ALA D 57 -41.54 -10.59 -23.77
CA ALA D 57 -41.06 -11.64 -22.88
C ALA D 57 -41.87 -11.62 -21.57
N LYS D 58 -42.13 -12.80 -21.05
CA LYS D 58 -42.89 -12.96 -19.80
C LYS D 58 -41.99 -13.59 -18.75
N ILE D 59 -41.55 -12.79 -17.79
CA ILE D 59 -40.67 -13.22 -16.70
C ILE D 59 -41.48 -13.12 -15.41
N LEU D 60 -41.12 -13.96 -14.43
CA LEU D 60 -41.75 -13.87 -13.12
C LEU D 60 -40.81 -13.25 -12.09
N GLY D 61 -39.61 -13.80 -11.92
CA GLY D 61 -38.55 -13.09 -11.24
C GLY D 61 -38.55 -13.19 -9.73
N CYS D 62 -37.47 -13.74 -9.17
CA CYS D 62 -37.27 -13.76 -7.72
C CYS D 62 -35.81 -14.04 -7.34
N ILE D 63 -35.06 -13.06 -6.83
CA ILE D 63 -33.69 -13.36 -6.45
C ILE D 63 -33.39 -12.96 -4.99
N HIS D 64 -33.36 -11.66 -4.70
CA HIS D 64 -33.21 -11.15 -3.32
C HIS D 64 -33.80 -9.74 -3.33
N MET D 65 -35.01 -9.59 -2.78
CA MET D 65 -35.66 -8.30 -2.78
C MET D 65 -34.97 -7.34 -1.81
N THR D 66 -34.40 -6.26 -2.35
CA THR D 66 -33.75 -5.22 -1.55
C THR D 66 -34.12 -3.86 -2.11
N ILE D 67 -33.50 -2.82 -1.54
CA ILE D 67 -33.60 -1.48 -2.12
C ILE D 67 -32.89 -1.44 -3.48
N GLN D 68 -31.81 -2.20 -3.62
CA GLN D 68 -31.00 -2.22 -4.83
C GLN D 68 -31.32 -3.41 -5.73
N THR D 69 -32.53 -3.96 -5.60
CA THR D 69 -33.01 -5.04 -6.44
C THR D 69 -34.08 -4.61 -7.42
N GLY D 70 -34.94 -3.65 -7.04
CA GLY D 70 -35.99 -3.18 -7.92
C GLY D 70 -35.47 -2.54 -9.19
N VAL D 71 -34.18 -2.20 -9.24
CA VAL D 71 -33.58 -1.69 -10.47
C VAL D 71 -33.67 -2.72 -11.59
N LEU D 72 -33.53 -4.00 -11.25
CA LEU D 72 -33.74 -5.05 -12.24
C LEU D 72 -35.16 -5.02 -12.79
N ILE D 73 -36.15 -4.91 -11.91
CA ILE D 73 -37.53 -4.87 -12.35
C ILE D 73 -37.75 -3.66 -13.26
N GLU D 74 -37.19 -2.51 -12.88
CA GLU D 74 -37.33 -1.32 -13.70
C GLU D 74 -36.69 -1.50 -15.08
N THR D 75 -35.51 -2.13 -15.12
CA THR D 75 -34.83 -2.32 -16.40
C THR D 75 -35.60 -3.27 -17.32
N LEU D 76 -36.09 -4.40 -16.77
CA LEU D 76 -36.91 -5.30 -17.57
C LEU D 76 -38.20 -4.62 -18.03
N VAL D 77 -38.82 -3.81 -17.17
CA VAL D 77 -40.03 -3.10 -17.58
C VAL D 77 -39.72 -2.13 -18.72
N ALA D 78 -38.61 -1.42 -18.62
CA ALA D 78 -38.23 -0.49 -19.67
C ALA D 78 -37.95 -1.20 -20.98
N LEU D 79 -37.30 -2.36 -20.92
CA LEU D 79 -36.96 -3.11 -22.13
C LEU D 79 -38.12 -3.92 -22.70
N GLY D 80 -39.32 -3.77 -22.14
CA GLY D 80 -40.51 -4.37 -22.70
C GLY D 80 -40.94 -5.69 -22.09
N ALA D 81 -40.26 -6.17 -21.06
CA ALA D 81 -40.64 -7.42 -20.41
C ALA D 81 -41.88 -7.22 -19.55
N GLU D 82 -42.50 -8.33 -19.18
CA GLU D 82 -43.66 -8.33 -18.28
C GLU D 82 -43.34 -9.23 -17.10
N VAL D 83 -43.45 -8.69 -15.89
CA VAL D 83 -43.03 -9.38 -14.67
C VAL D 83 -44.11 -9.30 -13.61
N ARG D 84 -43.99 -10.18 -12.62
CA ARG D 84 -44.81 -10.15 -11.42
C ARG D 84 -43.95 -10.70 -10.28
N TRP D 85 -43.64 -9.85 -9.32
CA TRP D 85 -42.57 -10.13 -8.36
C TRP D 85 -43.11 -10.72 -7.07
N SER D 86 -42.42 -11.73 -6.56
CA SER D 86 -42.71 -12.35 -5.27
C SER D 86 -41.42 -12.51 -4.49
N SER D 87 -41.51 -12.43 -3.16
CA SER D 87 -40.34 -12.51 -2.31
C SER D 87 -39.77 -13.93 -2.30
N CYS D 88 -38.48 -14.03 -1.91
CA CYS D 88 -37.75 -15.28 -2.03
C CYS D 88 -37.65 -16.04 -0.71
N ASN D 89 -37.02 -15.45 0.30
CA ASN D 89 -36.64 -16.20 1.49
C ASN D 89 -36.19 -15.22 2.56
N ILE D 90 -35.61 -15.77 3.64
CA ILE D 90 -35.03 -15.07 4.79
C ILE D 90 -35.82 -13.84 5.21
N PHE D 91 -35.85 -12.79 4.40
CA PHE D 91 -36.63 -11.60 4.68
C PHE D 91 -37.61 -11.35 3.54
N SER D 92 -38.90 -11.42 3.87
CA SER D 92 -39.94 -11.28 2.83
C SER D 92 -40.07 -9.83 2.37
N THR D 93 -40.07 -8.88 3.30
CA THR D 93 -40.35 -7.49 3.00
C THR D 93 -39.22 -6.61 3.50
N GLN D 94 -38.25 -6.35 2.63
CA GLN D 94 -37.36 -5.20 2.81
C GLN D 94 -38.03 -3.97 2.18
N ASP D 95 -39.14 -3.58 2.80
CA ASP D 95 -40.15 -2.68 2.26
C ASP D 95 -39.69 -1.25 2.15
N GLN D 96 -38.40 -0.96 2.31
CA GLN D 96 -37.91 0.42 2.22
C GLN D 96 -38.42 1.13 0.98
N ALA D 97 -38.56 0.42 -0.15
CA ALA D 97 -39.24 0.97 -1.31
C ALA D 97 -40.14 -0.05 -2.01
N ALA D 98 -40.57 -1.10 -1.32
CA ALA D 98 -41.41 -2.10 -1.96
C ALA D 98 -42.79 -1.54 -2.33
N ALA D 99 -43.31 -0.63 -1.51
CA ALA D 99 -44.65 -0.08 -1.74
C ALA D 99 -44.73 0.78 -2.99
N ALA D 100 -43.60 1.35 -3.44
CA ALA D 100 -43.64 2.20 -4.62
C ALA D 100 -43.90 1.41 -5.89
N ILE D 101 -43.60 0.10 -5.89
CA ILE D 101 -43.87 -0.73 -7.06
C ILE D 101 -45.37 -0.79 -7.33
N ALA D 102 -46.17 -0.99 -6.28
CA ALA D 102 -47.60 -1.20 -6.47
C ALA D 102 -48.31 0.08 -6.87
N ALA D 103 -47.91 1.21 -6.30
CA ALA D 103 -48.55 2.48 -6.68
C ALA D 103 -48.24 2.84 -8.13
N ALA D 104 -47.11 2.37 -8.66
CA ALA D 104 -46.79 2.63 -10.06
C ALA D 104 -47.68 1.81 -10.99
N GLY D 105 -47.94 0.56 -10.63
CA GLY D 105 -48.81 -0.29 -11.45
C GLY D 105 -48.39 -1.74 -11.50
N ILE D 106 -47.14 -2.02 -11.15
CA ILE D 106 -46.66 -3.41 -11.19
C ILE D 106 -47.27 -4.19 -10.03
N PRO D 107 -47.87 -5.35 -10.28
CA PRO D 107 -48.45 -6.14 -9.18
C PRO D 107 -47.35 -6.84 -8.38
N VAL D 108 -47.39 -6.68 -7.06
CA VAL D 108 -46.42 -7.29 -6.15
C VAL D 108 -47.18 -7.93 -4.98
N PHE D 109 -46.88 -9.19 -4.71
CA PHE D 109 -47.47 -9.95 -3.61
C PHE D 109 -46.35 -10.44 -2.70
N ALA D 110 -46.29 -9.90 -1.48
CA ALA D 110 -45.39 -10.43 -0.47
C ALA D 110 -46.02 -10.53 0.92
N TRP D 111 -47.16 -9.90 1.18
CA TRP D 111 -47.81 -9.94 2.49
C TRP D 111 -48.41 -11.32 2.69
N LYS D 112 -47.75 -12.15 3.50
CA LYS D 112 -48.15 -13.54 3.65
C LYS D 112 -48.28 -13.87 5.14
N GLY D 113 -48.40 -15.14 5.48
CA GLY D 113 -48.36 -15.48 6.88
C GLY D 113 -46.91 -15.69 7.29
N GLU D 114 -46.31 -14.68 7.90
CA GLU D 114 -44.86 -14.51 7.86
C GLU D 114 -44.13 -15.52 8.73
N THR D 115 -43.71 -16.61 8.11
CA THR D 115 -42.82 -17.59 8.72
C THR D 115 -42.13 -18.37 7.61
N GLU D 116 -41.05 -19.04 7.98
CA GLU D 116 -40.18 -19.68 7.00
C GLU D 116 -40.56 -21.12 6.67
N GLU D 117 -41.66 -21.62 7.23
CA GLU D 117 -42.12 -22.97 6.93
C GLU D 117 -43.25 -22.99 5.90
N GLU D 118 -43.73 -21.82 5.48
CA GLU D 118 -44.81 -21.73 4.52
C GLU D 118 -44.44 -20.98 3.26
N TYR D 119 -43.20 -20.48 3.15
CA TYR D 119 -42.84 -19.56 2.07
C TYR D 119 -43.08 -20.12 0.67
N GLU D 120 -43.42 -21.41 0.55
CA GLU D 120 -43.90 -21.92 -0.73
C GLU D 120 -45.16 -21.21 -1.18
N TRP D 121 -45.98 -20.73 -0.23
CA TRP D 121 -47.15 -19.93 -0.57
C TRP D 121 -46.77 -18.60 -1.20
N CYS D 122 -45.57 -18.11 -0.94
CA CYS D 122 -45.04 -16.97 -1.70
C CYS D 122 -44.62 -17.37 -3.10
N ILE D 123 -44.09 -18.58 -3.26
CA ILE D 123 -43.71 -19.06 -4.59
C ILE D 123 -44.95 -19.36 -5.42
N GLU D 124 -45.98 -19.94 -4.80
CA GLU D 124 -47.20 -20.35 -5.55
C GLU D 124 -47.84 -19.19 -6.31
N GLN D 125 -47.61 -17.95 -5.88
CA GLN D 125 -48.29 -16.82 -6.48
C GLN D 125 -47.52 -16.19 -7.64
N THR D 126 -46.24 -16.51 -7.79
CA THR D 126 -45.45 -16.03 -8.93
C THR D 126 -45.43 -17.02 -10.08
N ILE D 127 -45.67 -18.31 -9.83
CA ILE D 127 -45.65 -19.31 -10.89
C ILE D 127 -46.93 -19.28 -11.72
N LEU D 128 -47.96 -18.59 -11.26
CA LEU D 128 -49.25 -18.58 -11.94
C LEU D 128 -49.91 -17.23 -11.72
N LYS D 129 -50.91 -16.94 -12.56
CA LYS D 129 -51.65 -15.68 -12.49
C LYS D 129 -52.99 -15.83 -11.78
N ASP D 130 -53.85 -16.71 -12.28
CA ASP D 130 -55.18 -16.91 -11.72
C ASP D 130 -55.41 -18.30 -11.15
N GLY D 131 -54.47 -19.22 -11.34
CA GLY D 131 -54.65 -20.61 -10.94
C GLY D 131 -54.15 -21.53 -12.03
N GLN D 132 -54.32 -21.11 -13.28
CA GLN D 132 -53.66 -21.83 -14.36
C GLN D 132 -52.18 -21.45 -14.41
N PRO D 133 -51.31 -22.41 -14.69
CA PRO D 133 -49.88 -22.10 -14.77
C PRO D 133 -49.60 -21.04 -15.84
N TRP D 134 -48.68 -20.14 -15.53
CA TRP D 134 -48.45 -18.94 -16.32
C TRP D 134 -47.85 -19.27 -17.68
N ASP D 135 -47.76 -18.26 -18.53
CA ASP D 135 -47.14 -18.38 -19.86
C ASP D 135 -45.64 -18.08 -19.81
N ALA D 136 -44.95 -18.72 -18.87
CA ALA D 136 -43.53 -18.46 -18.70
C ALA D 136 -42.75 -19.03 -19.86
N ASN D 137 -41.84 -18.22 -20.41
CA ASN D 137 -40.88 -18.68 -21.40
C ASN D 137 -39.43 -18.53 -20.97
N MET D 138 -39.14 -17.66 -20.02
CA MET D 138 -37.91 -17.69 -19.24
C MET D 138 -38.27 -17.62 -17.77
N VAL D 139 -37.39 -18.16 -16.94
CA VAL D 139 -37.63 -18.27 -15.51
C VAL D 139 -36.49 -17.60 -14.76
N LEU D 140 -36.83 -16.75 -13.78
CA LEU D 140 -35.85 -16.00 -13.01
C LEU D 140 -36.00 -16.37 -11.53
N ASP D 141 -35.04 -17.13 -11.01
CA ASP D 141 -34.99 -17.46 -9.59
C ASP D 141 -33.54 -17.66 -9.17
N ASP D 142 -33.26 -17.37 -7.90
CA ASP D 142 -31.90 -17.50 -7.39
C ASP D 142 -31.57 -18.92 -6.96
N GLY D 143 -32.24 -19.40 -5.92
CA GLY D 143 -31.81 -20.60 -5.23
C GLY D 143 -32.54 -21.85 -5.67
N GLY D 144 -33.16 -21.78 -6.85
CA GLY D 144 -33.93 -22.90 -7.34
C GLY D 144 -35.24 -23.12 -6.64
N ASP D 145 -35.61 -22.28 -5.67
CA ASP D 145 -36.84 -22.40 -4.89
C ASP D 145 -38.07 -22.44 -5.78
N LEU D 146 -37.88 -22.17 -7.07
CA LEU D 146 -38.92 -22.20 -8.07
C LEU D 146 -38.80 -23.36 -9.03
N THR D 147 -37.58 -23.90 -9.22
CA THR D 147 -37.34 -24.87 -10.29
C THR D 147 -38.06 -26.19 -10.04
N GLU D 148 -37.98 -26.73 -8.82
CA GLU D 148 -38.63 -28.01 -8.57
C GLU D 148 -40.15 -27.90 -8.66
N ILE D 149 -40.70 -26.71 -8.45
CA ILE D 149 -42.15 -26.55 -8.45
C ILE D 149 -42.73 -26.88 -9.82
N LEU D 150 -42.07 -26.42 -10.89
CA LEU D 150 -42.54 -26.70 -12.24
C LEU D 150 -42.53 -28.20 -12.52
N HIS D 151 -41.40 -28.85 -12.27
CA HIS D 151 -41.18 -30.22 -12.70
C HIS D 151 -41.91 -31.22 -11.81
N LYS D 152 -41.95 -30.96 -10.50
CA LYS D 152 -42.57 -31.91 -9.57
C LYS D 152 -44.07 -31.76 -9.49
N LYS D 153 -44.60 -30.55 -9.68
CA LYS D 153 -46.00 -30.27 -9.41
C LYS D 153 -46.81 -29.84 -10.62
N TYR D 154 -46.27 -28.97 -11.48
CA TYR D 154 -47.05 -28.33 -12.54
C TYR D 154 -46.34 -28.53 -13.88
N PRO D 155 -46.41 -29.73 -14.45
CA PRO D 155 -45.72 -30.00 -15.72
C PRO D 155 -46.45 -29.53 -16.97
N GLN D 156 -47.54 -28.77 -16.84
CA GLN D 156 -48.38 -28.50 -18.00
C GLN D 156 -47.82 -27.37 -18.86
N MET D 157 -47.64 -26.18 -18.28
CA MET D 157 -47.15 -25.04 -19.04
C MET D 157 -45.73 -25.23 -19.53
N LEU D 158 -45.00 -26.18 -18.94
CA LEU D 158 -43.55 -26.20 -18.98
C LEU D 158 -43.00 -26.32 -20.40
N GLU D 159 -43.81 -26.80 -21.35
CA GLU D 159 -43.31 -27.06 -22.69
C GLU D 159 -43.03 -25.77 -23.48
N ARG D 160 -43.52 -24.63 -23.01
CA ARG D 160 -43.44 -23.38 -23.73
C ARG D 160 -42.20 -22.56 -23.36
N ILE D 161 -41.38 -23.03 -22.43
CA ILE D 161 -40.28 -22.25 -21.89
C ILE D 161 -39.10 -22.30 -22.83
N HIS D 162 -38.54 -21.13 -23.16
CA HIS D 162 -37.34 -21.07 -24.00
C HIS D 162 -36.08 -21.38 -23.21
N GLY D 163 -35.95 -20.82 -22.01
CA GLY D 163 -34.75 -21.02 -21.21
C GLY D 163 -34.98 -20.61 -19.78
N ILE D 164 -33.99 -20.92 -18.94
CA ILE D 164 -34.04 -20.56 -17.51
C ILE D 164 -32.66 -20.13 -17.07
N THR D 165 -32.61 -19.44 -15.93
CA THR D 165 -31.36 -18.95 -15.37
C THR D 165 -31.46 -18.91 -13.86
N GLU D 166 -30.30 -18.91 -13.20
CA GLU D 166 -30.23 -18.98 -11.74
C GLU D 166 -28.88 -18.46 -11.29
N GLU D 167 -28.75 -18.26 -9.97
CA GLU D 167 -27.65 -17.45 -9.45
C GLU D 167 -26.97 -18.07 -8.24
N THR D 168 -26.90 -19.39 -8.15
CA THR D 168 -26.16 -20.02 -7.06
C THR D 168 -25.77 -21.43 -7.45
N THR D 169 -24.80 -21.97 -6.71
CA THR D 169 -24.39 -23.36 -6.91
C THR D 169 -25.43 -24.33 -6.38
N THR D 170 -26.21 -23.90 -5.38
CA THR D 170 -27.26 -24.75 -4.83
C THR D 170 -28.32 -25.10 -5.88
N GLY D 171 -28.46 -24.28 -6.91
CA GLY D 171 -29.41 -24.56 -7.96
C GLY D 171 -28.82 -25.31 -9.12
N VAL D 172 -27.68 -24.84 -9.65
CA VAL D 172 -27.09 -25.47 -10.83
C VAL D 172 -26.69 -26.90 -10.50
N HIS D 173 -26.40 -27.20 -9.23
CA HIS D 173 -26.07 -28.57 -8.84
C HIS D 173 -27.18 -29.53 -9.21
N ARG D 174 -28.42 -29.20 -8.84
CA ARG D 174 -29.53 -30.07 -9.21
C ARG D 174 -29.87 -29.92 -10.68
N LEU D 175 -29.83 -28.70 -11.22
CA LEU D 175 -30.19 -28.49 -12.62
C LEU D 175 -29.32 -29.31 -13.57
N LEU D 176 -28.05 -29.50 -13.23
CA LEU D 176 -27.21 -30.39 -14.02
C LEU D 176 -27.58 -31.85 -13.80
N ASP D 177 -27.82 -32.22 -12.53
CA ASP D 177 -28.29 -33.58 -12.25
C ASP D 177 -29.67 -33.81 -12.82
N MET D 178 -30.55 -32.81 -12.72
CA MET D 178 -31.93 -32.93 -13.16
C MET D 178 -32.07 -32.89 -14.69
N LEU D 179 -31.01 -32.53 -15.41
CA LEU D 179 -30.95 -32.76 -16.84
C LEU D 179 -30.27 -34.08 -17.17
N LYS D 180 -29.39 -34.56 -16.29
CA LYS D 180 -28.72 -35.84 -16.54
C LYS D 180 -29.71 -36.98 -16.61
N ASN D 181 -30.69 -37.00 -15.70
CA ASN D 181 -31.75 -38.00 -15.78
C ASN D 181 -32.71 -37.74 -16.93
N GLY D 182 -32.78 -36.51 -17.43
CA GLY D 182 -33.58 -36.18 -18.58
C GLY D 182 -34.94 -35.59 -18.30
N THR D 183 -35.28 -35.29 -17.05
CA THR D 183 -36.56 -34.67 -16.75
C THR D 183 -36.56 -33.16 -16.96
N LEU D 184 -35.39 -32.53 -17.11
CA LEU D 184 -35.35 -31.16 -17.59
C LEU D 184 -35.72 -31.11 -19.07
N LYS D 185 -36.67 -30.25 -19.40
CA LYS D 185 -37.14 -30.09 -20.77
C LYS D 185 -36.77 -28.73 -21.35
N VAL D 186 -35.93 -27.97 -20.67
CA VAL D 186 -35.63 -26.60 -21.05
C VAL D 186 -34.13 -26.35 -20.96
N PRO D 187 -33.51 -25.77 -21.98
CA PRO D 187 -32.10 -25.38 -21.85
C PRO D 187 -31.93 -24.28 -20.81
N ALA D 188 -30.80 -24.30 -20.12
CA ALA D 188 -30.54 -23.40 -19.00
C ALA D 188 -29.27 -22.61 -19.25
N ILE D 189 -29.20 -21.44 -18.62
CA ILE D 189 -28.03 -20.56 -18.72
C ILE D 189 -27.56 -20.23 -17.32
N ASN D 190 -26.26 -20.38 -17.08
CA ASN D 190 -25.65 -20.15 -15.79
C ASN D 190 -24.85 -18.86 -15.83
N VAL D 191 -25.12 -17.96 -14.89
CA VAL D 191 -24.41 -16.68 -14.82
C VAL D 191 -23.25 -16.72 -13.82
N ASN D 192 -23.23 -17.71 -12.91
CA ASN D 192 -22.22 -17.74 -11.86
C ASN D 192 -20.80 -17.88 -12.41
N ASP D 193 -20.64 -18.28 -13.66
CA ASP D 193 -19.32 -18.35 -14.27
C ASP D 193 -18.92 -17.09 -15.01
N SER D 194 -19.79 -16.08 -15.04
CA SER D 194 -19.44 -14.81 -15.68
C SER D 194 -18.32 -14.12 -14.90
N VAL D 195 -17.37 -13.55 -15.63
CA VAL D 195 -16.20 -12.95 -15.00
C VAL D 195 -16.59 -11.73 -14.17
N THR D 196 -17.42 -10.85 -14.74
CA THR D 196 -17.82 -9.65 -14.02
C THR D 196 -18.74 -9.94 -12.84
N LYS D 197 -19.25 -11.16 -12.72
CA LYS D 197 -19.99 -11.54 -11.52
C LYS D 197 -19.08 -12.15 -10.46
N SER D 198 -18.17 -13.04 -10.89
CA SER D 198 -17.32 -13.73 -9.93
C SER D 198 -16.39 -12.76 -9.20
N LYS D 199 -15.79 -11.82 -9.93
CA LYS D 199 -14.86 -10.89 -9.30
C LYS D 199 -15.59 -9.86 -8.46
N ASN D 200 -16.77 -9.43 -8.90
CA ASN D 200 -17.51 -8.41 -8.15
C ASN D 200 -18.07 -8.98 -6.85
N ASP D 201 -18.93 -9.99 -6.96
CA ASP D 201 -19.70 -10.45 -5.81
C ASP D 201 -18.82 -11.06 -4.74
N ASN D 202 -17.71 -11.70 -5.11
CA ASN D 202 -16.90 -12.44 -4.15
C ASN D 202 -15.68 -11.67 -3.65
N LYS D 203 -14.79 -11.27 -4.56
CA LYS D 203 -13.54 -10.65 -4.12
C LYS D 203 -13.74 -9.21 -3.65
N TYR D 204 -14.51 -8.43 -4.42
CA TYR D 204 -14.62 -7.00 -4.14
C TYR D 204 -15.68 -6.68 -3.10
N GLY D 205 -16.77 -7.45 -3.06
CA GLY D 205 -17.84 -7.16 -2.10
C GLY D 205 -17.39 -7.24 -0.67
N CYS D 206 -16.49 -8.18 -0.36
CA CYS D 206 -16.01 -8.35 1.01
C CYS D 206 -14.99 -7.28 1.39
N ARG D 207 -14.16 -6.85 0.43
CA ARG D 207 -13.10 -5.90 0.72
C ARG D 207 -13.63 -4.56 1.22
N HIS D 208 -14.88 -4.21 0.88
CA HIS D 208 -15.51 -3.01 1.40
C HIS D 208 -16.30 -3.29 2.68
N SER D 209 -16.99 -4.42 2.75
CA SER D 209 -17.94 -4.66 3.83
C SER D 209 -17.29 -5.17 5.11
N LEU D 210 -16.17 -5.88 5.01
CA LEU D 210 -15.70 -6.65 6.16
C LEU D 210 -15.15 -5.74 7.27
N ASN D 211 -14.13 -4.94 6.95
CA ASN D 211 -13.55 -4.07 7.97
C ASN D 211 -14.54 -3.03 8.47
N ASP D 212 -15.54 -2.68 7.65
CA ASP D 212 -16.64 -1.86 8.15
C ASP D 212 -17.44 -2.60 9.21
N ALA D 213 -17.86 -3.83 8.89
CA ALA D 213 -18.72 -4.59 9.80
C ALA D 213 -18.02 -4.88 11.12
N ILE D 214 -16.72 -5.21 11.07
CA ILE D 214 -15.98 -5.51 12.30
C ILE D 214 -15.94 -4.28 13.21
N LYS D 215 -15.68 -3.11 12.63
CA LYS D 215 -15.49 -1.90 13.42
C LYS D 215 -16.79 -1.22 13.83
N ARG D 216 -17.93 -1.67 13.35
CA ARG D 216 -19.19 -1.08 13.79
C ARG D 216 -19.66 -1.65 15.12
N GLY D 217 -19.45 -2.95 15.33
CA GLY D 217 -19.90 -3.59 16.55
C GLY D 217 -18.91 -3.48 17.69
N THR D 218 -17.65 -3.79 17.42
CA THR D 218 -16.63 -3.72 18.47
C THR D 218 -16.28 -2.28 18.81
N ASP D 219 -16.20 -1.41 17.79
CA ASP D 219 -15.71 -0.05 17.93
C ASP D 219 -14.29 -0.04 18.49
N HIS D 220 -13.52 -1.06 18.13
CA HIS D 220 -12.15 -1.23 18.60
C HIS D 220 -11.16 -0.70 17.56
N LEU D 221 -9.92 -0.51 18.01
CA LEU D 221 -8.84 -0.11 17.12
C LEU D 221 -8.17 -1.35 16.58
N LEU D 222 -7.94 -1.37 15.25
CA LEU D 222 -7.38 -2.54 14.60
C LEU D 222 -5.91 -2.39 14.22
N SER D 223 -5.32 -1.22 14.42
CA SER D 223 -3.95 -1.01 14.00
C SER D 223 -2.98 -1.66 14.98
N GLY D 224 -2.08 -2.48 14.45
CA GLY D 224 -1.05 -3.11 15.26
C GLY D 224 -1.40 -4.48 15.82
N LYS D 225 -2.64 -4.93 15.65
CA LYS D 225 -3.07 -6.22 16.19
C LYS D 225 -2.81 -7.34 15.20
N GLN D 226 -2.90 -8.58 15.69
CA GLN D 226 -2.65 -9.78 14.91
C GLN D 226 -3.96 -10.52 14.70
N ALA D 227 -4.14 -11.07 13.49
CA ALA D 227 -5.37 -11.74 13.12
C ALA D 227 -5.05 -13.02 12.36
N LEU D 228 -6.08 -13.87 12.25
CA LEU D 228 -5.98 -15.12 11.49
C LEU D 228 -7.16 -15.22 10.54
N VAL D 229 -6.88 -15.65 9.31
CA VAL D 229 -7.90 -15.81 8.28
C VAL D 229 -7.90 -17.27 7.85
N ILE D 230 -9.07 -17.90 7.88
CA ILE D 230 -9.23 -19.30 7.55
C ILE D 230 -9.68 -19.41 6.10
N GLY D 231 -8.83 -19.98 5.25
CA GLY D 231 -9.17 -20.14 3.85
C GLY D 231 -8.78 -18.95 3.00
N TYR D 232 -8.19 -19.22 1.84
CA TYR D 232 -7.75 -18.19 0.91
C TYR D 232 -8.36 -18.41 -0.46
N GLY D 233 -9.66 -18.63 -0.50
CA GLY D 233 -10.36 -18.77 -1.76
C GLY D 233 -10.64 -17.42 -2.39
N ASP D 234 -11.82 -17.29 -3.01
CA ASP D 234 -12.18 -16.02 -3.64
C ASP D 234 -12.49 -14.94 -2.60
N VAL D 235 -13.07 -15.33 -1.46
CA VAL D 235 -13.40 -14.35 -0.42
C VAL D 235 -12.18 -14.07 0.45
N GLY D 236 -11.30 -15.05 0.60
CA GLY D 236 -10.13 -14.86 1.45
C GLY D 236 -9.25 -13.73 0.99
N LYS D 237 -9.09 -13.58 -0.34
CA LYS D 237 -8.28 -12.50 -0.88
C LYS D 237 -8.83 -11.14 -0.47
N GLY D 238 -10.13 -10.93 -0.69
CA GLY D 238 -10.74 -9.66 -0.32
C GLY D 238 -10.68 -9.39 1.18
N SER D 239 -10.91 -10.42 1.99
CA SER D 239 -10.83 -10.26 3.43
C SER D 239 -9.43 -9.86 3.86
N SER D 240 -8.41 -10.56 3.36
CA SER D 240 -7.03 -10.23 3.73
C SER D 240 -6.66 -8.84 3.27
N GLN D 241 -7.13 -8.42 2.09
CA GLN D 241 -6.87 -7.06 1.64
C GLN D 241 -7.51 -6.04 2.57
N SER D 242 -8.76 -6.29 2.96
CA SER D 242 -9.45 -5.34 3.84
C SER D 242 -8.75 -5.20 5.19
N LEU D 243 -8.31 -6.32 5.76
CA LEU D 243 -7.58 -6.22 7.03
C LEU D 243 -6.21 -5.57 6.86
N ARG D 244 -5.47 -5.93 5.81
CA ARG D 244 -4.12 -5.39 5.67
C ARG D 244 -4.14 -3.89 5.37
N GLN D 245 -5.16 -3.41 4.66
CA GLN D 245 -5.18 -1.98 4.34
C GLN D 245 -5.38 -1.11 5.57
N GLU D 246 -5.73 -1.69 6.73
CA GLU D 246 -5.85 -0.95 7.97
C GLU D 246 -4.63 -1.07 8.86
N GLY D 247 -3.61 -1.82 8.44
CA GLY D 247 -2.39 -1.96 9.21
C GLY D 247 -2.30 -3.12 10.16
N MET D 248 -3.16 -4.13 10.04
CA MET D 248 -3.12 -5.30 10.89
C MET D 248 -1.97 -6.23 10.48
N ILE D 249 -1.69 -7.20 11.34
CA ILE D 249 -0.79 -8.30 11.04
C ILE D 249 -1.65 -9.52 10.74
N VAL D 250 -1.60 -10.00 9.50
CA VAL D 250 -2.55 -10.98 8.99
C VAL D 250 -1.83 -12.29 8.72
N LYS D 251 -2.45 -13.39 9.16
CA LYS D 251 -1.99 -14.75 8.86
C LYS D 251 -3.12 -15.52 8.20
N VAL D 252 -2.76 -16.53 7.42
CA VAL D 252 -3.69 -17.27 6.59
C VAL D 252 -3.58 -18.77 6.86
N ALA D 253 -4.71 -19.45 6.95
CA ALA D 253 -4.77 -20.90 7.06
C ALA D 253 -5.46 -21.46 5.82
N GLU D 254 -4.90 -22.54 5.28
CA GLU D 254 -5.34 -23.04 3.98
C GLU D 254 -4.96 -24.50 3.83
N VAL D 255 -5.72 -25.21 3.00
CA VAL D 255 -5.39 -26.57 2.61
C VAL D 255 -4.94 -26.67 1.15
N ASP D 256 -5.41 -25.77 0.29
CA ASP D 256 -5.10 -25.85 -1.14
C ASP D 256 -3.69 -25.32 -1.38
N PRO D 257 -2.77 -26.12 -1.92
CA PRO D 257 -1.40 -25.63 -2.13
C PRO D 257 -1.30 -24.45 -3.08
N ILE D 258 -2.16 -24.39 -4.11
CA ILE D 258 -2.12 -23.25 -5.03
C ILE D 258 -2.48 -21.96 -4.31
N CYS D 259 -3.53 -22.01 -3.48
CA CYS D 259 -3.94 -20.82 -2.73
C CYS D 259 -2.88 -20.41 -1.72
N ALA D 260 -2.20 -21.39 -1.11
CA ALA D 260 -1.09 -21.07 -0.23
C ALA D 260 0.04 -20.38 -1.00
N MET D 261 0.32 -20.85 -2.21
CA MET D 261 1.28 -20.18 -3.07
C MET D 261 0.88 -18.73 -3.32
N GLN D 262 -0.37 -18.51 -3.71
CA GLN D 262 -0.82 -17.16 -4.04
C GLN D 262 -0.85 -16.27 -2.81
N ALA D 263 -1.03 -16.85 -1.63
CA ALA D 263 -0.97 -16.07 -0.40
C ALA D 263 0.48 -15.69 -0.07
N CYS D 264 1.42 -16.62 -0.27
CA CYS D 264 2.82 -16.31 -0.04
C CYS D 264 3.31 -15.23 -1.00
N MET D 265 2.91 -15.31 -2.26
CA MET D 265 3.30 -14.28 -3.23
C MET D 265 2.68 -12.94 -2.89
N ASP D 266 1.44 -12.93 -2.41
CA ASP D 266 0.75 -11.68 -2.13
C ASP D 266 1.36 -10.93 -0.95
N GLY D 267 2.09 -11.63 -0.08
CA GLY D 267 2.73 -10.98 1.06
C GLY D 267 2.09 -11.29 2.40
N PHE D 268 1.69 -12.55 2.60
CA PHE D 268 1.11 -12.99 3.86
C PHE D 268 1.88 -14.19 4.39
N GLU D 269 1.71 -14.44 5.68
CA GLU D 269 2.27 -15.61 6.34
C GLU D 269 1.21 -16.68 6.48
N VAL D 270 1.55 -17.92 6.11
CA VAL D 270 0.65 -19.06 6.20
C VAL D 270 1.10 -19.97 7.32
N VAL D 271 0.17 -20.33 8.19
CA VAL D 271 0.45 -21.16 9.37
C VAL D 271 -0.66 -22.19 9.51
N SER D 272 -0.47 -23.11 10.44
CA SER D 272 -1.41 -24.20 10.68
C SER D 272 -2.00 -24.09 12.08
N PRO D 273 -3.33 -24.15 12.22
CA PRO D 273 -3.94 -24.15 13.55
C PRO D 273 -3.67 -25.41 14.35
N TYR D 274 -3.19 -26.49 13.72
CA TYR D 274 -2.81 -27.72 14.40
C TYR D 274 -1.33 -27.99 14.18
N LYS D 275 -0.76 -28.80 15.06
CA LYS D 275 0.63 -29.20 14.93
C LYS D 275 0.82 -30.05 13.68
N ASN D 276 1.68 -29.59 12.78
CA ASN D 276 2.01 -30.27 11.53
C ASN D 276 0.80 -30.46 10.63
N GLY D 277 -0.28 -29.72 10.86
CA GLY D 277 -1.46 -29.84 10.05
C GLY D 277 -2.25 -31.11 10.23
N ILE D 278 -1.93 -31.91 11.25
CA ILE D 278 -2.61 -33.16 11.51
C ILE D 278 -3.61 -32.93 12.63
N ASN D 279 -4.88 -33.22 12.37
CA ASN D 279 -5.96 -33.04 13.34
C ASN D 279 -6.46 -34.41 13.78
N ASP D 280 -6.46 -34.64 15.10
CA ASP D 280 -6.89 -35.93 15.63
C ASP D 280 -7.79 -35.80 16.86
N GLY D 281 -8.20 -34.59 17.23
CA GLY D 281 -9.15 -34.39 18.30
C GLY D 281 -8.57 -34.43 19.70
N THR D 282 -7.27 -34.67 19.86
CA THR D 282 -6.65 -34.70 21.17
C THR D 282 -6.21 -33.30 21.59
N GLU D 283 -6.18 -33.08 22.90
CA GLU D 283 -5.75 -31.79 23.42
C GLU D 283 -4.26 -31.53 23.20
N ALA D 284 -3.48 -32.57 22.90
CA ALA D 284 -2.05 -32.43 22.70
C ALA D 284 -1.69 -32.11 21.25
N SER D 285 -2.69 -31.91 20.39
CA SER D 285 -2.43 -31.63 18.98
C SER D 285 -2.52 -30.15 18.62
N ILE D 286 -3.20 -29.34 19.43
CA ILE D 286 -3.38 -27.93 19.14
C ILE D 286 -2.17 -27.16 19.65
N ASP D 287 -1.53 -26.40 18.75
CA ASP D 287 -0.33 -25.63 19.09
C ASP D 287 -0.76 -24.37 19.84
N ALA D 288 -0.61 -24.40 21.16
CA ALA D 288 -1.16 -23.34 22.00
C ALA D 288 -0.38 -22.05 21.89
N ALA D 289 0.92 -22.12 21.63
CA ALA D 289 1.75 -20.91 21.63
C ALA D 289 1.29 -19.90 20.59
N LEU D 290 1.03 -20.38 19.37
CA LEU D 290 0.56 -19.47 18.32
C LEU D 290 -0.83 -18.94 18.64
N LEU D 291 -1.72 -19.80 19.13
CA LEU D 291 -3.09 -19.39 19.39
C LEU D 291 -3.22 -18.55 20.66
N GLY D 292 -2.21 -18.54 21.51
CA GLY D 292 -2.25 -17.74 22.72
C GLY D 292 -1.90 -16.28 22.53
N LYS D 293 -1.61 -15.86 21.30
CA LYS D 293 -1.24 -14.48 21.00
C LYS D 293 -2.01 -13.92 19.82
N ILE D 294 -3.19 -14.48 19.51
CA ILE D 294 -4.01 -14.05 18.39
C ILE D 294 -5.25 -13.35 18.93
N ASP D 295 -5.52 -12.15 18.43
CA ASP D 295 -6.64 -11.35 18.89
C ASP D 295 -7.90 -11.51 18.03
N LEU D 296 -7.81 -12.17 16.89
CA LEU D 296 -8.93 -12.22 15.96
C LEU D 296 -8.79 -13.41 15.03
N ILE D 297 -9.89 -14.15 14.83
CA ILE D 297 -9.96 -15.23 13.86
C ILE D 297 -11.22 -15.07 13.03
N VAL D 298 -11.09 -15.25 11.72
CA VAL D 298 -12.21 -15.15 10.79
C VAL D 298 -12.16 -16.35 9.85
N THR D 299 -13.31 -16.98 9.64
CA THR D 299 -13.40 -18.17 8.79
C THR D 299 -14.08 -17.82 7.48
N THR D 300 -13.44 -18.22 6.37
CA THR D 300 -13.95 -18.01 5.03
C THR D 300 -14.37 -19.32 4.35
N THR D 301 -13.87 -20.45 4.83
CA THR D 301 -14.04 -21.73 4.16
C THR D 301 -15.51 -22.14 4.12
N GLY D 302 -15.87 -22.83 3.03
CA GLY D 302 -17.18 -23.44 2.92
C GLY D 302 -17.18 -24.87 3.39
N ASN D 303 -16.66 -25.09 4.59
CA ASN D 303 -16.52 -26.42 5.17
C ASN D 303 -17.30 -26.48 6.48
N VAL D 304 -17.15 -27.59 7.21
CA VAL D 304 -17.85 -27.82 8.45
C VAL D 304 -16.82 -28.10 9.54
N ASN D 305 -17.06 -27.54 10.73
CA ASN D 305 -16.22 -27.77 11.91
C ASN D 305 -14.77 -27.40 11.64
N VAL D 306 -14.55 -26.18 11.17
CA VAL D 306 -13.19 -25.73 10.88
C VAL D 306 -12.54 -25.06 12.09
N CYS D 307 -13.33 -24.60 13.06
CA CYS D 307 -12.83 -24.07 14.33
C CYS D 307 -13.20 -25.07 15.41
N ASP D 308 -12.29 -26.00 15.70
CA ASP D 308 -12.56 -27.09 16.60
C ASP D 308 -12.70 -26.57 18.03
N ALA D 309 -13.40 -27.36 18.87
CA ALA D 309 -13.63 -26.95 20.25
C ALA D 309 -12.33 -26.87 21.05
N ASN D 310 -11.46 -27.87 20.90
CA ASN D 310 -10.17 -27.81 21.58
C ASN D 310 -9.33 -26.64 21.10
N MET D 311 -9.50 -26.26 19.83
CA MET D 311 -8.92 -25.02 19.34
C MET D 311 -9.45 -23.82 20.12
N LEU D 312 -10.74 -23.83 20.44
CA LEU D 312 -11.45 -22.68 20.97
C LEU D 312 -11.28 -22.51 22.48
N LYS D 313 -10.67 -23.47 23.18
CA LYS D 313 -10.44 -23.36 24.61
C LYS D 313 -9.00 -23.05 24.96
N ALA D 314 -8.07 -23.17 24.02
CA ALA D 314 -6.70 -22.74 24.20
C ALA D 314 -6.46 -21.33 23.68
N LEU D 315 -7.51 -20.64 23.28
CA LEU D 315 -7.39 -19.31 22.68
C LEU D 315 -6.96 -18.29 23.71
N LYS D 316 -6.43 -17.17 23.22
CA LYS D 316 -6.00 -16.08 24.09
C LYS D 316 -7.21 -15.39 24.71
N LYS D 317 -6.98 -14.77 25.87
CA LYS D 317 -8.03 -14.04 26.56
C LYS D 317 -8.56 -12.91 25.68
N ARG D 318 -9.87 -12.71 25.73
CA ARG D 318 -10.54 -11.54 25.14
C ARG D 318 -10.38 -11.49 23.62
N ALA D 319 -10.29 -12.63 22.96
CA ALA D 319 -10.20 -12.64 21.51
C ALA D 319 -11.60 -12.48 20.89
N VAL D 320 -11.62 -12.25 19.59
CA VAL D 320 -12.85 -11.99 18.85
C VAL D 320 -13.05 -13.10 17.83
N VAL D 321 -14.27 -13.62 17.74
CA VAL D 321 -14.62 -14.71 16.84
C VAL D 321 -15.56 -14.19 15.76
N CYS D 322 -15.28 -14.55 14.51
CA CYS D 322 -16.05 -14.04 13.37
C CYS D 322 -16.02 -15.06 12.24
N ASN D 323 -16.98 -14.94 11.33
CA ASN D 323 -17.03 -15.80 10.15
C ASN D 323 -17.68 -15.06 9.00
N ILE D 324 -17.23 -15.36 7.79
CA ILE D 324 -17.82 -14.82 6.56
C ILE D 324 -18.06 -15.96 5.57
N GLY D 325 -18.19 -17.18 6.09
CA GLY D 325 -18.35 -18.34 5.24
C GLY D 325 -19.76 -18.54 4.76
N HIS D 326 -20.28 -19.75 4.86
CA HIS D 326 -21.65 -20.01 4.44
C HIS D 326 -22.49 -20.73 5.50
N PHE D 327 -21.90 -21.66 6.24
CA PHE D 327 -22.66 -22.58 7.07
C PHE D 327 -22.52 -22.24 8.55
N ASP D 328 -23.50 -22.71 9.32
CA ASP D 328 -23.58 -22.40 10.74
C ASP D 328 -22.65 -23.25 11.59
N ASN D 329 -22.03 -24.29 11.02
CA ASN D 329 -21.15 -25.17 11.77
C ASN D 329 -19.69 -25.03 11.35
N GLU D 330 -19.30 -23.82 10.91
CA GLU D 330 -17.88 -23.55 10.73
C GLU D 330 -17.16 -23.50 12.07
N ILE D 331 -17.78 -22.86 13.07
CA ILE D 331 -17.26 -22.81 14.43
C ILE D 331 -18.13 -23.72 15.30
N ASP D 332 -17.51 -24.40 16.24
CA ASP D 332 -18.21 -25.41 17.03
C ASP D 332 -19.18 -24.76 18.01
N THR D 333 -20.28 -24.20 17.48
CA THR D 333 -21.25 -23.53 18.32
C THR D 333 -22.14 -24.50 19.10
N ALA D 334 -22.19 -25.77 18.70
CA ALA D 334 -22.95 -26.75 19.47
C ALA D 334 -22.37 -26.93 20.87
N PHE D 335 -21.03 -27.00 20.96
CA PHE D 335 -20.37 -27.01 22.26
C PHE D 335 -20.38 -25.63 22.90
N MET D 336 -20.67 -24.59 22.11
CA MET D 336 -20.65 -23.22 22.62
C MET D 336 -21.96 -22.86 23.33
N ARG D 337 -23.09 -23.35 22.83
CA ARG D 337 -24.38 -23.09 23.43
C ARG D 337 -24.64 -24.01 24.64
N LYS D 338 -23.59 -24.63 25.17
CA LYS D 338 -23.70 -25.53 26.30
C LYS D 338 -22.40 -25.44 27.09
N ASN D 339 -22.50 -25.69 28.40
CA ASN D 339 -21.38 -25.73 29.34
C ASN D 339 -20.82 -24.33 29.62
N TRP D 340 -21.29 -23.32 28.88
CA TRP D 340 -20.80 -21.95 29.05
C TRP D 340 -21.99 -20.99 28.96
N ALA D 341 -21.89 -19.89 29.70
CA ALA D 341 -22.97 -18.92 29.79
C ALA D 341 -22.89 -17.89 28.67
N TRP D 342 -24.02 -17.22 28.43
CA TRP D 342 -24.13 -16.21 27.38
C TRP D 342 -24.70 -14.93 27.97
N GLU D 343 -24.30 -13.80 27.39
CA GLU D 343 -24.75 -12.49 27.85
C GLU D 343 -24.76 -11.53 26.67
N GLU D 344 -25.80 -10.71 26.59
CA GLU D 344 -25.93 -9.69 25.56
C GLU D 344 -25.45 -8.35 26.11
N VAL D 345 -24.58 -7.68 25.36
CA VAL D 345 -24.14 -6.34 25.71
C VAL D 345 -24.66 -5.29 24.73
N LYS D 346 -24.79 -5.61 23.45
CA LYS D 346 -25.34 -4.74 22.43
C LYS D 346 -26.32 -5.55 21.59
N PRO D 347 -27.25 -4.89 20.89
CA PRO D 347 -28.29 -5.61 20.14
C PRO D 347 -27.79 -6.66 19.16
N GLN D 348 -26.48 -6.72 18.88
CA GLN D 348 -25.98 -7.68 17.91
C GLN D 348 -24.69 -8.38 18.32
N VAL D 349 -24.16 -8.16 19.52
CA VAL D 349 -22.96 -8.84 19.96
C VAL D 349 -23.21 -9.44 21.34
N HIS D 350 -22.40 -10.44 21.69
CA HIS D 350 -22.63 -11.25 22.87
C HIS D 350 -21.33 -11.48 23.62
N LYS D 351 -21.48 -11.76 24.92
CA LYS D 351 -20.37 -12.06 25.81
C LYS D 351 -20.55 -13.46 26.37
N ILE D 352 -19.49 -14.27 26.29
CA ILE D 352 -19.53 -15.66 26.74
C ILE D 352 -18.38 -15.91 27.69
N HIS D 353 -18.65 -16.61 28.78
CA HIS D 353 -17.68 -16.86 29.83
C HIS D 353 -17.17 -18.30 29.76
N ARG D 354 -15.87 -18.47 29.97
CA ARG D 354 -15.20 -19.76 29.89
C ARG D 354 -15.17 -20.50 31.23
N THR D 355 -15.56 -19.85 32.32
CA THR D 355 -15.41 -20.45 33.63
C THR D 355 -16.30 -21.69 33.79
N GLY D 356 -17.57 -21.57 33.47
CA GLY D 356 -18.47 -22.67 33.65
C GLY D 356 -19.83 -22.42 33.03
N LYS D 357 -20.79 -23.28 33.39
CA LYS D 357 -22.12 -23.18 32.81
C LYS D 357 -22.81 -21.89 33.20
N ASP D 358 -22.82 -21.58 34.50
CA ASP D 358 -23.52 -20.39 34.99
C ASP D 358 -22.87 -19.91 36.28
N GLY D 359 -23.13 -18.65 36.61
CA GLY D 359 -22.58 -18.05 37.81
C GLY D 359 -21.31 -17.25 37.58
N PHE D 360 -21.29 -16.45 36.52
CA PHE D 360 -20.13 -15.62 36.23
C PHE D 360 -20.15 -14.35 37.08
N ASP D 361 -18.96 -13.80 37.31
CA ASP D 361 -18.80 -12.56 38.06
C ASP D 361 -18.56 -11.40 37.11
N ALA D 362 -19.01 -10.22 37.53
CA ALA D 362 -18.89 -9.04 36.67
C ALA D 362 -17.43 -8.65 36.44
N HIS D 363 -16.59 -8.81 37.47
CA HIS D 363 -15.18 -8.40 37.39
C HIS D 363 -14.29 -9.46 36.77
N ASN D 364 -14.84 -10.60 36.34
CA ASN D 364 -14.04 -11.70 35.87
C ASN D 364 -13.28 -11.33 34.59
N ASP D 365 -12.11 -11.94 34.42
CA ASP D 365 -11.23 -11.67 33.29
C ASP D 365 -11.46 -12.62 32.12
N ASP D 366 -11.90 -13.83 32.39
CA ASP D 366 -11.97 -14.88 31.37
C ASP D 366 -13.28 -14.77 30.60
N TYR D 367 -13.20 -14.34 29.34
CA TYR D 367 -14.37 -14.30 28.48
C TYR D 367 -13.91 -14.18 27.03
N LEU D 368 -14.85 -14.37 26.11
CA LEU D 368 -14.64 -14.07 24.71
C LEU D 368 -15.75 -13.16 24.20
N ILE D 369 -15.79 -12.89 22.90
CA ILE D 369 -16.85 -12.10 22.30
C ILE D 369 -17.20 -12.69 20.95
N LEU D 370 -18.48 -12.64 20.59
CA LEU D 370 -19.00 -13.20 19.35
C LEU D 370 -19.75 -12.13 18.60
N LEU D 371 -19.31 -11.81 17.38
CA LEU D 371 -19.95 -10.75 16.62
C LEU D 371 -21.30 -11.20 16.06
N ALA D 372 -21.37 -12.41 15.51
CA ALA D 372 -22.62 -12.88 14.92
C ALA D 372 -22.86 -14.36 15.23
N GLU D 373 -22.39 -14.84 16.38
CA GLU D 373 -22.56 -16.23 16.78
C GLU D 373 -22.02 -17.17 15.70
N GLY D 374 -22.91 -17.64 14.83
CA GLY D 374 -22.51 -18.49 13.72
C GLY D 374 -23.03 -17.98 12.39
N ARG D 375 -23.65 -16.81 12.38
CA ARG D 375 -24.20 -16.23 11.17
C ARG D 375 -23.18 -15.30 10.52
N LEU D 376 -23.41 -15.01 9.24
CA LEU D 376 -22.49 -14.14 8.51
C LEU D 376 -22.47 -12.75 9.11
N VAL D 377 -21.27 -12.21 9.31
CA VAL D 377 -21.12 -10.95 10.04
C VAL D 377 -21.62 -9.77 9.20
N ASN D 378 -21.38 -9.80 7.88
CA ASN D 378 -21.71 -8.65 7.05
C ASN D 378 -23.21 -8.46 6.87
N LEU D 379 -24.02 -9.41 7.31
CA LEU D 379 -25.47 -9.25 7.28
C LEU D 379 -26.03 -8.85 8.64
N GLY D 380 -25.56 -9.47 9.72
CA GLY D 380 -26.04 -9.09 11.04
C GLY D 380 -25.50 -7.75 11.51
N ASN D 381 -24.24 -7.48 11.22
CA ASN D 381 -23.58 -6.28 11.72
C ASN D 381 -23.40 -5.20 10.65
N ALA D 382 -23.90 -5.40 9.44
CA ALA D 382 -23.67 -4.45 8.35
C ALA D 382 -24.88 -4.46 7.43
N THR D 383 -24.71 -3.93 6.23
CA THR D 383 -25.83 -3.77 5.30
C THR D 383 -25.47 -4.45 3.99
N GLY D 384 -25.01 -5.71 4.08
CA GLY D 384 -24.73 -6.51 2.90
C GLY D 384 -23.56 -6.01 2.06
N HIS D 385 -23.86 -5.56 0.85
CA HIS D 385 -22.85 -5.13 -0.11
C HIS D 385 -23.19 -3.75 -0.63
N PRO D 386 -22.18 -2.98 -1.06
CA PRO D 386 -22.45 -1.64 -1.60
C PRO D 386 -23.15 -1.71 -2.95
N SER D 387 -23.75 -0.58 -3.33
CA SER D 387 -24.62 -0.55 -4.51
C SER D 387 -23.86 -0.80 -5.80
N ARG D 388 -22.61 -0.33 -5.89
CA ARG D 388 -21.88 -0.42 -7.15
C ARG D 388 -21.35 -1.83 -7.41
N ILE D 389 -20.89 -2.52 -6.37
CA ILE D 389 -20.23 -3.81 -6.55
C ILE D 389 -21.22 -4.85 -7.05
N MET D 390 -22.39 -4.94 -6.41
CA MET D 390 -23.40 -5.91 -6.81
C MET D 390 -24.07 -5.57 -8.14
N ASP D 391 -23.88 -4.34 -8.64
CA ASP D 391 -24.42 -3.98 -9.95
C ASP D 391 -23.80 -4.77 -11.09
N GLY D 392 -22.63 -5.38 -10.88
CA GLY D 392 -21.97 -6.10 -11.95
C GLY D 392 -22.53 -7.48 -12.19
N SER D 393 -23.66 -7.78 -11.55
CA SER D 393 -24.30 -9.08 -11.71
C SER D 393 -25.76 -8.94 -12.13
N PHE D 394 -26.44 -7.90 -11.66
CA PHE D 394 -27.82 -7.70 -12.09
C PHE D 394 -27.91 -7.30 -13.55
N ALA D 395 -26.86 -6.68 -14.08
CA ALA D 395 -26.83 -6.42 -15.52
C ALA D 395 -26.66 -7.72 -16.29
N ASN D 396 -25.88 -8.67 -15.77
CA ASN D 396 -25.87 -10.00 -16.35
C ASN D 396 -27.24 -10.64 -16.27
N GLN D 397 -27.97 -10.39 -15.18
CA GLN D 397 -29.33 -10.89 -15.04
C GLN D 397 -30.21 -10.40 -16.19
N VAL D 398 -30.21 -9.08 -16.42
CA VAL D 398 -31.08 -8.52 -17.46
C VAL D 398 -30.56 -8.85 -18.85
N LEU D 399 -29.27 -9.15 -18.99
CA LEU D 399 -28.68 -9.40 -20.30
C LEU D 399 -28.77 -10.86 -20.73
N ALA D 400 -28.81 -11.80 -19.79
CA ALA D 400 -28.95 -13.20 -20.15
C ALA D 400 -30.29 -13.48 -20.80
N GLN D 401 -31.34 -12.75 -20.40
CA GLN D 401 -32.65 -12.94 -20.99
C GLN D 401 -32.67 -12.55 -22.47
N ILE D 402 -31.75 -11.71 -22.90
CA ILE D 402 -31.70 -11.27 -24.30
C ILE D 402 -31.40 -12.46 -25.21
N HIS D 403 -30.37 -13.24 -24.85
CA HIS D 403 -29.95 -14.35 -25.69
C HIS D 403 -31.00 -15.44 -25.77
N LEU D 404 -31.77 -15.63 -24.69
CA LEU D 404 -32.75 -16.71 -24.65
C LEU D 404 -34.01 -16.34 -25.42
N PHE D 405 -34.44 -15.08 -25.31
CA PHE D 405 -35.68 -14.66 -25.93
C PHE D 405 -35.57 -14.50 -27.44
N GLU D 406 -34.36 -14.39 -27.97
CA GLU D 406 -34.17 -14.21 -29.40
C GLU D 406 -34.24 -15.52 -30.18
N GLN D 407 -34.09 -16.66 -29.50
CA GLN D 407 -33.96 -17.93 -30.20
C GLN D 407 -35.28 -18.68 -30.35
N LYS D 408 -36.27 -18.40 -29.51
CA LYS D 408 -37.59 -19.01 -29.59
C LYS D 408 -37.48 -20.54 -29.57
N TYR D 409 -36.96 -21.07 -28.46
CA TYR D 409 -36.74 -22.51 -28.37
C TYR D 409 -38.04 -23.30 -28.40
N ALA D 410 -39.11 -22.74 -27.82
CA ALA D 410 -40.38 -23.46 -27.77
C ALA D 410 -41.05 -23.62 -29.12
N ASP D 411 -40.60 -22.90 -30.15
CA ASP D 411 -41.21 -22.97 -31.47
C ASP D 411 -40.39 -23.78 -32.46
N LEU D 412 -39.21 -24.27 -32.05
CA LEU D 412 -38.36 -25.02 -32.96
C LEU D 412 -38.88 -26.43 -33.17
N PRO D 413 -38.55 -27.06 -34.30
CA PRO D 413 -38.97 -28.44 -34.53
C PRO D 413 -38.30 -29.42 -33.58
N ALA D 414 -38.96 -30.57 -33.40
CA ALA D 414 -38.45 -31.57 -32.47
C ALA D 414 -37.08 -32.09 -32.89
N ALA D 415 -36.89 -32.30 -34.20
CA ALA D 415 -35.59 -32.74 -34.69
C ALA D 415 -34.51 -31.69 -34.47
N GLU D 416 -34.89 -30.45 -34.23
CA GLU D 416 -33.95 -29.37 -33.92
C GLU D 416 -33.82 -29.11 -32.43
N LYS D 417 -34.92 -29.22 -31.67
CA LYS D 417 -34.86 -28.99 -30.23
C LYS D 417 -33.96 -30.00 -29.54
N ALA D 418 -34.03 -31.27 -29.94
CA ALA D 418 -33.23 -32.31 -29.30
C ALA D 418 -31.73 -32.08 -29.50
N LYS D 419 -31.34 -31.36 -30.55
CA LYS D 419 -29.92 -31.11 -30.79
C LYS D 419 -29.38 -29.98 -29.91
N ARG D 420 -30.21 -29.00 -29.57
CA ARG D 420 -29.78 -27.82 -28.84
C ARG D 420 -30.50 -27.68 -27.51
N LEU D 421 -30.62 -28.78 -26.76
CA LEU D 421 -31.13 -28.77 -25.40
C LEU D 421 -29.95 -29.04 -24.47
N SER D 422 -29.49 -28.00 -23.79
CA SER D 422 -28.32 -28.12 -22.92
C SER D 422 -28.25 -26.90 -22.02
N VAL D 423 -27.57 -27.06 -20.90
CA VAL D 423 -27.25 -25.95 -20.00
C VAL D 423 -25.96 -25.31 -20.50
N GLU D 424 -25.95 -23.98 -20.54
CA GLU D 424 -24.87 -23.23 -21.15
C GLU D 424 -24.44 -22.08 -20.26
N VAL D 425 -23.25 -21.56 -20.55
CA VAL D 425 -22.70 -20.40 -19.85
C VAL D 425 -22.93 -19.17 -20.71
N LEU D 426 -23.02 -18.01 -20.07
CA LEU D 426 -23.26 -16.77 -20.80
C LEU D 426 -22.14 -16.52 -21.82
N PRO D 427 -22.47 -16.11 -23.03
CA PRO D 427 -21.43 -15.76 -23.99
C PRO D 427 -20.65 -14.53 -23.55
N LYS D 428 -19.42 -14.44 -24.02
CA LYS D 428 -18.48 -13.44 -23.55
C LYS D 428 -18.67 -12.07 -24.21
N LYS D 429 -19.45 -11.99 -25.30
CA LYS D 429 -19.80 -10.69 -25.88
C LYS D 429 -20.70 -9.89 -24.95
N LEU D 430 -21.72 -10.53 -24.36
CA LEU D 430 -22.56 -9.83 -23.39
C LEU D 430 -21.74 -9.39 -22.17
N ASP D 431 -20.80 -10.24 -21.76
CA ASP D 431 -19.91 -9.90 -20.66
C ASP D 431 -19.08 -8.66 -20.98
N GLU D 432 -18.53 -8.61 -22.20
CA GLU D 432 -17.76 -7.42 -22.60
C GLU D 432 -18.64 -6.18 -22.66
N GLU D 433 -19.88 -6.34 -23.14
CA GLU D 433 -20.78 -5.19 -23.23
C GLU D 433 -21.09 -4.63 -21.85
N VAL D 434 -21.40 -5.50 -20.89
CA VAL D 434 -21.69 -5.02 -19.54
C VAL D 434 -20.44 -4.42 -18.90
N ALA D 435 -19.26 -5.01 -19.17
CA ALA D 435 -18.03 -4.43 -18.64
C ALA D 435 -17.82 -3.03 -19.17
N LEU D 436 -18.04 -2.82 -20.47
CA LEU D 436 -17.87 -1.50 -21.06
C LEU D 436 -18.85 -0.51 -20.46
N GLU D 437 -20.12 -0.90 -20.34
CA GLU D 437 -21.12 0.01 -19.81
C GLU D 437 -20.84 0.39 -18.35
N MET D 438 -20.29 -0.53 -17.55
CA MET D 438 -19.96 -0.18 -16.18
C MET D 438 -18.63 0.56 -16.09
N VAL D 439 -17.76 0.43 -17.08
CA VAL D 439 -16.55 1.25 -17.12
C VAL D 439 -16.89 2.70 -17.42
N LYS D 440 -17.80 2.94 -18.38
CA LYS D 440 -18.10 4.32 -18.77
C LYS D 440 -18.71 5.14 -17.64
N GLY D 441 -19.18 4.51 -16.57
CA GLY D 441 -19.67 5.27 -15.43
C GLY D 441 -18.56 5.91 -14.62
N PHE D 442 -17.35 5.33 -14.65
CA PHE D 442 -16.22 5.88 -13.91
C PHE D 442 -15.57 7.06 -14.63
N GLY D 443 -15.87 7.29 -15.90
CA GLY D 443 -15.29 8.37 -16.66
C GLY D 443 -14.15 7.99 -17.58
N GLY D 444 -13.82 6.69 -17.67
CA GLY D 444 -12.76 6.26 -18.55
C GLY D 444 -13.15 6.27 -20.01
N VAL D 445 -12.15 6.18 -20.88
CA VAL D 445 -12.34 6.14 -22.32
C VAL D 445 -11.66 4.90 -22.87
N VAL D 446 -12.37 4.15 -23.70
CA VAL D 446 -11.86 2.92 -24.29
C VAL D 446 -11.34 3.20 -25.69
N THR D 447 -10.16 2.68 -26.00
CA THR D 447 -9.58 2.84 -27.32
C THR D 447 -10.22 1.85 -28.30
N GLN D 448 -9.91 2.01 -29.58
CA GLN D 448 -10.38 1.13 -30.62
C GLN D 448 -9.23 0.74 -31.54
N LEU D 449 -9.38 -0.40 -32.20
CA LEU D 449 -8.34 -0.93 -33.09
C LEU D 449 -8.67 -0.56 -34.53
N THR D 450 -7.66 -0.09 -35.25
CA THR D 450 -7.79 0.14 -36.68
C THR D 450 -7.90 -1.20 -37.40
N PRO D 451 -8.51 -1.21 -38.59
CA PRO D 451 -8.68 -2.49 -39.29
C PRO D 451 -7.38 -3.22 -39.57
N LYS D 452 -6.28 -2.50 -39.76
CA LYS D 452 -5.00 -3.15 -39.98
C LYS D 452 -4.54 -3.91 -38.74
N GLN D 453 -4.78 -3.35 -37.55
CA GLN D 453 -4.36 -4.00 -36.31
C GLN D 453 -5.19 -5.25 -36.01
N ALA D 454 -6.48 -5.23 -36.35
CA ALA D 454 -7.34 -6.36 -36.02
C ALA D 454 -6.92 -7.62 -36.77
N GLU D 455 -6.62 -7.50 -38.07
CA GLU D 455 -6.21 -8.66 -38.85
C GLU D 455 -4.88 -9.21 -38.36
N TYR D 456 -4.03 -8.37 -37.79
CA TYR D 456 -2.76 -8.84 -37.26
C TYR D 456 -2.97 -9.67 -36.01
N ILE D 457 -3.88 -9.25 -35.13
CA ILE D 457 -4.15 -9.97 -33.89
C ILE D 457 -5.20 -11.06 -34.06
N GLY D 458 -5.93 -11.07 -35.17
CA GLY D 458 -6.92 -12.11 -35.41
C GLY D 458 -8.22 -11.95 -34.67
N VAL D 459 -8.68 -10.71 -34.48
CA VAL D 459 -9.90 -10.42 -33.75
C VAL D 459 -10.75 -9.50 -34.61
N SER D 460 -12.05 -9.50 -34.34
CA SER D 460 -12.98 -8.61 -35.01
C SER D 460 -12.89 -7.21 -34.40
N VAL D 461 -13.84 -6.34 -34.74
CA VAL D 461 -13.82 -4.96 -34.24
C VAL D 461 -14.78 -4.84 -33.07
N GLU D 462 -15.84 -5.63 -33.07
CA GLU D 462 -16.85 -5.58 -32.04
C GLU D 462 -16.70 -6.69 -30.99
N GLY D 463 -15.57 -7.40 -30.99
CA GLY D 463 -15.33 -8.45 -30.03
C GLY D 463 -15.98 -9.75 -30.43
N PRO D 464 -15.75 -10.82 -29.63
CA PRO D 464 -14.97 -10.88 -28.39
C PRO D 464 -13.46 -10.88 -28.64
N PHE D 465 -12.66 -10.55 -27.62
CA PHE D 465 -11.23 -10.36 -27.81
C PHE D 465 -10.38 -11.51 -27.26
N LYS D 466 -10.95 -12.42 -26.49
CA LYS D 466 -10.18 -13.42 -25.79
C LYS D 466 -10.84 -14.78 -25.94
N PRO D 467 -10.09 -15.87 -25.78
CA PRO D 467 -10.66 -17.21 -25.92
C PRO D 467 -11.33 -17.68 -24.62
N ASP D 468 -12.08 -18.77 -24.74
CA ASP D 468 -12.81 -19.32 -23.58
C ASP D 468 -11.86 -19.87 -22.54
N THR D 469 -10.67 -20.31 -22.94
CA THR D 469 -9.70 -20.87 -22.00
C THR D 469 -8.95 -19.80 -21.23
N TYR D 470 -9.16 -18.53 -21.54
CA TYR D 470 -8.44 -17.45 -20.89
C TYR D 470 -8.78 -17.38 -19.40
N ARG D 471 -7.79 -16.98 -18.61
CA ARG D 471 -7.91 -16.91 -17.15
C ARG D 471 -7.73 -15.45 -16.73
N TYR D 472 -8.83 -14.74 -16.55
CA TYR D 472 -8.79 -13.33 -16.19
C TYR D 472 -8.21 -13.13 -14.80
PA NAD E . -1.87 -10.25 -22.80
O1A NAD E . -2.64 -10.66 -24.04
O2A NAD E . -2.64 -10.61 -21.59
O5B NAD E . -1.47 -8.68 -22.87
C5B NAD E . -1.90 -7.83 -23.95
C4B NAD E . -2.91 -6.87 -23.39
O4B NAD E . -2.95 -5.67 -24.21
C3B NAD E . -4.33 -7.40 -23.35
O3B NAD E . -5.00 -6.97 -22.17
C2B NAD E . -4.97 -6.80 -24.60
O2B NAD E . -6.38 -6.67 -24.47
C1B NAD E . -4.28 -5.44 -24.62
N9A NAD E . -4.27 -4.77 -25.91
C8A NAD E . -4.31 -5.36 -27.15
N7A NAD E . -4.26 -4.50 -28.15
C5A NAD E . -4.19 -3.27 -27.52
C6A NAD E . -4.13 -1.96 -28.01
N6A NAD E . -4.12 -1.65 -29.31
N1A NAD E . -4.10 -0.95 -27.11
C2A NAD E . -4.11 -1.26 -25.81
N3A NAD E . -4.15 -2.45 -25.23
C4A NAD E . -4.19 -3.43 -26.14
O3 NAD E . -0.45 -10.99 -22.81
PN NAD E . 0.76 -10.91 -21.78
O1N NAD E . 1.43 -12.23 -21.72
O2N NAD E . 0.27 -10.30 -20.52
O5D NAD E . 1.73 -9.84 -22.47
C5D NAD E . 1.52 -9.42 -23.82
C4D NAD E . 2.80 -9.54 -24.62
O4D NAD E . 3.94 -9.48 -23.73
C3D NAD E . 2.94 -10.84 -25.41
O3D NAD E . 3.60 -10.62 -26.65
C2D NAD E . 3.78 -11.70 -24.47
O2D NAD E . 4.48 -12.71 -25.17
C1D NAD E . 4.72 -10.64 -23.92
N1N NAD E . 5.34 -10.98 -22.63
C2N NAD E . 6.38 -10.27 -22.18
C3N NAD E . 7.03 -10.64 -21.01
C7N NAD E . 8.25 -9.91 -20.56
O7N NAD E . 8.82 -10.27 -19.52
N7N NAD E . 8.69 -8.90 -21.29
C4N NAD E . 6.56 -11.74 -20.31
C5N NAD E . 5.47 -12.45 -20.79
C6N NAD E . 4.87 -12.06 -21.96
PA NAD F . 17.81 8.96 14.11
O1A NAD F . 18.39 9.43 15.43
O2A NAD F . 16.73 9.87 13.68
O5B NAD F . 17.30 7.41 14.31
C5B NAD F . 18.01 6.40 15.04
C4B NAD F . 17.01 5.67 15.90
O4B NAD F . 17.59 4.46 16.43
C3B NAD F . 16.50 6.46 17.10
O3B NAD F . 15.08 6.51 17.13
C2B NAD F . 17.08 5.72 18.31
O2B NAD F . 16.19 5.75 19.41
C1B NAD F . 17.18 4.30 17.77
N9A NAD F . 18.15 3.47 18.46
C8A NAD F . 19.27 3.87 19.14
N7A NAD F . 19.97 2.90 19.65
C5A NAD F . 19.27 1.76 19.28
C6A NAD F . 19.49 0.39 19.52
N6A NAD F . 20.53 -0.09 20.20
N1A NAD F . 18.59 -0.48 19.01
C2A NAD F . 17.55 -0.01 18.33
N3A NAD F . 17.24 1.26 18.04
C4A NAD F . 18.14 2.09 18.55
O3 NAD F . 18.97 8.95 13.01
PN NAD F . 18.92 8.58 11.46
O1N NAD F . 18.27 9.70 10.75
O2N NAD F . 18.38 7.21 11.32
O5D NAD F . 20.47 8.50 11.08
C5D NAD F . 21.06 7.24 10.70
C4D NAD F . 22.54 7.35 10.90
O4D NAD F . 23.22 7.10 9.65
C3D NAD F . 23.00 8.71 11.42
O3D NAD F . 23.70 8.58 12.65
C2D NAD F . 23.88 9.29 10.29
O2D NAD F . 25.25 9.38 10.67
C1D NAD F . 23.73 8.30 9.13
N1N NAD F . 22.81 8.77 8.05
C2N NAD F . 22.81 8.09 6.90
C3N NAD F . 22.01 8.51 5.84
C7N NAD F . 22.01 7.76 4.55
O7N NAD F . 21.30 8.16 3.62
N7N NAD F . 22.78 6.68 4.46
C4N NAD F . 21.23 9.64 6.02
C5N NAD F . 21.24 10.31 7.22
C6N NAD F . 22.05 9.86 8.24
PA NAD G . -2.00 22.88 10.59
O1A NAD G . -1.69 24.34 10.83
O2A NAD G . -0.77 22.14 10.25
O5B NAD G . -3.16 22.77 9.45
C5B NAD G . -3.45 23.83 8.52
C4B NAD G . -2.87 23.43 7.18
O4B NAD G . -3.68 24.00 6.12
C3B NAD G . -1.45 23.92 6.93
O3B NAD G . -0.70 22.99 6.16
C2B NAD G . -1.68 25.22 6.15
O2B NAD G . -0.56 25.56 5.35
C1B NAD G . -2.87 24.80 5.29
N9A NAD G . -3.67 25.93 4.81
C8A NAD G . -4.08 27.02 5.52
N7A NAD G . -4.78 27.88 4.82
C5A NAD G . -4.84 27.32 3.56
C6A NAD G . -5.42 27.74 2.36
N6A NAD G . -6.08 28.89 2.21
N1A NAD G . -5.26 26.94 1.28
C2A NAD G . -4.59 25.80 1.41
N3A NAD G . -3.99 25.30 2.49
C4A NAD G . -4.15 26.10 3.54
O3 NAD G . -2.66 22.26 11.90
PN NAD G . -3.40 20.86 12.13
O1N NAD G . -3.23 20.45 13.54
O2N NAD G . -2.99 19.93 11.06
O5D NAD G . -4.91 21.25 11.85
C5D NAD G . -5.60 22.10 12.79
C4D NAD G . -7.03 22.24 12.36
O4D NAD G . -7.68 20.96 12.44
C3D NAD G . -7.86 23.17 13.24
O3D NAD G . -8.90 23.76 12.48
C2D NAD G . -8.41 22.22 14.31
O2D NAD G . -9.64 22.65 14.86
C1D NAD G . -8.64 20.95 13.47
N1N NAD G . -8.48 19.71 14.24
C2N NAD G . -9.46 18.80 14.09
C3N NAD G . -9.36 17.56 14.72
C7N NAD G . -10.45 16.56 14.55
O7N NAD G . -10.35 15.46 15.08
N7N NAD G . -11.50 16.90 13.80
C4N NAD G . -8.24 17.31 15.51
C5N NAD G . -7.27 18.29 15.66
C6N NAD G . -7.40 19.48 15.00
PA NAD H . -13.56 -20.83 -2.91
O1A NAD H . -13.94 -21.85 -3.95
O2A NAD H . -13.06 -19.61 -3.56
O5B NAD H . -12.55 -21.55 -1.85
C5B NAD H . -12.84 -21.77 -0.45
C4B NAD H . -11.51 -21.94 0.23
O4B NAD H . -11.65 -22.69 1.47
C3B NAD H . -10.46 -22.69 -0.60
O3B NAD H . -9.23 -21.98 -0.59
C2B NAD H . -10.36 -24.04 0.10
O2B NAD H . -9.10 -24.67 -0.07
C1B NAD H . -10.55 -23.58 1.54
N9A NAD H . -10.85 -24.64 2.49
C8A NAD H . -11.83 -25.59 2.41
N7A NAD H . -11.81 -26.47 3.39
C5A NAD H . -10.74 -26.05 4.18
C6A NAD H . -10.20 -26.55 5.37
N6A NAD H . -10.67 -27.63 6.01
N1A NAD H . -9.15 -25.90 5.91
C2A NAD H . -8.68 -24.82 5.27
N3A NAD H . -9.11 -24.26 4.14
C4A NAD H . -10.15 -24.93 3.64
O3 NAD H . -14.88 -20.45 -2.10
PN NAD H . -15.32 -19.01 -1.54
O1N NAD H . -15.98 -18.26 -2.62
O2N NAD H . -14.16 -18.42 -0.84
O5D NAD H . -16.39 -19.43 -0.44
C5D NAD H . -16.60 -18.58 0.69
C4D NAD H . -18.04 -18.68 1.12
O4D NAD H . -18.61 -17.36 1.17
C3D NAD H . -18.94 -19.52 0.19
O3D NAD H . -19.50 -20.63 0.90
C2D NAD H . -20.00 -18.53 -0.29
O2D NAD H . -21.29 -19.12 -0.30
C1D NAD H . -19.95 -17.43 0.75
N1N NAD H . -20.32 -16.10 0.22
C2N NAD H . -20.61 -15.13 1.10
C3N NAD H . -20.95 -13.87 0.66
C7N NAD H . -21.25 -12.78 1.64
O7N NAD H . -21.58 -11.66 1.23
N7N NAD H . -21.15 -13.07 2.93
C4N NAD H . -20.99 -13.64 -0.72
C5N NAD H . -20.70 -14.67 -1.60
C6N NAD H . -20.37 -15.91 -1.11
#